data_2E8E
# 
_entry.id   2E8E 
# 
_audit_conform.dict_name       mmcif_pdbx.dic 
_audit_conform.dict_version    5.380 
_audit_conform.dict_location   http://mmcif.pdb.org/dictionaries/ascii/mmcif_pdbx.dic 
# 
loop_
_database_2.database_id 
_database_2.database_code 
_database_2.pdbx_database_accession 
_database_2.pdbx_DOI 
PDB   2E8E         pdb_00002e8e 10.2210/pdb2e8e/pdb 
RCSB  RCSB026354   ?            ?                   
WWPDB D_1000026354 ?            ?                   
# 
loop_
_pdbx_database_related.db_name 
_pdbx_database_related.db_id 
_pdbx_database_related.details 
_pdbx_database_related.content_type 
PDB      2E8C           'A free form of the same protein' unspecified 
PDB      2E8F           'The same protein, Oxidised form' unspecified 
TargetDB aae001001549.3 .                                 unspecified 
# 
_pdbx_database_status.status_code                     REL 
_pdbx_database_status.entry_id                        2E8E 
_pdbx_database_status.recvd_initial_deposition_date   2007-01-19 
_pdbx_database_status.deposit_site                    PDBJ 
_pdbx_database_status.process_site                    PDBJ 
_pdbx_database_status.status_code_sf                  REL 
_pdbx_database_status.status_code_mr                  ? 
_pdbx_database_status.SG_entry                        Y 
_pdbx_database_status.pdb_format_compatible           Y 
_pdbx_database_status.status_code_cs                  ? 
_pdbx_database_status.methods_development_category    ? 
_pdbx_database_status.status_code_nmr_data            ? 
# 
loop_
_audit_author.name 
_audit_author.pdbx_ordinal 
'Kumarevel, T.S.'                                        1 
'Kuramitsu, S.'                                          2 
'Yokoyama, S.'                                           3 
'RIKEN Structural Genomics/Proteomics Initiative (RSGI)' 4 
# 
_citation.id                        primary 
_citation.title                     'Crystal Structure of a hypothetical protein (Aq_1549) from Aquifex aeolicus VF5' 
_citation.journal_abbrev            'To be Published' 
_citation.journal_volume            ? 
_citation.page_first                ? 
_citation.page_last                 ? 
_citation.year                      ? 
_citation.journal_id_ASTM           ? 
_citation.country                   ? 
_citation.journal_id_ISSN           ? 
_citation.journal_id_CSD            0353 
_citation.book_publisher            ? 
_citation.pdbx_database_id_PubMed   ? 
_citation.pdbx_database_id_DOI      ? 
# 
loop_
_citation_author.citation_id 
_citation_author.name 
_citation_author.ordinal 
_citation_author.identifier_ORCID 
primary 'Kumarevel, T.S.' 1 ? 
primary 'Kuramitsu, S.'   2 ? 
primary 'Yokoyama, S.'    3 ? 
# 
_cell.entry_id           2E8E 
_cell.length_a           65.516 
_cell.length_b           65.516 
_cell.length_c           59.977 
_cell.angle_alpha        90.00 
_cell.angle_beta         90.00 
_cell.angle_gamma        90.00 
_cell.Z_PDB              8 
_cell.pdbx_unique_axis   ? 
_cell.length_a_esd       ? 
_cell.length_b_esd       ? 
_cell.length_c_esd       ? 
_cell.angle_alpha_esd    ? 
_cell.angle_beta_esd     ? 
_cell.angle_gamma_esd    ? 
# 
_symmetry.entry_id                         2E8E 
_symmetry.space_group_name_H-M             'P 42 21 2' 
_symmetry.pdbx_full_space_group_name_H-M   ? 
_symmetry.cell_setting                     ? 
_symmetry.Int_Tables_number                94 
_symmetry.space_group_name_Hall            ? 
# 
loop_
_entity.id 
_entity.type 
_entity.src_method 
_entity.pdbx_description 
_entity.formula_weight 
_entity.pdbx_number_of_molecules 
_entity.pdbx_ec 
_entity.pdbx_mutation 
_entity.pdbx_fragment 
_entity.details 
1 polymer     man 'Hypothetical protein Aq_1549' 15037.618 1  ? ? ? ? 
2 non-polymer syn 2,3-DIHYDROXY-1,4-DITHIOBUTANE 154.251   1  ? ? ? ? 
3 water       nat water                          18.015    91 ? ? ? ? 
# 
_entity_poly.entity_id                      1 
_entity_poly.type                           'polypeptide(L)' 
_entity_poly.nstd_linkage                   no 
_entity_poly.nstd_monomer                   no 
_entity_poly.pdbx_seq_one_letter_code       
;MEVKEVELELSSEATFLSKTSIGEITAGEKGLNPMELLLVSIGSCSGVDVYHILKKKRQEVKDIKIFLKGKRREKHPKIY
EEIEIKYVAVGKVEEKALEQAVKLSTEKYCSVLAMVKPSTNLKISWEVKWEE
;
_entity_poly.pdbx_seq_one_letter_code_can   
;MEVKEVELELSSEATFLSKTSIGEITAGEKGLNPMELLLVSIGSCSGVDVYHILKKKRQEVKDIKIFLKGKRREKHPKIY
EEIEIKYVAVGKVEEKALEQAVKLSTEKYCSVLAMVKPSTNLKISWEVKWEE
;
_entity_poly.pdbx_strand_id                 A 
_entity_poly.pdbx_target_identifier         aae001001549.3 
# 
loop_
_entity_poly_seq.entity_id 
_entity_poly_seq.num 
_entity_poly_seq.mon_id 
_entity_poly_seq.hetero 
1 1   MET n 
1 2   GLU n 
1 3   VAL n 
1 4   LYS n 
1 5   GLU n 
1 6   VAL n 
1 7   GLU n 
1 8   LEU n 
1 9   GLU n 
1 10  LEU n 
1 11  SER n 
1 12  SER n 
1 13  GLU n 
1 14  ALA n 
1 15  THR n 
1 16  PHE n 
1 17  LEU n 
1 18  SER n 
1 19  LYS n 
1 20  THR n 
1 21  SER n 
1 22  ILE n 
1 23  GLY n 
1 24  GLU n 
1 25  ILE n 
1 26  THR n 
1 27  ALA n 
1 28  GLY n 
1 29  GLU n 
1 30  LYS n 
1 31  GLY n 
1 32  LEU n 
1 33  ASN n 
1 34  PRO n 
1 35  MET n 
1 36  GLU n 
1 37  LEU n 
1 38  LEU n 
1 39  LEU n 
1 40  VAL n 
1 41  SER n 
1 42  ILE n 
1 43  GLY n 
1 44  SER n 
1 45  CYS n 
1 46  SER n 
1 47  GLY n 
1 48  VAL n 
1 49  ASP n 
1 50  VAL n 
1 51  TYR n 
1 52  HIS n 
1 53  ILE n 
1 54  LEU n 
1 55  LYS n 
1 56  LYS n 
1 57  LYS n 
1 58  ARG n 
1 59  GLN n 
1 60  GLU n 
1 61  VAL n 
1 62  LYS n 
1 63  ASP n 
1 64  ILE n 
1 65  LYS n 
1 66  ILE n 
1 67  PHE n 
1 68  LEU n 
1 69  LYS n 
1 70  GLY n 
1 71  LYS n 
1 72  ARG n 
1 73  ARG n 
1 74  GLU n 
1 75  LYS n 
1 76  HIS n 
1 77  PRO n 
1 78  LYS n 
1 79  ILE n 
1 80  TYR n 
1 81  GLU n 
1 82  GLU n 
1 83  ILE n 
1 84  GLU n 
1 85  ILE n 
1 86  LYS n 
1 87  TYR n 
1 88  VAL n 
1 89  ALA n 
1 90  VAL n 
1 91  GLY n 
1 92  LYS n 
1 93  VAL n 
1 94  GLU n 
1 95  GLU n 
1 96  LYS n 
1 97  ALA n 
1 98  LEU n 
1 99  GLU n 
1 100 GLN n 
1 101 ALA n 
1 102 VAL n 
1 103 LYS n 
1 104 LEU n 
1 105 SER n 
1 106 THR n 
1 107 GLU n 
1 108 LYS n 
1 109 TYR n 
1 110 CYS n 
1 111 SER n 
1 112 VAL n 
1 113 LEU n 
1 114 ALA n 
1 115 MET n 
1 116 VAL n 
1 117 LYS n 
1 118 PRO n 
1 119 SER n 
1 120 THR n 
1 121 ASN n 
1 122 LEU n 
1 123 LYS n 
1 124 ILE n 
1 125 SER n 
1 126 TRP n 
1 127 GLU n 
1 128 VAL n 
1 129 LYS n 
1 130 TRP n 
1 131 GLU n 
1 132 GLU n 
# 
_entity_src_gen.entity_id                          1 
_entity_src_gen.pdbx_src_id                        1 
_entity_src_gen.pdbx_alt_source_flag               sample 
_entity_src_gen.pdbx_seq_type                      ? 
_entity_src_gen.pdbx_beg_seq_num                   ? 
_entity_src_gen.pdbx_end_seq_num                   ? 
_entity_src_gen.gene_src_common_name               ? 
_entity_src_gen.gene_src_genus                     Aquifex 
_entity_src_gen.pdbx_gene_src_gene                 ? 
_entity_src_gen.gene_src_species                   'Aquifex aeolicus' 
_entity_src_gen.gene_src_strain                    VF5 
_entity_src_gen.gene_src_tissue                    ? 
_entity_src_gen.gene_src_tissue_fraction           ? 
_entity_src_gen.gene_src_details                   ? 
_entity_src_gen.pdbx_gene_src_fragment             ? 
_entity_src_gen.pdbx_gene_src_scientific_name      'Aquifex aeolicus' 
_entity_src_gen.pdbx_gene_src_ncbi_taxonomy_id     224324 
_entity_src_gen.pdbx_gene_src_variant              ? 
_entity_src_gen.pdbx_gene_src_cell_line            ? 
_entity_src_gen.pdbx_gene_src_atcc                 ? 
_entity_src_gen.pdbx_gene_src_organ                ? 
_entity_src_gen.pdbx_gene_src_organelle            ? 
_entity_src_gen.pdbx_gene_src_cell                 ? 
_entity_src_gen.pdbx_gene_src_cellular_location    ? 
_entity_src_gen.host_org_common_name               ? 
_entity_src_gen.pdbx_host_org_scientific_name      'Escherichia coli' 
_entity_src_gen.pdbx_host_org_ncbi_taxonomy_id     562 
_entity_src_gen.host_org_genus                     Escherichia 
_entity_src_gen.pdbx_host_org_gene                 ? 
_entity_src_gen.pdbx_host_org_organ                ? 
_entity_src_gen.host_org_species                   ? 
_entity_src_gen.pdbx_host_org_tissue               ? 
_entity_src_gen.pdbx_host_org_tissue_fraction      ? 
_entity_src_gen.pdbx_host_org_strain               'BL21(DE3)Codonplus-RIL-X' 
_entity_src_gen.pdbx_host_org_variant              ? 
_entity_src_gen.pdbx_host_org_cell_line            ? 
_entity_src_gen.pdbx_host_org_atcc                 ? 
_entity_src_gen.pdbx_host_org_culture_collection   ? 
_entity_src_gen.pdbx_host_org_cell                 ? 
_entity_src_gen.pdbx_host_org_organelle            ? 
_entity_src_gen.pdbx_host_org_cellular_location    ? 
_entity_src_gen.pdbx_host_org_vector_type          plasmid 
_entity_src_gen.pdbx_host_org_vector               ? 
_entity_src_gen.host_org_details                   ? 
_entity_src_gen.expression_system_id               ? 
_entity_src_gen.plasmid_name                       pET21a 
_entity_src_gen.plasmid_details                    ? 
_entity_src_gen.pdbx_description                   ? 
# 
_struct_ref.id                         1 
_struct_ref.db_name                    UNP 
_struct_ref.db_code                    O67503_AQUAE 
_struct_ref.pdbx_db_accession          O67503 
_struct_ref.entity_id                  1 
_struct_ref.pdbx_seq_one_letter_code   
;MEVKEVELELSSEATFLSKTSIGEITAGEKGLNPMELLLVSIGSCSGVDVYHILKKKRQEVKDIKIFLKGKRREKHPKIY
EEIEIKYVAVGKVEEKALEQAVKLSTEKYCSVLAMVKPSTNLKISWEVKWEE
;
_struct_ref.pdbx_align_begin           1 
_struct_ref.pdbx_db_isoform            ? 
# 
_struct_ref_seq.align_id                      1 
_struct_ref_seq.ref_id                        1 
_struct_ref_seq.pdbx_PDB_id_code              2E8E 
_struct_ref_seq.pdbx_strand_id                A 
_struct_ref_seq.seq_align_beg                 1 
_struct_ref_seq.pdbx_seq_align_beg_ins_code   ? 
_struct_ref_seq.seq_align_end                 132 
_struct_ref_seq.pdbx_seq_align_end_ins_code   ? 
_struct_ref_seq.pdbx_db_accession             O67503 
_struct_ref_seq.db_align_beg                  1 
_struct_ref_seq.pdbx_db_align_beg_ins_code    ? 
_struct_ref_seq.db_align_end                  132 
_struct_ref_seq.pdbx_db_align_end_ins_code    ? 
_struct_ref_seq.pdbx_auth_seq_align_beg       1 
_struct_ref_seq.pdbx_auth_seq_align_end       132 
# 
loop_
_chem_comp.id 
_chem_comp.type 
_chem_comp.mon_nstd_flag 
_chem_comp.name 
_chem_comp.pdbx_synonyms 
_chem_comp.formula 
_chem_comp.formula_weight 
ALA 'L-peptide linking' y ALANINE                        ?                  'C3 H7 N O2'     89.093  
ARG 'L-peptide linking' y ARGININE                       ?                  'C6 H15 N4 O2 1' 175.209 
ASN 'L-peptide linking' y ASPARAGINE                     ?                  'C4 H8 N2 O3'    132.118 
ASP 'L-peptide linking' y 'ASPARTIC ACID'                ?                  'C4 H7 N O4'     133.103 
CYS 'L-peptide linking' y CYSTEINE                       ?                  'C3 H7 N O2 S'   121.158 
DTT non-polymer         . 2,3-DIHYDROXY-1,4-DITHIOBUTANE 1,4-DITHIOTHREITOL 'C4 H10 O2 S2'   154.251 
GLN 'L-peptide linking' y GLUTAMINE                      ?                  'C5 H10 N2 O3'   146.144 
GLU 'L-peptide linking' y 'GLUTAMIC ACID'                ?                  'C5 H9 N O4'     147.129 
GLY 'peptide linking'   y GLYCINE                        ?                  'C2 H5 N O2'     75.067  
HIS 'L-peptide linking' y HISTIDINE                      ?                  'C6 H10 N3 O2 1' 156.162 
HOH non-polymer         . WATER                          ?                  'H2 O'           18.015  
ILE 'L-peptide linking' y ISOLEUCINE                     ?                  'C6 H13 N O2'    131.173 
LEU 'L-peptide linking' y LEUCINE                        ?                  'C6 H13 N O2'    131.173 
LYS 'L-peptide linking' y LYSINE                         ?                  'C6 H15 N2 O2 1' 147.195 
MET 'L-peptide linking' y METHIONINE                     ?                  'C5 H11 N O2 S'  149.211 
PHE 'L-peptide linking' y PHENYLALANINE                  ?                  'C9 H11 N O2'    165.189 
PRO 'L-peptide linking' y PROLINE                        ?                  'C5 H9 N O2'     115.130 
SER 'L-peptide linking' y SERINE                         ?                  'C3 H7 N O3'     105.093 
THR 'L-peptide linking' y THREONINE                      ?                  'C4 H9 N O3'     119.119 
TRP 'L-peptide linking' y TRYPTOPHAN                     ?                  'C11 H12 N2 O2'  204.225 
TYR 'L-peptide linking' y TYROSINE                       ?                  'C9 H11 N O3'    181.189 
VAL 'L-peptide linking' y VALINE                         ?                  'C5 H11 N O2'    117.146 
# 
_exptl.entry_id          2E8E 
_exptl.method            'X-RAY DIFFRACTION' 
_exptl.crystals_number   1 
# 
_exptl_crystal.id                    1 
_exptl_crystal.density_meas          ? 
_exptl_crystal.density_Matthews      2.14 
_exptl_crystal.density_percent_sol   42.51 
_exptl_crystal.description           ? 
_exptl_crystal.F_000                 ? 
_exptl_crystal.preparation           ? 
# 
_exptl_crystal_grow.crystal_id      1 
_exptl_crystal_grow.method          'VAPOR DIFFUSION, SITTING DROP' 
_exptl_crystal_grow.temp            293 
_exptl_crystal_grow.temp_details    ? 
_exptl_crystal_grow.pH              5.5 
_exptl_crystal_grow.pdbx_details    '50% PEG 200, 0.1M Citrate, pH 5.5, VAPOR DIFFUSION, SITTING DROP, temperature 293K' 
_exptl_crystal_grow.pdbx_pH_range   . 
# 
_diffrn.id                     1 
_diffrn.ambient_temp           100 
_diffrn.ambient_temp_details   ? 
_diffrn.crystal_id             1 
# 
_diffrn_detector.diffrn_id              1 
_diffrn_detector.detector               CCD 
_diffrn_detector.type                   'ADSC QUANTUM 210' 
_diffrn_detector.pdbx_collection_date   2006-09-26 
_diffrn_detector.details                Si 
# 
_diffrn_radiation.diffrn_id                        1 
_diffrn_radiation.wavelength_id                    1 
_diffrn_radiation.pdbx_monochromatic_or_laue_m_l   M 
_diffrn_radiation.monochromator                    ? 
_diffrn_radiation.pdbx_diffrn_protocol             'SINGLE WAVELENGTH' 
_diffrn_radiation.pdbx_scattering_type             x-ray 
# 
_diffrn_radiation_wavelength.id           1 
_diffrn_radiation_wavelength.wavelength   1.000 
_diffrn_radiation_wavelength.wt           1.0 
# 
_diffrn_source.diffrn_id                   1 
_diffrn_source.source                      SYNCHROTRON 
_diffrn_source.type                        'SPRING-8 BEAMLINE BL26B1' 
_diffrn_source.pdbx_synchrotron_site       SPring-8 
_diffrn_source.pdbx_synchrotron_beamline   BL26B1 
_diffrn_source.pdbx_wavelength             ? 
_diffrn_source.pdbx_wavelength_list        1.000 
# 
_reflns.entry_id                     2E8E 
_reflns.observed_criterion_sigma_I   2 
_reflns.observed_criterion_sigma_F   2 
_reflns.d_resolution_low             40 
_reflns.d_resolution_high            1.70 
_reflns.number_obs                   14883 
_reflns.number_all                   14883 
_reflns.percent_possible_obs         99.9 
_reflns.pdbx_Rmerge_I_obs            0.064 
_reflns.pdbx_Rsym_value              ? 
_reflns.pdbx_netI_over_sigmaI        ? 
_reflns.B_iso_Wilson_estimate        23.4 
_reflns.pdbx_redundancy              10.0 
_reflns.R_free_details               ? 
_reflns.limit_h_max                  ? 
_reflns.limit_h_min                  ? 
_reflns.limit_k_max                  ? 
_reflns.limit_k_min                  ? 
_reflns.limit_l_max                  ? 
_reflns.limit_l_min                  ? 
_reflns.observed_criterion_F_max     ? 
_reflns.observed_criterion_F_min     ? 
_reflns.pdbx_chi_squared             ? 
_reflns.pdbx_scaling_rejects         ? 
_reflns.pdbx_ordinal                 1 
_reflns.pdbx_diffrn_id               1 
# 
_reflns_shell.d_res_high             1.70 
_reflns_shell.d_res_low              1.76 
_reflns_shell.percent_possible_all   100 
_reflns_shell.Rmerge_I_obs           0.367 
_reflns_shell.pdbx_Rsym_value        ? 
_reflns_shell.meanI_over_sigI_obs    ? 
_reflns_shell.pdbx_redundancy        10.1 
_reflns_shell.percent_possible_obs   ? 
_reflns_shell.number_unique_all      1450 
_reflns_shell.number_measured_all    ? 
_reflns_shell.number_measured_obs    ? 
_reflns_shell.number_unique_obs      ? 
_reflns_shell.pdbx_chi_squared       ? 
_reflns_shell.pdbx_ordinal           1 
_reflns_shell.pdbx_diffrn_id         1 
# 
_refine.entry_id                                 2E8E 
_refine.ls_number_reflns_obs                     14837 
_refine.ls_number_reflns_all                     14883 
_refine.pdbx_ls_sigma_I                          ? 
_refine.pdbx_ls_sigma_F                          0.0 
_refine.pdbx_data_cutoff_high_absF               1124848.21 
_refine.pdbx_data_cutoff_low_absF                0.000000 
_refine.pdbx_data_cutoff_high_rms_absF           ? 
_refine.ls_d_res_low                             19.58 
_refine.ls_d_res_high                            1.70 
_refine.ls_percent_reflns_obs                    99.6 
_refine.ls_R_factor_obs                          0.209 
_refine.ls_R_factor_all                          ? 
_refine.ls_R_factor_R_work                       0.209 
_refine.ls_R_factor_R_free                       0.233 
_refine.ls_R_factor_R_free_error                 0.009 
_refine.ls_R_factor_R_free_error_details         ? 
_refine.ls_percent_reflns_R_free                 5.0 
_refine.ls_number_reflns_R_free                  743 
_refine.ls_number_parameters                     ? 
_refine.ls_number_restraints                     ? 
_refine.occupancy_min                            ? 
_refine.occupancy_max                            ? 
_refine.correlation_coeff_Fo_to_Fc               ? 
_refine.correlation_coeff_Fo_to_Fc_free          ? 
_refine.B_iso_mean                               26.5 
_refine.aniso_B[1][1]                            1.33 
_refine.aniso_B[2][2]                            1.33 
_refine.aniso_B[3][3]                            -2.66 
_refine.aniso_B[1][2]                            0.00 
_refine.aniso_B[1][3]                            0.00 
_refine.aniso_B[2][3]                            0.00 
_refine.solvent_model_details                    'FLAT MODEL' 
_refine.solvent_model_param_ksol                 0.397908 
_refine.solvent_model_param_bsol                 63.5113 
_refine.pdbx_solvent_vdw_probe_radii             ? 
_refine.pdbx_solvent_ion_probe_radii             ? 
_refine.pdbx_solvent_shrinkage_radii             ? 
_refine.pdbx_ls_cross_valid_method               THROUGHOUT 
_refine.details                                  ? 
_refine.pdbx_starting_model                      'PDB ENTRY 2E8C' 
_refine.pdbx_method_to_determine_struct          'MOLECULAR REPLACEMENT' 
_refine.pdbx_isotropic_thermal_model             RESTRAINED 
_refine.pdbx_stereochemistry_target_values       'Engh & Huber' 
_refine.pdbx_stereochem_target_val_spec_case     ? 
_refine.pdbx_R_Free_selection_details            RANDOM 
_refine.pdbx_overall_ESU_R                       ? 
_refine.pdbx_overall_ESU_R_Free                  ? 
_refine.overall_SU_ML                            ? 
_refine.overall_SU_B                             ? 
_refine.ls_redundancy_reflns_obs                 ? 
_refine.B_iso_min                                ? 
_refine.B_iso_max                                ? 
_refine.overall_SU_R_Cruickshank_DPI             ? 
_refine.overall_SU_R_free                        ? 
_refine.ls_wR_factor_R_free                      ? 
_refine.ls_wR_factor_R_work                      ? 
_refine.overall_FOM_free_R_set                   ? 
_refine.overall_FOM_work_R_set                   ? 
_refine.pdbx_overall_phase_error                 ? 
_refine.pdbx_refine_id                           'X-RAY DIFFRACTION' 
_refine.pdbx_diffrn_id                           1 
_refine.pdbx_TLS_residual_ADP_flag               ? 
_refine.pdbx_overall_SU_R_free_Cruickshank_DPI   ? 
_refine.pdbx_overall_SU_R_Blow_DPI               ? 
_refine.pdbx_overall_SU_R_free_Blow_DPI          ? 
# 
_refine_analyze.entry_id                        2E8E 
_refine_analyze.Luzzati_coordinate_error_obs    0.20 
_refine_analyze.Luzzati_sigma_a_obs             0.11 
_refine_analyze.Luzzati_d_res_low_obs           5.00 
_refine_analyze.Luzzati_coordinate_error_free   0.23 
_refine_analyze.Luzzati_sigma_a_free            0.17 
_refine_analyze.Luzzati_d_res_low_free          ? 
_refine_analyze.number_disordered_residues      ? 
_refine_analyze.occupancy_sum_hydrogen          ? 
_refine_analyze.occupancy_sum_non_hydrogen      ? 
_refine_analyze.pdbx_Luzzati_d_res_high_obs     ? 
_refine_analyze.pdbx_refine_id                  'X-RAY DIFFRACTION' 
# 
_refine_hist.pdbx_refine_id                   'X-RAY DIFFRACTION' 
_refine_hist.cycle_id                         LAST 
_refine_hist.pdbx_number_atoms_protein        1053 
_refine_hist.pdbx_number_atoms_nucleic_acid   0 
_refine_hist.pdbx_number_atoms_ligand         8 
_refine_hist.number_atoms_solvent             91 
_refine_hist.number_atoms_total               1152 
_refine_hist.d_res_high                       1.70 
_refine_hist.d_res_low                        19.58 
# 
loop_
_refine_ls_restr.type 
_refine_ls_restr.dev_ideal 
_refine_ls_restr.dev_ideal_target 
_refine_ls_restr.weight 
_refine_ls_restr.number 
_refine_ls_restr.pdbx_refine_id 
_refine_ls_restr.pdbx_restraint_function 
c_bond_d           0.005 ?    ? ? 'X-RAY DIFFRACTION' ? 
c_angle_deg        1.2   ?    ? ? 'X-RAY DIFFRACTION' ? 
c_dihedral_angle_d 23.4  ?    ? ? 'X-RAY DIFFRACTION' ? 
c_improper_angle_d 0.73  ?    ? ? 'X-RAY DIFFRACTION' ? 
c_mcbond_it        1.31  1.50 ? ? 'X-RAY DIFFRACTION' ? 
c_mcangle_it       1.85  2.00 ? ? 'X-RAY DIFFRACTION' ? 
c_scbond_it        2.57  2.00 ? ? 'X-RAY DIFFRACTION' ? 
c_scangle_it       3.72  2.50 ? ? 'X-RAY DIFFRACTION' ? 
# 
_refine_ls_shell.pdbx_total_number_of_bins_used   6 
_refine_ls_shell.d_res_high                       1.70 
_refine_ls_shell.d_res_low                        1.81 
_refine_ls_shell.number_reflns_R_work             2273 
_refine_ls_shell.R_factor_R_work                  0.26 
_refine_ls_shell.percent_reflns_obs               98.6 
_refine_ls_shell.R_factor_R_free                  0.336 
_refine_ls_shell.R_factor_R_free_error            0.030 
_refine_ls_shell.percent_reflns_R_free            5.1 
_refine_ls_shell.number_reflns_R_free             123 
_refine_ls_shell.number_reflns_all                ? 
_refine_ls_shell.R_factor_all                     ? 
_refine_ls_shell.number_reflns_obs                ? 
_refine_ls_shell.redundancy_reflns_obs            ? 
_refine_ls_shell.pdbx_refine_id                   'X-RAY DIFFRACTION' 
# 
loop_
_pdbx_xplor_file.serial_no 
_pdbx_xplor_file.param_file 
_pdbx_xplor_file.topol_file 
_pdbx_xplor_file.pdbx_refine_id 
1 protein_rep.param protein.top       'X-RAY DIFFRACTION' 
2 water_rep.param   water.top         'X-RAY DIFFRACTION' 
3 dna-rna_rep.param dna-rna_rep.param 'X-RAY DIFFRACTION' 
4 ion.param         ion.param         'X-RAY DIFFRACTION' 
5 DTT.param         DTT.top           'X-RAY DIFFRACTION' 
# 
_struct.entry_id                  2E8E 
_struct.title                     'Crystal Structure of a hypothetical protein (Aq_1549) from Aquifex aeolicus VF5 (Reduced form)' 
_struct.pdbx_model_details        ? 
_struct.pdbx_CASP_flag            ? 
_struct.pdbx_model_type_details   ? 
# 
_struct_keywords.entry_id        2E8E 
_struct_keywords.pdbx_keywords   'STRUCTURAL GENOMICS, UNKNOWN FUNCTION' 
_struct_keywords.text            
;hypothetical protein, Aq_1549, Osmatically induced protein, NPPSFA, National Project on Protein Structural and Functional Analyses, RIKEN Structural Genomics/Proteomics Initiative, RSGI, STRUCTURAL GENOMICS, UNKNOWN FUNCTION
;
# 
loop_
_struct_asym.id 
_struct_asym.pdbx_blank_PDB_chainid_flag 
_struct_asym.pdbx_modified 
_struct_asym.entity_id 
_struct_asym.details 
A N N 1 ? 
B N N 2 ? 
C N N 3 ? 
# 
_struct_biol.id        1 
_struct_biol.details   ? 
# 
loop_
_struct_conf.conf_type_id 
_struct_conf.id 
_struct_conf.pdbx_PDB_helix_id 
_struct_conf.beg_label_comp_id 
_struct_conf.beg_label_asym_id 
_struct_conf.beg_label_seq_id 
_struct_conf.pdbx_beg_PDB_ins_code 
_struct_conf.end_label_comp_id 
_struct_conf.end_label_asym_id 
_struct_conf.end_label_seq_id 
_struct_conf.pdbx_end_PDB_ins_code 
_struct_conf.beg_auth_comp_id 
_struct_conf.beg_auth_asym_id 
_struct_conf.beg_auth_seq_id 
_struct_conf.end_auth_comp_id 
_struct_conf.end_auth_asym_id 
_struct_conf.end_auth_seq_id 
_struct_conf.pdbx_PDB_helix_class 
_struct_conf.details 
_struct_conf.pdbx_PDB_helix_length 
HELX_P HELX_P1 1 ASN A 33  ? LYS A 57  ? ASN A 33  LYS A 57  1 ? 25 
HELX_P HELX_P2 2 GLU A 94  ? LYS A 108 ? GLU A 94  LYS A 108 1 ? 15 
HELX_P HELX_P3 3 CYS A 110 ? LYS A 117 ? CYS A 110 LYS A 117 1 ? 8  
HELX_P HELX_P4 4 PRO A 118 ? THR A 120 ? PRO A 118 THR A 120 5 ? 3  
# 
_struct_conf_type.id          HELX_P 
_struct_conf_type.criteria    ? 
_struct_conf_type.reference   ? 
# 
_struct_mon_prot_cis.pdbx_id                1 
_struct_mon_prot_cis.label_comp_id          HIS 
_struct_mon_prot_cis.label_seq_id           76 
_struct_mon_prot_cis.label_asym_id          A 
_struct_mon_prot_cis.label_alt_id           . 
_struct_mon_prot_cis.pdbx_PDB_ins_code      ? 
_struct_mon_prot_cis.auth_comp_id           HIS 
_struct_mon_prot_cis.auth_seq_id            76 
_struct_mon_prot_cis.auth_asym_id           A 
_struct_mon_prot_cis.pdbx_label_comp_id_2   PRO 
_struct_mon_prot_cis.pdbx_label_seq_id_2    77 
_struct_mon_prot_cis.pdbx_label_asym_id_2   A 
_struct_mon_prot_cis.pdbx_PDB_ins_code_2    ? 
_struct_mon_prot_cis.pdbx_auth_comp_id_2    PRO 
_struct_mon_prot_cis.pdbx_auth_seq_id_2     77 
_struct_mon_prot_cis.pdbx_auth_asym_id_2    A 
_struct_mon_prot_cis.pdbx_PDB_model_num     1 
_struct_mon_prot_cis.pdbx_omega_angle       -0.37 
# 
loop_
_struct_sheet.id 
_struct_sheet.type 
_struct_sheet.number_strands 
_struct_sheet.details 
A ? 3 ? 
B ? 3 ? 
# 
loop_
_struct_sheet_order.sheet_id 
_struct_sheet_order.range_id_1 
_struct_sheet_order.range_id_2 
_struct_sheet_order.offset 
_struct_sheet_order.sense 
A 1 2 ? anti-parallel 
A 2 3 ? anti-parallel 
B 1 2 ? anti-parallel 
B 2 3 ? parallel      
# 
loop_
_struct_sheet_range.sheet_id 
_struct_sheet_range.id 
_struct_sheet_range.beg_label_comp_id 
_struct_sheet_range.beg_label_asym_id 
_struct_sheet_range.beg_label_seq_id 
_struct_sheet_range.pdbx_beg_PDB_ins_code 
_struct_sheet_range.end_label_comp_id 
_struct_sheet_range.end_label_asym_id 
_struct_sheet_range.end_label_seq_id 
_struct_sheet_range.pdbx_end_PDB_ins_code 
_struct_sheet_range.beg_auth_comp_id 
_struct_sheet_range.beg_auth_asym_id 
_struct_sheet_range.beg_auth_seq_id 
_struct_sheet_range.end_auth_comp_id 
_struct_sheet_range.end_auth_asym_id 
_struct_sheet_range.end_auth_seq_id 
A 1 GLU A 7   ? SER A 12  ? GLU A 7   SER A 12  
A 2 THR A 15  ? LYS A 19  ? THR A 15  LYS A 19  
A 3 GLU A 24  ? GLY A 28  ? GLU A 24  GLY A 28  
B 1 GLU A 60  ? ARG A 72  ? GLU A 60  ARG A 72  
B 2 TYR A 80  ? LYS A 92  ? TYR A 80  LYS A 92  
B 3 ASN A 121 ? TRP A 130 ? ASN A 121 TRP A 130 
# 
loop_
_pdbx_struct_sheet_hbond.sheet_id 
_pdbx_struct_sheet_hbond.range_id_1 
_pdbx_struct_sheet_hbond.range_id_2 
_pdbx_struct_sheet_hbond.range_1_label_atom_id 
_pdbx_struct_sheet_hbond.range_1_label_comp_id 
_pdbx_struct_sheet_hbond.range_1_label_asym_id 
_pdbx_struct_sheet_hbond.range_1_label_seq_id 
_pdbx_struct_sheet_hbond.range_1_PDB_ins_code 
_pdbx_struct_sheet_hbond.range_1_auth_atom_id 
_pdbx_struct_sheet_hbond.range_1_auth_comp_id 
_pdbx_struct_sheet_hbond.range_1_auth_asym_id 
_pdbx_struct_sheet_hbond.range_1_auth_seq_id 
_pdbx_struct_sheet_hbond.range_2_label_atom_id 
_pdbx_struct_sheet_hbond.range_2_label_comp_id 
_pdbx_struct_sheet_hbond.range_2_label_asym_id 
_pdbx_struct_sheet_hbond.range_2_label_seq_id 
_pdbx_struct_sheet_hbond.range_2_PDB_ins_code 
_pdbx_struct_sheet_hbond.range_2_auth_atom_id 
_pdbx_struct_sheet_hbond.range_2_auth_comp_id 
_pdbx_struct_sheet_hbond.range_2_auth_asym_id 
_pdbx_struct_sheet_hbond.range_2_auth_seq_id 
A 1 2 N GLU A 9  ? N GLU A 9  O LEU A 17  ? O LEU A 17  
A 2 3 N SER A 18 ? N SER A 18 O ILE A 25  ? O ILE A 25  
B 1 2 N LYS A 62 ? N LYS A 62 O VAL A 90  ? O VAL A 90  
B 2 3 N ILE A 85 ? N ILE A 85 O LYS A 123 ? O LYS A 123 
# 
_struct_site.id                   AC1 
_struct_site.pdbx_evidence_code   Software 
_struct_site.pdbx_auth_asym_id    A 
_struct_site.pdbx_auth_comp_id    DTT 
_struct_site.pdbx_auth_seq_id     2694 
_struct_site.pdbx_auth_ins_code   ? 
_struct_site.pdbx_num_residues    4 
_struct_site.details              'BINDING SITE FOR RESIDUE DTT A 2694' 
# 
loop_
_struct_site_gen.id 
_struct_site_gen.site_id 
_struct_site_gen.pdbx_num_res 
_struct_site_gen.label_comp_id 
_struct_site_gen.label_asym_id 
_struct_site_gen.label_seq_id 
_struct_site_gen.pdbx_auth_ins_code 
_struct_site_gen.auth_comp_id 
_struct_site_gen.auth_asym_id 
_struct_site_gen.auth_seq_id 
_struct_site_gen.label_atom_id 
_struct_site_gen.label_alt_id 
_struct_site_gen.symmetry 
_struct_site_gen.details 
1 AC1 4 GLU A 5  ? GLU A 5    . ? 1_555 ? 
2 AC1 4 THR A 20 ? THR A 20   . ? 1_555 ? 
3 AC1 4 SER A 21 ? SER A 21   . ? 1_555 ? 
4 AC1 4 HOH C .  ? HOH A 2696 . ? 1_555 ? 
# 
_atom_sites.entry_id                    2E8E 
_atom_sites.fract_transf_matrix[1][1]   0.00102133 
_atom_sites.fract_transf_matrix[1][2]   -0.01197995 
_atom_sites.fract_transf_matrix[1][3]   0.00940196 
_atom_sites.fract_transf_matrix[2][1]   0.01216040 
_atom_sites.fract_transf_matrix[2][2]   0.00631403 
_atom_sites.fract_transf_matrix[2][3]   0.00672434 
_atom_sites.fract_transf_matrix[3][1]   -0.01001426 
_atom_sites.fract_transf_matrix[3][2]   0.00769124 
_atom_sites.fract_transf_matrix[3][3]   0.01088799 
_atom_sites.fract_transf_vector[1]      -0.382884 
_atom_sites.fract_transf_vector[2]      -0.046782 
_atom_sites.fract_transf_vector[3]      -0.193248 
# 
loop_
_atom_type.symbol 
C 
N 
O 
S 
# 
loop_
_atom_site.group_PDB 
_atom_site.id 
_atom_site.type_symbol 
_atom_site.label_atom_id 
_atom_site.label_alt_id 
_atom_site.label_comp_id 
_atom_site.label_asym_id 
_atom_site.label_entity_id 
_atom_site.label_seq_id 
_atom_site.pdbx_PDB_ins_code 
_atom_site.Cartn_x 
_atom_site.Cartn_y 
_atom_site.Cartn_z 
_atom_site.occupancy 
_atom_site.B_iso_or_equiv 
_atom_site.pdbx_formal_charge 
_atom_site.auth_seq_id 
_atom_site.auth_comp_id 
_atom_site.auth_asym_id 
_atom_site.auth_atom_id 
_atom_site.pdbx_PDB_model_num 
ATOM   1    N N   . MET A 1 1   ? 13.552  13.737  13.286  1.00 23.71 ? 1    MET A N   1 
ATOM   2    C CA  . MET A 1 1   ? 12.561  13.708  12.173  1.00 22.86 ? 1    MET A CA  1 
ATOM   3    C C   . MET A 1 1   ? 13.262  13.287  10.890  1.00 20.62 ? 1    MET A C   1 
ATOM   4    O O   . MET A 1 1   ? 14.115  14.010  10.378  1.00 21.83 ? 1    MET A O   1 
ATOM   5    C CB  . MET A 1 1   ? 11.936  15.096  11.988  1.00 23.12 ? 1    MET A CB  1 
ATOM   6    C CG  . MET A 1 1   ? 11.074  15.559  13.155  1.00 27.23 ? 1    MET A CG  1 
ATOM   7    S SD  . MET A 1 1   ? 10.310  17.174  12.867  1.00 22.76 ? 1    MET A SD  1 
ATOM   8    C CE  . MET A 1 1   ? 8.807   16.697  12.046  1.00 27.48 ? 1    MET A CE  1 
ATOM   9    N N   . GLU A 1 2   ? 12.910  12.117  10.371  1.00 20.24 ? 2    GLU A N   1 
ATOM   10   C CA  . GLU A 1 2   ? 13.541  11.649  9.144   1.00 21.63 ? 2    GLU A CA  1 
ATOM   11   C C   . GLU A 1 2   ? 13.095  12.485  7.960   1.00 21.93 ? 2    GLU A C   1 
ATOM   12   O O   . GLU A 1 2   ? 11.932  12.884  7.862   1.00 21.18 ? 2    GLU A O   1 
ATOM   13   C CB  . GLU A 1 2   ? 13.221  10.176  8.870   1.00 22.34 ? 2    GLU A CB  1 
ATOM   14   C CG  . GLU A 1 2   ? 13.730  9.717   7.506   1.00 25.59 ? 2    GLU A CG  1 
ATOM   15   C CD  . GLU A 1 2   ? 13.450  8.254   7.215   1.00 26.30 ? 2    GLU A CD  1 
ATOM   16   O OE1 . GLU A 1 2   ? 12.377  7.762   7.615   1.00 24.50 ? 2    GLU A OE1 1 
ATOM   17   O OE2 . GLU A 1 2   ? 14.301  7.605   6.566   1.00 28.58 ? 2    GLU A OE2 1 
ATOM   18   N N   . VAL A 1 3   ? 14.034  12.749  7.062   1.00 21.83 ? 3    VAL A N   1 
ATOM   19   C CA  . VAL A 1 3   ? 13.760  13.530  5.874   1.00 20.69 ? 3    VAL A CA  1 
ATOM   20   C C   . VAL A 1 3   ? 13.819  12.645  4.636   1.00 22.53 ? 3    VAL A C   1 
ATOM   21   O O   . VAL A 1 3   ? 14.774  11.884  4.451   1.00 24.66 ? 3    VAL A O   1 
ATOM   22   C CB  . VAL A 1 3   ? 14.795  14.666  5.710   1.00 21.27 ? 3    VAL A CB  1 
ATOM   23   C CG1 . VAL A 1 3   ? 14.515  15.451  4.435   1.00 21.16 ? 3    VAL A CG1 1 
ATOM   24   C CG2 . VAL A 1 3   ? 14.757  15.580  6.921   1.00 22.41 ? 3    VAL A CG2 1 
ATOM   25   N N   . LYS A 1 4   ? 12.783  12.730  3.805   1.00 20.44 ? 4    LYS A N   1 
ATOM   26   C CA  . LYS A 1 4   ? 12.723  11.980  2.555   1.00 19.72 ? 4    LYS A CA  1 
ATOM   27   C C   . LYS A 1 4   ? 12.687  13.037  1.461   1.00 21.27 ? 4    LYS A C   1 
ATOM   28   O O   . LYS A 1 4   ? 12.019  14.064  1.608   1.00 21.07 ? 4    LYS A O   1 
ATOM   29   C CB  . LYS A 1 4   ? 11.444  11.141  2.454   1.00 19.81 ? 4    LYS A CB  1 
ATOM   30   C CG  . LYS A 1 4   ? 11.304  10.010  3.460   1.00 20.45 ? 4    LYS A CG  1 
ATOM   31   C CD  . LYS A 1 4   ? 12.344  8.925   3.253   1.00 21.44 ? 4    LYS A CD  1 
ATOM   32   C CE  . LYS A 1 4   ? 11.961  7.670   4.026   1.00 20.39 ? 4    LYS A CE  1 
ATOM   33   N NZ  . LYS A 1 4   ? 13.078  6.698   4.115   1.00 22.71 ? 4    LYS A NZ  1 
ATOM   34   N N   . GLU A 1 5   ? 13.400  12.787  0.369   1.00 20.72 ? 5    GLU A N   1 
ATOM   35   C CA  . GLU A 1 5   ? 13.435  13.717  -0.746  1.00 20.99 ? 5    GLU A CA  1 
ATOM   36   C C   . GLU A 1 5   ? 13.347  12.998  -2.083  1.00 21.44 ? 5    GLU A C   1 
ATOM   37   O O   . GLU A 1 5   ? 13.907  11.922  -2.265  1.00 20.22 ? 5    GLU A O   1 
ATOM   38   C CB  . GLU A 1 5   ? 14.727  14.546  -0.717  1.00 24.34 ? 5    GLU A CB  1 
ATOM   39   C CG  . GLU A 1 5   ? 14.761  15.644  0.329   1.00 31.63 ? 5    GLU A CG  1 
ATOM   40   C CD  . GLU A 1 5   ? 16.088  16.384  0.348   1.00 34.84 ? 5    GLU A CD  1 
ATOM   41   O OE1 . GLU A 1 5   ? 16.640  16.647  -0.742  1.00 35.72 ? 5    GLU A OE1 1 
ATOM   42   O OE2 . GLU A 1 5   ? 16.575  16.712  1.451   1.00 38.83 ? 5    GLU A OE2 1 
ATOM   43   N N   . VAL A 1 6   ? 12.610  13.585  -3.014  1.00 19.67 ? 6    VAL A N   1 
ATOM   44   C CA  . VAL A 1 6   ? 12.506  13.019  -4.347  1.00 19.65 ? 6    VAL A CA  1 
ATOM   45   C C   . VAL A 1 6   ? 12.547  14.194  -5.307  1.00 19.72 ? 6    VAL A C   1 
ATOM   46   O O   . VAL A 1 6   ? 12.214  15.316  -4.933  1.00 20.48 ? 6    VAL A O   1 
ATOM   47   C CB  . VAL A 1 6   ? 11.203  12.204  -4.555  1.00 19.88 ? 6    VAL A CB  1 
ATOM   48   C CG1 . VAL A 1 6   ? 11.183  11.003  -3.602  1.00 18.83 ? 6    VAL A CG1 1 
ATOM   49   C CG2 . VAL A 1 6   ? 9.990   13.086  -4.352  1.00 21.95 ? 6    VAL A CG2 1 
ATOM   50   N N   . GLU A 1 7   ? 12.991  13.940  -6.532  1.00 20.88 ? 7    GLU A N   1 
ATOM   51   C CA  . GLU A 1 7   ? 13.084  14.990  -7.536  1.00 22.17 ? 7    GLU A CA  1 
ATOM   52   C C   . GLU A 1 7   ? 12.504  14.486  -8.845  1.00 21.98 ? 7    GLU A C   1 
ATOM   53   O O   . GLU A 1 7   ? 12.812  13.379  -9.289  1.00 22.36 ? 7    GLU A O   1 
ATOM   54   C CB  . GLU A 1 7   ? 14.545  15.408  -7.748  1.00 25.40 ? 7    GLU A CB  1 
ATOM   55   C CG  . GLU A 1 7   ? 15.285  15.772  -6.468  1.00 32.99 ? 7    GLU A CG  1 
ATOM   56   C CD  . GLU A 1 7   ? 16.655  16.373  -6.731  1.00 36.62 ? 7    GLU A CD  1 
ATOM   57   O OE1 . GLU A 1 7   ? 17.387  15.830  -7.582  1.00 39.55 ? 7    GLU A OE1 1 
ATOM   58   O OE2 . GLU A 1 7   ? 16.998  17.383  -6.081  1.00 39.46 ? 7    GLU A OE2 1 
ATOM   59   N N   . LEU A 1 8   ? 11.661  15.308  -9.459  1.00 18.80 ? 8    LEU A N   1 
ATOM   60   C CA  . LEU A 1 8   ? 11.030  14.957  -10.720 1.00 19.91 ? 8    LEU A CA  1 
ATOM   61   C C   . LEU A 1 8   ? 11.448  15.895  -11.837 1.00 21.32 ? 8    LEU A C   1 
ATOM   62   O O   . LEU A 1 8   ? 11.688  17.080  -11.613 1.00 20.06 ? 8    LEU A O   1 
ATOM   63   C CB  . LEU A 1 8   ? 9.506   15.003  -10.593 1.00 17.44 ? 8    LEU A CB  1 
ATOM   64   C CG  . LEU A 1 8   ? 8.803   13.824  -9.917  1.00 17.58 ? 8    LEU A CG  1 
ATOM   65   C CD1 . LEU A 1 8   ? 9.300   13.658  -8.489  1.00 19.78 ? 8    LEU A CD1 1 
ATOM   66   C CD2 . LEU A 1 8   ? 7.304   14.058  -9.943  1.00 19.22 ? 8    LEU A CD2 1 
ATOM   67   N N   . GLU A 1 9   ? 11.524  15.344  -13.042 1.00 21.69 ? 9    GLU A N   1 
ATOM   68   C CA  . GLU A 1 9   ? 11.882  16.112  -14.223 1.00 22.38 ? 9    GLU A CA  1 
ATOM   69   C C   . GLU A 1 9   ? 11.049  15.587  -15.387 1.00 22.93 ? 9    GLU A C   1 
ATOM   70   O O   . GLU A 1 9   ? 10.831  14.383  -15.519 1.00 19.84 ? 9    GLU A O   1 
ATOM   71   C CB  . GLU A 1 9   ? 13.378  15.970  -14.519 1.00 24.02 ? 9    GLU A CB  1 
ATOM   72   C CG  . GLU A 1 9   ? 13.846  16.729  -15.745 1.00 27.65 ? 9    GLU A CG  1 
ATOM   73   C CD  . GLU A 1 9   ? 15.360  16.828  -15.820 1.00 30.54 ? 9    GLU A CD  1 
ATOM   74   O OE1 . GLU A 1 9   ? 16.039  15.809  -15.562 1.00 30.27 ? 9    GLU A OE1 1 
ATOM   75   O OE2 . GLU A 1 9   ? 15.870  17.924  -16.140 1.00 32.55 ? 9    GLU A OE2 1 
ATOM   76   N N   . LEU A 1 10  ? 10.563  16.500  -16.222 1.00 21.72 ? 10   LEU A N   1 
ATOM   77   C CA  . LEU A 1 10  ? 9.745   16.124  -17.360 1.00 23.98 ? 10   LEU A CA  1 
ATOM   78   C C   . LEU A 1 10  ? 10.511  15.118  -18.226 1.00 24.83 ? 10   LEU A C   1 
ATOM   79   O O   . LEU A 1 10  ? 11.696  15.309  -18.510 1.00 25.16 ? 10   LEU A O   1 
ATOM   80   C CB  . LEU A 1 10  ? 9.392   17.381  -18.158 1.00 24.90 ? 10   LEU A CB  1 
ATOM   81   C CG  . LEU A 1 10  ? 8.172   17.386  -19.075 1.00 28.13 ? 10   LEU A CG  1 
ATOM   82   C CD1 . LEU A 1 10  ? 6.905   17.087  -18.277 1.00 26.16 ? 10   LEU A CD1 1 
ATOM   83   C CD2 . LEU A 1 10  ? 8.075   18.756  -19.745 1.00 27.60 ? 10   LEU A CD2 1 
ATOM   84   N N   . SER A 1 11  ? 9.832   14.045  -18.624 1.00 25.51 ? 11   SER A N   1 
ATOM   85   C CA  . SER A 1 11  ? 10.428  12.993  -19.448 1.00 29.67 ? 11   SER A CA  1 
ATOM   86   C C   . SER A 1 11  ? 9.755   12.925  -20.818 1.00 31.28 ? 11   SER A C   1 
ATOM   87   O O   . SER A 1 11  ? 10.420  12.755  -21.840 1.00 36.05 ? 11   SER A O   1 
ATOM   88   C CB  . SER A 1 11  ? 10.303  11.641  -18.742 1.00 27.82 ? 11   SER A CB  1 
ATOM   89   O OG  . SER A 1 11  ? 8.950   11.341  -18.444 1.00 28.92 ? 11   SER A OG  1 
ATOM   90   N N   . SER A 1 12  ? 8.432   13.038  -20.822 1.00 32.77 ? 12   SER A N   1 
ATOM   91   C CA  . SER A 1 12  ? 7.640   13.034  -22.047 1.00 32.17 ? 12   SER A CA  1 
ATOM   92   C C   . SER A 1 12  ? 6.421   13.902  -21.752 1.00 32.42 ? 12   SER A C   1 
ATOM   93   O O   . SER A 1 12  ? 6.348   14.513  -20.686 1.00 30.47 ? 12   SER A O   1 
ATOM   94   C CB  . SER A 1 12  ? 7.217   11.609  -22.429 1.00 34.74 ? 12   SER A CB  1 
ATOM   95   O OG  . SER A 1 12  ? 6.368   11.027  -21.456 1.00 36.32 ? 12   SER A OG  1 
ATOM   96   N N   . GLU A 1 13  ? 5.471   13.967  -22.683 1.00 30.53 ? 13   GLU A N   1 
ATOM   97   C CA  . GLU A 1 13  ? 4.279   14.787  -22.481 1.00 31.20 ? 13   GLU A CA  1 
ATOM   98   C C   . GLU A 1 13  ? 3.602   14.488  -21.148 1.00 28.10 ? 13   GLU A C   1 
ATOM   99   O O   . GLU A 1 13  ? 3.134   13.372  -20.918 1.00 28.05 ? 13   GLU A O   1 
ATOM   100  C CB  . GLU A 1 13  ? 3.277   14.571  -23.623 1.00 34.33 ? 13   GLU A CB  1 
ATOM   101  C CG  . GLU A 1 13  ? 1.949   15.304  -23.441 1.00 39.09 ? 13   GLU A CG  1 
ATOM   102  C CD  . GLU A 1 13  ? 1.029   15.165  -24.642 1.00 42.92 ? 13   GLU A CD  1 
ATOM   103  O OE1 . GLU A 1 13  ? 0.751   14.018  -25.050 1.00 45.60 ? 13   GLU A OE1 1 
ATOM   104  O OE2 . GLU A 1 13  ? 0.582   16.203  -25.176 1.00 44.45 ? 13   GLU A OE2 1 
ATOM   105  N N   . ALA A 1 14  ? 3.562   15.494  -20.279 1.00 26.75 ? 14   ALA A N   1 
ATOM   106  C CA  . ALA A 1 14  ? 2.937   15.382  -18.963 1.00 24.00 ? 14   ALA A CA  1 
ATOM   107  C C   . ALA A 1 14  ? 3.386   14.138  -18.205 1.00 22.84 ? 14   ALA A C   1 
ATOM   108  O O   . ALA A 1 14  ? 2.591   13.505  -17.516 1.00 23.09 ? 14   ALA A O   1 
ATOM   109  C CB  . ALA A 1 14  ? 1.418   15.380  -19.106 1.00 24.16 ? 14   ALA A CB  1 
ATOM   110  N N   . THR A 1 15  ? 4.665   13.802  -18.334 1.00 22.38 ? 15   THR A N   1 
ATOM   111  C CA  . THR A 1 15  ? 5.229   12.637  -17.665 1.00 21.46 ? 15   THR A CA  1 
ATOM   112  C C   . THR A 1 15  ? 6.556   13.029  -17.038 1.00 20.39 ? 15   THR A C   1 
ATOM   113  O O   . THR A 1 15  ? 7.289   13.855  -17.584 1.00 22.15 ? 15   THR A O   1 
ATOM   114  C CB  . THR A 1 15  ? 5.417   11.487  -18.661 1.00 22.71 ? 15   THR A CB  1 
ATOM   115  O OG1 . THR A 1 15  ? 4.179   11.271  -19.351 1.00 24.30 ? 15   THR A OG1 1 
ATOM   116  C CG2 . THR A 1 15  ? 5.809   10.204  -17.935 1.00 22.82 ? 15   THR A CG2 1 
ATOM   117  N N   . PHE A 1 16  ? 6.874   12.434  -15.893 1.00 18.60 ? 16   PHE A N   1 
ATOM   118  C CA  . PHE A 1 16  ? 8.091   12.788  -15.175 1.00 18.14 ? 16   PHE A CA  1 
ATOM   119  C C   . PHE A 1 16  ? 8.991   11.636  -14.780 1.00 20.69 ? 16   PHE A C   1 
ATOM   120  O O   . PHE A 1 16  ? 8.510   10.603  -14.319 1.00 19.93 ? 16   PHE A O   1 
ATOM   121  C CB  . PHE A 1 16  ? 7.721   13.529  -13.888 1.00 19.07 ? 16   PHE A CB  1 
ATOM   122  C CG  . PHE A 1 16  ? 6.945   14.785  -14.119 1.00 17.36 ? 16   PHE A CG  1 
ATOM   123  C CD1 . PHE A 1 16  ? 7.592   16.014  -14.167 1.00 18.84 ? 16   PHE A CD1 1 
ATOM   124  C CD2 . PHE A 1 16  ? 5.575   14.736  -14.340 1.00 16.80 ? 16   PHE A CD2 1 
ATOM   125  C CE1 . PHE A 1 16  ? 6.883   17.182  -14.437 1.00 17.41 ? 16   PHE A CE1 1 
ATOM   126  C CE2 . PHE A 1 16  ? 4.853   15.898  -14.614 1.00 18.64 ? 16   PHE A CE2 1 
ATOM   127  C CZ  . PHE A 1 16  ? 5.515   17.124  -14.662 1.00 18.27 ? 16   PHE A CZ  1 
ATOM   128  N N   . LEU A 1 17  ? 10.295  11.822  -14.968 1.00 20.56 ? 17   LEU A N   1 
ATOM   129  C CA  . LEU A 1 17  ? 11.259  10.827  -14.529 1.00 21.15 ? 17   LEU A CA  1 
ATOM   130  C C   . LEU A 1 17  ? 11.423  11.226  -13.068 1.00 20.92 ? 17   LEU A C   1 
ATOM   131  O O   . LEU A 1 17  ? 11.800  12.363  -12.753 1.00 18.13 ? 17   LEU A O   1 
ATOM   132  C CB  . LEU A 1 17  ? 12.571  10.944  -15.308 1.00 21.65 ? 17   LEU A CB  1 
ATOM   133  C CG  . LEU A 1 17  ? 12.604  9.966   -16.490 1.00 27.14 ? 17   LEU A CG  1 
ATOM   134  C CD1 . LEU A 1 17  ? 13.772  10.284  -17.422 1.00 26.35 ? 17   LEU A CD1 1 
ATOM   135  C CD2 . LEU A 1 17  ? 12.719  8.538   -15.954 1.00 26.41 ? 17   LEU A CD2 1 
ATOM   136  N N   . SER A 1 18  ? 11.105  10.290  -12.183 1.00 20.33 ? 18   SER A N   1 
ATOM   137  C CA  . SER A 1 18  ? 11.127  10.536  -10.752 1.00 21.76 ? 18   SER A CA  1 
ATOM   138  C C   . SER A 1 18  ? 12.257  9.821   -10.032 1.00 21.84 ? 18   SER A C   1 
ATOM   139  O O   . SER A 1 18  ? 12.279  8.591   -9.954  1.00 21.20 ? 18   SER A O   1 
ATOM   140  C CB  . SER A 1 18  ? 9.780   10.108  -10.176 1.00 20.34 ? 18   SER A CB  1 
ATOM   141  O OG  . SER A 1 18  ? 8.728   10.615  -10.984 1.00 21.96 ? 18   SER A OG  1 
ATOM   142  N N   . LYS A 1 19  ? 13.177  10.617  -9.495  1.00 20.44 ? 19   LYS A N   1 
ATOM   143  C CA  . LYS A 1 19  ? 14.349  10.121  -8.785  1.00 23.29 ? 19   LYS A CA  1 
ATOM   144  C C   . LYS A 1 19  ? 14.110  9.837   -7.305  1.00 23.15 ? 19   LYS A C   1 
ATOM   145  O O   . LYS A 1 19  ? 13.707  10.718  -6.548  1.00 23.40 ? 19   LYS A O   1 
ATOM   146  C CB  . LYS A 1 19  ? 15.500  11.122  -8.923  1.00 26.30 ? 19   LYS A CB  1 
ATOM   147  C CG  . LYS A 1 19  ? 16.784  10.694  -8.226  1.00 30.61 ? 19   LYS A CG  1 
ATOM   148  C CD  . LYS A 1 19  ? 17.914  11.685  -8.476  1.00 34.24 ? 19   LYS A CD  1 
ATOM   149  C CE  . LYS A 1 19  ? 19.225  11.191  -7.883  1.00 36.38 ? 19   LYS A CE  1 
ATOM   150  N NZ  . LYS A 1 19  ? 20.350  12.145  -8.114  1.00 37.49 ? 19   LYS A NZ  1 
ATOM   151  N N   . THR A 1 20  ? 14.370  8.596   -6.909  1.00 22.45 ? 20   THR A N   1 
ATOM   152  C CA  . THR A 1 20  ? 14.216  8.162   -5.524  1.00 23.72 ? 20   THR A CA  1 
ATOM   153  C C   . THR A 1 20  ? 15.528  7.504   -5.099  1.00 24.73 ? 20   THR A C   1 
ATOM   154  O O   . THR A 1 20  ? 16.474  7.436   -5.886  1.00 23.70 ? 20   THR A O   1 
ATOM   155  C CB  . THR A 1 20  ? 13.083  7.131   -5.380  1.00 22.62 ? 20   THR A CB  1 
ATOM   156  O OG1 . THR A 1 20  ? 13.512  5.872   -5.910  1.00 24.30 ? 20   THR A OG1 1 
ATOM   157  C CG2 . THR A 1 20  ? 11.841  7.595   -6.145  1.00 21.67 ? 20   THR A CG2 1 
ATOM   158  N N   . SER A 1 21  ? 15.584  7.014   -3.864  1.00 24.86 ? 21   SER A N   1 
ATOM   159  C CA  . SER A 1 21  ? 16.794  6.375   -3.351  1.00 25.48 ? 21   SER A CA  1 
ATOM   160  C C   . SER A 1 21  ? 17.250  5.112   -4.082  1.00 26.30 ? 21   SER A C   1 
ATOM   161  O O   . SER A 1 21  ? 18.446  4.830   -4.131  1.00 27.67 ? 21   SER A O   1 
ATOM   162  C CB  . SER A 1 21  ? 16.633  6.059   -1.860  1.00 24.42 ? 21   SER A CB  1 
ATOM   163  O OG  . SER A 1 21  ? 16.586  7.249   -1.097  1.00 23.31 ? 21   SER A OG  1 
ATOM   164  N N   . ILE A 1 22  ? 16.325  4.350   -4.653  1.00 27.29 ? 22   ILE A N   1 
ATOM   165  C CA  . ILE A 1 22  ? 16.726  3.127   -5.344  1.00 29.58 ? 22   ILE A CA  1 
ATOM   166  C C   . ILE A 1 22  ? 16.815  3.273   -6.857  1.00 30.04 ? 22   ILE A C   1 
ATOM   167  O O   . ILE A 1 22  ? 17.306  2.379   -7.547  1.00 30.66 ? 22   ILE A O   1 
ATOM   168  C CB  . ILE A 1 22  ? 15.780  1.948   -4.999  1.00 32.23 ? 22   ILE A CB  1 
ATOM   169  C CG1 . ILE A 1 22  ? 14.409  2.145   -5.647  1.00 33.41 ? 22   ILE A CG1 1 
ATOM   170  C CG2 . ILE A 1 22  ? 15.641  1.831   -3.493  1.00 35.08 ? 22   ILE A CG2 1 
ATOM   171  C CD1 . ILE A 1 22  ? 14.346  1.724   -7.110  1.00 36.24 ? 22   ILE A CD1 1 
ATOM   172  N N   . GLY A 1 23  ? 16.342  4.397   -7.381  1.00 28.15 ? 23   GLY A N   1 
ATOM   173  C CA  . GLY A 1 23  ? 16.399  4.589   -8.816  1.00 28.20 ? 23   GLY A CA  1 
ATOM   174  C C   . GLY A 1 23  ? 15.351  5.554   -9.317  1.00 26.59 ? 23   GLY A C   1 
ATOM   175  O O   . GLY A 1 23  ? 14.724  6.268   -8.533  1.00 27.69 ? 23   GLY A O   1 
ATOM   176  N N   . GLU A 1 24  ? 15.149  5.557   -10.629 1.00 25.64 ? 24   GLU A N   1 
ATOM   177  C CA  . GLU A 1 24  ? 14.186  6.450   -11.256 1.00 26.24 ? 24   GLU A CA  1 
ATOM   178  C C   . GLU A 1 24  ? 13.072  5.712   -11.986 1.00 26.12 ? 24   GLU A C   1 
ATOM   179  O O   . GLU A 1 24  ? 13.309  4.716   -12.671 1.00 24.23 ? 24   GLU A O   1 
ATOM   180  C CB  . GLU A 1 24  ? 14.916  7.371   -12.239 1.00 28.28 ? 24   GLU A CB  1 
ATOM   181  C CG  . GLU A 1 24  ? 16.043  8.173   -11.609 1.00 32.68 ? 24   GLU A CG  1 
ATOM   182  C CD  . GLU A 1 24  ? 16.910  8.884   -12.635 1.00 34.43 ? 24   GLU A CD  1 
ATOM   183  O OE1 . GLU A 1 24  ? 17.509  8.200   -13.487 1.00 36.24 ? 24   GLU A OE1 1 
ATOM   184  O OE2 . GLU A 1 24  ? 16.998  10.127  -12.587 1.00 38.10 ? 24   GLU A OE2 1 
ATOM   185  N N   . ILE A 1 25  ? 11.848  6.206   -11.831 1.00 23.43 ? 25   ILE A N   1 
ATOM   186  C CA  . ILE A 1 25  ? 10.704  5.620   -12.504 1.00 23.19 ? 25   ILE A CA  1 
ATOM   187  C C   . ILE A 1 25  ? 9.966   6.742   -13.207 1.00 22.34 ? 25   ILE A C   1 
ATOM   188  O O   . ILE A 1 25  ? 10.101  7.903   -12.830 1.00 24.41 ? 25   ILE A O   1 
ATOM   189  C CB  . ILE A 1 25  ? 9.733   4.934   -11.516 1.00 23.51 ? 25   ILE A CB  1 
ATOM   190  C CG1 . ILE A 1 25  ? 9.358   5.897   -10.391 1.00 23.56 ? 25   ILE A CG1 1 
ATOM   191  C CG2 . ILE A 1 25  ? 10.371  3.673   -10.962 1.00 25.13 ? 25   ILE A CG2 1 
ATOM   192  C CD1 . ILE A 1 25  ? 8.311   5.339   -9.445  1.00 27.94 ? 25   ILE A CD1 1 
ATOM   193  N N   . THR A 1 26  ? 9.203   6.396   -14.236 1.00 21.81 ? 26   THR A N   1 
ATOM   194  C CA  . THR A 1 26  ? 8.437   7.391   -14.966 1.00 22.72 ? 26   THR A CA  1 
ATOM   195  C C   . THR A 1 26  ? 7.021   7.389   -14.428 1.00 20.85 ? 26   THR A C   1 
ATOM   196  O O   . THR A 1 26  ? 6.368   6.348   -14.370 1.00 21.13 ? 26   THR A O   1 
ATOM   197  C CB  . THR A 1 26  ? 8.410   7.102   -16.485 1.00 24.47 ? 26   THR A CB  1 
ATOM   198  O OG1 . THR A 1 26  ? 7.921   5.776   -16.718 1.00 28.61 ? 26   THR A OG1 1 
ATOM   199  C CG2 . THR A 1 26  ? 9.803   7.244   -17.072 1.00 26.78 ? 26   THR A CG2 1 
ATOM   200  N N   . ALA A 1 27  ? 6.561   8.563   -14.015 1.00 20.29 ? 27   ALA A N   1 
ATOM   201  C CA  . ALA A 1 27  ? 5.224   8.708   -13.463 1.00 19.23 ? 27   ALA A CA  1 
ATOM   202  C C   . ALA A 1 27  ? 4.489   9.836   -14.165 1.00 19.30 ? 27   ALA A C   1 
ATOM   203  O O   . ALA A 1 27  ? 5.020   10.936  -14.313 1.00 19.42 ? 27   ALA A O   1 
ATOM   204  C CB  . ALA A 1 27  ? 5.311   9.000   -11.973 1.00 17.81 ? 27   ALA A CB  1 
ATOM   205  N N   . GLY A 1 28  ? 3.263   9.561   -14.591 1.00 19.37 ? 28   GLY A N   1 
ATOM   206  C CA  . GLY A 1 28  ? 2.494   10.587  -15.263 1.00 21.93 ? 28   GLY A CA  1 
ATOM   207  C C   . GLY A 1 28  ? 1.610   10.044  -16.362 1.00 24.40 ? 28   GLY A C   1 
ATOM   208  O O   . GLY A 1 28  ? 1.303   8.856   -16.407 1.00 24.82 ? 28   GLY A O   1 
ATOM   209  N N   . GLU A 1 29  ? 1.213   10.935  -17.262 1.00 25.45 ? 29   GLU A N   1 
ATOM   210  C CA  . GLU A 1 29  ? 0.336   10.595  -18.370 1.00 27.75 ? 29   GLU A CA  1 
ATOM   211  C C   . GLU A 1 29  ? 0.810   9.403   -19.208 1.00 27.14 ? 29   GLU A C   1 
ATOM   212  O O   . GLU A 1 29  ? 0.015   8.529   -19.561 1.00 28.20 ? 29   GLU A O   1 
ATOM   213  C CB  . GLU A 1 29  ? 0.163   11.835  -19.249 1.00 28.94 ? 29   GLU A CB  1 
ATOM   214  C CG  . GLU A 1 29  ? -0.963  11.756  -20.254 1.00 34.07 ? 29   GLU A CG  1 
ATOM   215  C CD  . GLU A 1 29  ? -1.398  13.131  -20.712 1.00 35.56 ? 29   GLU A CD  1 
ATOM   216  O OE1 . GLU A 1 29  ? -1.890  13.907  -19.863 1.00 37.15 ? 29   GLU A OE1 1 
ATOM   217  O OE2 . GLU A 1 29  ? -1.247  13.440  -21.912 1.00 38.64 ? 29   GLU A OE2 1 
ATOM   218  N N   . LYS A 1 30  ? 2.101   9.360   -19.523 1.00 26.70 ? 30   LYS A N   1 
ATOM   219  C CA  . LYS A 1 30  ? 2.637   8.264   -20.326 1.00 27.88 ? 30   LYS A CA  1 
ATOM   220  C C   . LYS A 1 30  ? 3.477   7.283   -19.521 1.00 26.50 ? 30   LYS A C   1 
ATOM   221  O O   . LYS A 1 30  ? 4.214   6.474   -20.081 1.00 28.32 ? 30   LYS A O   1 
ATOM   222  C CB  . LYS A 1 30  ? 3.463   8.823   -21.488 1.00 29.58 ? 30   LYS A CB  1 
ATOM   223  C CG  . LYS A 1 30  ? 2.636   9.617   -22.481 1.00 32.76 ? 30   LYS A CG  1 
ATOM   224  C CD  . LYS A 1 30  ? 3.474   10.097  -23.654 1.00 35.50 ? 30   LYS A CD  1 
ATOM   225  C CE  . LYS A 1 30  ? 2.617   10.857  -24.656 1.00 37.36 ? 30   LYS A CE  1 
ATOM   226  N NZ  . LYS A 1 30  ? 3.381   11.239  -25.874 1.00 39.85 ? 30   LYS A NZ  1 
ATOM   227  N N   . GLY A 1 31  ? 3.365   7.362   -18.200 1.00 25.18 ? 31   GLY A N   1 
ATOM   228  C CA  . GLY A 1 31  ? 4.113   6.469   -17.335 1.00 22.86 ? 31   GLY A CA  1 
ATOM   229  C C   . GLY A 1 31  ? 3.180   5.879   -16.298 1.00 20.57 ? 31   GLY A C   1 
ATOM   230  O O   . GLY A 1 31  ? 1.993   5.697   -16.569 1.00 22.06 ? 31   GLY A O   1 
ATOM   231  N N   . LEU A 1 32  ? 3.709   5.571   -15.120 1.00 21.10 ? 32   LEU A N   1 
ATOM   232  C CA  . LEU A 1 32  ? 2.891   5.014   -14.045 1.00 21.01 ? 32   LEU A CA  1 
ATOM   233  C C   . LEU A 1 32  ? 1.845   6.052   -13.638 1.00 19.11 ? 32   LEU A C   1 
ATOM   234  O O   . LEU A 1 32  ? 2.172   7.220   -13.443 1.00 20.01 ? 32   LEU A O   1 
ATOM   235  C CB  . LEU A 1 32  ? 3.775   4.667   -12.846 1.00 22.33 ? 32   LEU A CB  1 
ATOM   236  C CG  . LEU A 1 32  ? 4.790   3.537   -13.052 1.00 25.72 ? 32   LEU A CG  1 
ATOM   237  C CD1 . LEU A 1 32  ? 5.966   3.714   -12.104 1.00 27.81 ? 32   LEU A CD1 1 
ATOM   238  C CD2 . LEU A 1 32  ? 4.101   2.195   -12.826 1.00 28.34 ? 32   LEU A CD2 1 
ATOM   239  N N   . ASN A 1 33  ? 0.593   5.628   -13.518 1.00 18.25 ? 33   ASN A N   1 
ATOM   240  C CA  . ASN A 1 33  ? -0.483  6.537   -13.139 1.00 17.29 ? 33   ASN A CA  1 
ATOM   241  C C   . ASN A 1 33  ? -0.290  6.992   -11.691 1.00 16.92 ? 33   ASN A C   1 
ATOM   242  O O   . ASN A 1 33  ? -0.159  6.167   -10.796 1.00 18.63 ? 33   ASN A O   1 
ATOM   243  C CB  . ASN A 1 33  ? -1.834  5.841   -13.306 1.00 19.02 ? 33   ASN A CB  1 
ATOM   244  C CG  . ASN A 1 33  ? -2.983  6.703   -12.857 1.00 19.89 ? 33   ASN A CG  1 
ATOM   245  O OD1 . ASN A 1 33  ? -3.458  6.587   -11.724 1.00 18.55 ? 33   ASN A OD1 1 
ATOM   246  N ND2 . ASN A 1 33  ? -3.424  7.603   -13.735 1.00 19.24 ? 33   ASN A ND2 1 
ATOM   247  N N   . PRO A 1 34  ? -0.269  8.315   -11.445 1.00 15.86 ? 34   PRO A N   1 
ATOM   248  C CA  . PRO A 1 34  ? -0.078  8.835   -10.081 1.00 15.48 ? 34   PRO A CA  1 
ATOM   249  C C   . PRO A 1 34  ? -1.021  8.284   -9.009  1.00 14.90 ? 34   PRO A C   1 
ATOM   250  O O   . PRO A 1 34  ? -0.583  7.948   -7.908  1.00 15.00 ? 34   PRO A O   1 
ATOM   251  C CB  . PRO A 1 34  ? -0.220  10.343  -10.265 1.00 16.14 ? 34   PRO A CB  1 
ATOM   252  C CG  . PRO A 1 34  ? 0.345   10.549  -11.651 1.00 14.64 ? 34   PRO A CG  1 
ATOM   253  C CD  . PRO A 1 34  ? -0.307  9.417   -12.423 1.00 15.84 ? 34   PRO A CD  1 
ATOM   254  N N   . MET A 1 35  ? -2.308  8.196   -9.316  1.00 15.40 ? 35   MET A N   1 
ATOM   255  C CA  . MET A 1 35  ? -3.257  7.682   -8.341  1.00 14.33 ? 35   MET A CA  1 
ATOM   256  C C   . MET A 1 35  ? -3.088  6.178   -8.125  1.00 15.22 ? 35   MET A C   1 
ATOM   257  O O   . MET A 1 35  ? -3.363  5.671   -7.037  1.00 14.73 ? 35   MET A O   1 
ATOM   258  C CB  . MET A 1 35  ? -4.684  8.047   -8.745  1.00 14.26 ? 35   MET A CB  1 
ATOM   259  C CG  . MET A 1 35  ? -5.056  9.483   -8.323  1.00 15.57 ? 35   MET A CG  1 
ATOM   260  S SD  . MET A 1 35  ? -5.319  9.715   -6.524  1.00 6.11  ? 35   MET A SD  1 
ATOM   261  C CE  . MET A 1 35  ? -7.080  9.398   -6.474  1.00 16.51 ? 35   MET A CE  1 
ATOM   262  N N   . GLU A 1 36  ? -2.634  5.459   -9.149  1.00 15.45 ? 36   GLU A N   1 
ATOM   263  C CA  . GLU A 1 36  ? -2.380  4.035   -8.963  1.00 15.02 ? 36   GLU A CA  1 
ATOM   264  C C   . GLU A 1 36  ? -1.140  3.928   -8.077  1.00 15.29 ? 36   GLU A C   1 
ATOM   265  O O   . GLU A 1 36  ? -1.052  3.042   -7.220  1.00 14.04 ? 36   GLU A O   1 
ATOM   266  C CB  . GLU A 1 36  ? -2.143  3.320   -10.301 1.00 15.55 ? 36   GLU A CB  1 
ATOM   267  C CG  . GLU A 1 36  ? -3.424  3.049   -11.071 1.00 16.11 ? 36   GLU A CG  1 
ATOM   268  C CD  . GLU A 1 36  ? -3.201  2.281   -12.363 1.00 20.81 ? 36   GLU A CD  1 
ATOM   269  O OE1 . GLU A 1 36  ? -2.041  1.924   -12.669 1.00 23.96 ? 36   GLU A OE1 1 
ATOM   270  O OE2 . GLU A 1 36  ? -4.196  2.039   -13.075 1.00 25.81 ? 36   GLU A OE2 1 
ATOM   271  N N   . LEU A 1 37  ? -0.183  4.839   -8.269  1.00 15.01 ? 37   LEU A N   1 
ATOM   272  C CA  . LEU A 1 37  ? 1.030   4.836   -7.454  1.00 16.55 ? 37   LEU A CA  1 
ATOM   273  C C   . LEU A 1 37  ? 0.708   5.114   -5.987  1.00 14.38 ? 37   LEU A C   1 
ATOM   274  O O   . LEU A 1 37  ? 1.400   4.625   -5.093  1.00 14.36 ? 37   LEU A O   1 
ATOM   275  C CB  . LEU A 1 37  ? 2.050   5.861   -7.971  1.00 17.65 ? 37   LEU A CB  1 
ATOM   276  C CG  . LEU A 1 37  ? 2.818   5.417   -9.220  1.00 22.99 ? 37   LEU A CG  1 
ATOM   277  C CD1 . LEU A 1 37  ? 3.834   6.482   -9.610  1.00 23.51 ? 37   LEU A CD1 1 
ATOM   278  C CD2 . LEU A 1 37  ? 3.528   4.091   -8.929  1.00 23.83 ? 37   LEU A CD2 1 
ATOM   279  N N   . LEU A 1 38  ? -0.338  5.895   -5.728  1.00 13.38 ? 38   LEU A N   1 
ATOM   280  C CA  . LEU A 1 38  ? -0.711  6.154   -4.340  1.00 13.82 ? 38   LEU A CA  1 
ATOM   281  C C   . LEU A 1 38  ? -1.153  4.830   -3.715  1.00 14.83 ? 38   LEU A C   1 
ATOM   282  O O   . LEU A 1 38  ? -0.799  4.521   -2.574  1.00 14.34 ? 38   LEU A O   1 
ATOM   283  C CB  . LEU A 1 38  ? -1.851  7.183   -4.251  1.00 14.17 ? 38   LEU A CB  1 
ATOM   284  C CG  . LEU A 1 38  ? -2.459  7.343   -2.846  1.00 13.83 ? 38   LEU A CG  1 
ATOM   285  C CD1 . LEU A 1 38  ? -1.369  7.776   -1.865  1.00 13.84 ? 38   LEU A CD1 1 
ATOM   286  C CD2 . LEU A 1 38  ? -3.585  8.368   -2.869  1.00 15.43 ? 38   LEU A CD2 1 
ATOM   287  N N   . LEU A 1 39  ? -1.927  4.043   -4.459  1.00 15.07 ? 39   LEU A N   1 
ATOM   288  C CA  . LEU A 1 39  ? -2.378  2.757   -3.932  1.00 14.27 ? 39   LEU A CA  1 
ATOM   289  C C   . LEU A 1 39  ? -1.173  1.843   -3.713  1.00 15.57 ? 39   LEU A C   1 
ATOM   290  O O   . LEU A 1 39  ? -1.129  1.077   -2.748  1.00 14.05 ? 39   LEU A O   1 
ATOM   291  C CB  . LEU A 1 39  ? -3.382  2.096   -4.881  1.00 13.74 ? 39   LEU A CB  1 
ATOM   292  C CG  . LEU A 1 39  ? -4.738  2.795   -5.024  1.00 15.36 ? 39   LEU A CG  1 
ATOM   293  C CD1 . LEU A 1 39  ? -5.592  2.019   -6.011  1.00 17.07 ? 39   LEU A CD1 1 
ATOM   294  C CD2 . LEU A 1 39  ? -5.447  2.872   -3.669  1.00 16.35 ? 39   LEU A CD2 1 
ATOM   295  N N   . VAL A 1 40  ? -0.190  1.915   -4.605  1.00 14.03 ? 40   VAL A N   1 
ATOM   296  C CA  . VAL A 1 40  ? 1.003   1.092   -4.436  1.00 15.47 ? 40   VAL A CA  1 
ATOM   297  C C   . VAL A 1 40  ? 1.747   1.523   -3.170  1.00 15.47 ? 40   VAL A C   1 
ATOM   298  O O   . VAL A 1 40  ? 2.237   0.681   -2.412  1.00 15.97 ? 40   VAL A O   1 
ATOM   299  C CB  . VAL A 1 40  ? 1.960   1.199   -5.659  1.00 14.22 ? 40   VAL A CB  1 
ATOM   300  C CG1 . VAL A 1 40  ? 3.296   0.529   -5.345  1.00 14.71 ? 40   VAL A CG1 1 
ATOM   301  C CG2 . VAL A 1 40  ? 1.325   0.538   -6.873  1.00 16.11 ? 40   VAL A CG2 1 
ATOM   302  N N   . SER A 1 41  ? 1.824   2.832   -2.934  1.00 15.01 ? 41   SER A N   1 
ATOM   303  C CA  . SER A 1 41  ? 2.512   3.345   -1.748  1.00 14.79 ? 41   SER A CA  1 
ATOM   304  C C   . SER A 1 41  ? 1.826   2.849   -0.479  1.00 14.95 ? 41   SER A C   1 
ATOM   305  O O   . SER A 1 41  ? 2.479   2.419   0.474   1.00 16.28 ? 41   SER A O   1 
ATOM   306  C CB  . SER A 1 41  ? 2.527   4.879   -1.762  1.00 17.89 ? 41   SER A CB  1 
ATOM   307  O OG  . SER A 1 41  ? 3.179   5.350   -2.928  1.00 25.71 ? 41   SER A OG  1 
ATOM   308  N N   . ILE A 1 42  ? 0.501   2.915   -0.475  1.00 14.52 ? 42   ILE A N   1 
ATOM   309  C CA  . ILE A 1 42  ? -0.281  2.460   0.666   1.00 14.48 ? 42   ILE A CA  1 
ATOM   310  C C   . ILE A 1 42  ? -0.083  0.960   0.886   1.00 15.10 ? 42   ILE A C   1 
ATOM   311  O O   . ILE A 1 42  ? 0.228   0.518   1.998   1.00 13.81 ? 42   ILE A O   1 
ATOM   312  C CB  . ILE A 1 42  ? -1.789  2.724   0.437   1.00 15.02 ? 42   ILE A CB  1 
ATOM   313  C CG1 . ILE A 1 42  ? -2.064  4.233   0.443   1.00 12.91 ? 42   ILE A CG1 1 
ATOM   314  C CG2 . ILE A 1 42  ? -2.615  2.008   1.498   1.00 15.93 ? 42   ILE A CG2 1 
ATOM   315  C CD1 . ILE A 1 42  ? -3.480  4.592   -0.013  1.00 14.68 ? 42   ILE A CD1 1 
ATOM   316  N N   . GLY A 1 43  ? -0.266  0.189   -0.183  1.00 13.71 ? 43   GLY A N   1 
ATOM   317  C CA  . GLY A 1 43  ? -0.138  -1.255  -0.104  1.00 16.24 ? 43   GLY A CA  1 
ATOM   318  C C   . GLY A 1 43  ? 1.228   -1.747  0.327   1.00 16.05 ? 43   GLY A C   1 
ATOM   319  O O   . GLY A 1 43  ? 1.331   -2.651  1.163   1.00 16.42 ? 43   GLY A O   1 
ATOM   320  N N   . SER A 1 44  ? 2.284   -1.154  -0.225  1.00 15.19 ? 44   SER A N   1 
ATOM   321  C CA  . SER A 1 44  ? 3.632   -1.578  0.124   1.00 15.57 ? 44   SER A CA  1 
ATOM   322  C C   . SER A 1 44  ? 4.030   -1.134  1.526   1.00 16.83 ? 44   SER A C   1 
ATOM   323  O O   . SER A 1 44  ? 4.683   -1.887  2.254   1.00 17.61 ? 44   SER A O   1 
ATOM   324  C CB  . SER A 1 44  ? 4.643   -1.071  -0.914  1.00 16.12 ? 44   SER A CB  1 
ATOM   325  O OG  . SER A 1 44  ? 4.613   0.341   -1.031  1.00 17.02 ? 44   SER A OG  1 
ATOM   326  N N   . CYS A 1 45  ? 3.639   0.078   1.918   1.00 16.83 ? 45   CYS A N   1 
ATOM   327  C CA  . CYS A 1 45  ? 3.968   0.565   3.256   1.00 16.08 ? 45   CYS A CA  1 
ATOM   328  C C   . CYS A 1 45  ? 3.343   -0.381  4.279   1.00 16.20 ? 45   CYS A C   1 
ATOM   329  O O   . CYS A 1 45  ? 4.008   -0.827  5.215   1.00 17.32 ? 45   CYS A O   1 
ATOM   330  C CB  . CYS A 1 45  ? 3.420   1.977   3.473   1.00 15.63 ? 45   CYS A CB  1 
ATOM   331  S SG  . CYS A 1 45  ? 3.960   2.761   5.023   1.00 19.24 ? 45   CYS A SG  1 
ATOM   332  N N   . SER A 1 46  ? 2.066   -0.697  4.086   1.00 16.09 ? 46   SER A N   1 
ATOM   333  C CA  . SER A 1 46  ? 1.364   -1.599  5.004   1.00 18.17 ? 46   SER A CA  1 
ATOM   334  C C   . SER A 1 46  ? 1.917   -3.019  4.906   1.00 19.27 ? 46   SER A C   1 
ATOM   335  O O   . SER A 1 46  ? 2.073   -3.709  5.921   1.00 18.97 ? 46   SER A O   1 
ATOM   336  C CB  . SER A 1 46  ? -0.135  -1.611  4.692   1.00 18.49 ? 46   SER A CB  1 
ATOM   337  O OG  . SER A 1 46  ? -0.841  -2.432  5.617   1.00 20.42 ? 46   SER A OG  1 
ATOM   338  N N   . GLY A 1 47  ? 2.210   -3.448  3.681   1.00 18.06 ? 47   GLY A N   1 
ATOM   339  C CA  . GLY A 1 47  ? 2.743   -4.784  3.462   1.00 18.77 ? 47   GLY A CA  1 
ATOM   340  C C   . GLY A 1 47  ? 4.042   -5.022  4.208   1.00 19.97 ? 47   GLY A C   1 
ATOM   341  O O   . GLY A 1 47  ? 4.299   -6.124  4.696   1.00 20.91 ? 47   GLY A O   1 
ATOM   342  N N   . VAL A 1 48  ? 4.876   -3.992  4.286   1.00 19.96 ? 48   VAL A N   1 
ATOM   343  C CA  . VAL A 1 48  ? 6.141   -4.099  5.001   1.00 20.08 ? 48   VAL A CA  1 
ATOM   344  C C   . VAL A 1 48  ? 5.849   -4.382  6.479   1.00 19.80 ? 48   VAL A C   1 
ATOM   345  O O   . VAL A 1 48  ? 6.508   -5.218  7.099   1.00 19.41 ? 48   VAL A O   1 
ATOM   346  C CB  . VAL A 1 48  ? 6.962   -2.796  4.863   1.00 20.72 ? 48   VAL A CB  1 
ATOM   347  C CG1 . VAL A 1 48  ? 8.163   -2.818  5.801   1.00 20.48 ? 48   VAL A CG1 1 
ATOM   348  C CG2 . VAL A 1 48  ? 7.432   -2.640  3.421   1.00 21.66 ? 48   VAL A CG2 1 
ATOM   349  N N   . ASP A 1 49  ? 4.849   -3.694  7.027   1.00 20.30 ? 49   ASP A N   1 
ATOM   350  C CA  . ASP A 1 49  ? 4.467   -3.886  8.430   1.00 18.73 ? 49   ASP A CA  1 
ATOM   351  C C   . ASP A 1 49  ? 3.962   -5.307  8.650   1.00 19.17 ? 49   ASP A C   1 
ATOM   352  O O   . ASP A 1 49  ? 4.359   -5.989  9.598   1.00 21.24 ? 49   ASP A O   1 
ATOM   353  C CB  . ASP A 1 49  ? 3.329   -2.946  8.848   1.00 19.25 ? 49   ASP A CB  1 
ATOM   354  C CG  . ASP A 1 49  ? 3.694   -1.476  8.761   1.00 20.81 ? 49   ASP A CG  1 
ATOM   355  O OD1 . ASP A 1 49  ? 4.859   -1.108  9.021   1.00 22.59 ? 49   ASP A OD1 1 
ATOM   356  O OD2 . ASP A 1 49  ? 2.782   -0.680  8.456   1.00 24.14 ? 49   ASP A OD2 1 
ATOM   357  N N   . VAL A 1 50  ? 3.055   -5.737  7.779   1.00 19.31 ? 50   VAL A N   1 
ATOM   358  C CA  . VAL A 1 50  ? 2.470   -7.063  7.894   1.00 21.60 ? 50   VAL A CA  1 
ATOM   359  C C   . VAL A 1 50  ? 3.537   -8.146  7.804   1.00 22.80 ? 50   VAL A C   1 
ATOM   360  O O   . VAL A 1 50  ? 3.520   -9.108  8.574   1.00 24.28 ? 50   VAL A O   1 
ATOM   361  C CB  . VAL A 1 50  ? 1.385   -7.273  6.815   1.00 19.32 ? 50   VAL A CB  1 
ATOM   362  C CG1 . VAL A 1 50  ? 0.884   -8.714  6.838   1.00 19.81 ? 50   VAL A CG1 1 
ATOM   363  C CG2 . VAL A 1 50  ? 0.230   -6.314  7.069   1.00 19.38 ? 50   VAL A CG2 1 
ATOM   364  N N   . TYR A 1 51  ? 4.477   -7.983  6.879   1.00 23.13 ? 51   TYR A N   1 
ATOM   365  C CA  . TYR A 1 51  ? 5.545   -8.964  6.722   1.00 24.46 ? 51   TYR A CA  1 
ATOM   366  C C   . TYR A 1 51  ? 6.338   -9.103  8.019   1.00 24.51 ? 51   TYR A C   1 
ATOM   367  O O   . TYR A 1 51  ? 6.524   -10.212 8.529   1.00 25.12 ? 51   TYR A O   1 
ATOM   368  C CB  . TYR A 1 51  ? 6.494   -8.549  5.599   1.00 24.42 ? 51   TYR A CB  1 
ATOM   369  C CG  . TYR A 1 51  ? 7.629   -9.524  5.381   1.00 25.61 ? 51   TYR A CG  1 
ATOM   370  C CD1 . TYR A 1 51  ? 7.487   -10.611 4.520   1.00 25.56 ? 51   TYR A CD1 1 
ATOM   371  C CD2 . TYR A 1 51  ? 8.841   -9.369  6.057   1.00 26.46 ? 51   TYR A CD2 1 
ATOM   372  C CE1 . TYR A 1 51  ? 8.532   -11.524 4.334   1.00 29.93 ? 51   TYR A CE1 1 
ATOM   373  C CE2 . TYR A 1 51  ? 9.887   -10.273 5.882   1.00 29.55 ? 51   TYR A CE2 1 
ATOM   374  C CZ  . TYR A 1 51  ? 9.728   -11.345 5.019   1.00 29.84 ? 51   TYR A CZ  1 
ATOM   375  O OH  . TYR A 1 51  ? 10.767  -12.236 4.848   1.00 31.86 ? 51   TYR A OH  1 
ATOM   376  N N   . HIS A 1 52  ? 6.802   -7.976  8.545   1.00 23.33 ? 52   HIS A N   1 
ATOM   377  C CA  . HIS A 1 52  ? 7.585   -7.970  9.776   1.00 26.15 ? 52   HIS A CA  1 
ATOM   378  C C   . HIS A 1 52  ? 6.838   -8.517  10.983  1.00 25.09 ? 52   HIS A C   1 
ATOM   379  O O   . HIS A 1 52  ? 7.412   -9.243  11.791  1.00 24.25 ? 52   HIS A O   1 
ATOM   380  C CB  . HIS A 1 52  ? 8.079   -6.557  10.085  1.00 28.59 ? 52   HIS A CB  1 
ATOM   381  C CG  . HIS A 1 52  ? 9.133   -6.071  9.143   1.00 32.79 ? 52   HIS A CG  1 
ATOM   382  N ND1 . HIS A 1 52  ? 10.247  -6.818  8.829   1.00 35.37 ? 52   HIS A ND1 1 
ATOM   383  C CD2 . HIS A 1 52  ? 9.254   -4.910  8.458   1.00 35.35 ? 52   HIS A CD2 1 
ATOM   384  C CE1 . HIS A 1 52  ? 11.009  -6.139  7.990   1.00 36.67 ? 52   HIS A CE1 1 
ATOM   385  N NE2 . HIS A 1 52  ? 10.429  -4.977  7.749   1.00 35.86 ? 52   HIS A NE2 1 
ATOM   386  N N   . ILE A 1 53  ? 5.561   -8.170  11.107  1.00 23.88 ? 53   ILE A N   1 
ATOM   387  C CA  . ILE A 1 53  ? 4.763   -8.641  12.234  1.00 24.47 ? 53   ILE A CA  1 
ATOM   388  C C   . ILE A 1 53  ? 4.507   -10.142 12.137  1.00 25.05 ? 53   ILE A C   1 
ATOM   389  O O   . ILE A 1 53  ? 4.661   -10.864 13.124  1.00 26.68 ? 53   ILE A O   1 
ATOM   390  C CB  . ILE A 1 53  ? 3.429   -7.874  12.321  1.00 23.54 ? 53   ILE A CB  1 
ATOM   391  C CG1 . ILE A 1 53  ? 3.711   -6.408  12.674  1.00 24.26 ? 53   ILE A CG1 1 
ATOM   392  C CG2 . ILE A 1 53  ? 2.520   -8.513  13.369  1.00 23.50 ? 53   ILE A CG2 1 
ATOM   393  C CD1 . ILE A 1 53  ? 2.502   -5.493  12.570  1.00 24.30 ? 53   ILE A CD1 1 
ATOM   394  N N   . LEU A 1 54  ? 4.128   -10.615 10.953  1.00 23.51 ? 54   LEU A N   1 
ATOM   395  C CA  . LEU A 1 54  ? 3.883   -12.041 10.760  1.00 26.45 ? 54   LEU A CA  1 
ATOM   396  C C   . LEU A 1 54  ? 5.148   -12.828 11.087  1.00 27.01 ? 54   LEU A C   1 
ATOM   397  O O   . LEU A 1 54  ? 5.087   -13.907 11.681  1.00 26.58 ? 54   LEU A O   1 
ATOM   398  C CB  . LEU A 1 54  ? 3.458   -12.328 9.318   1.00 25.00 ? 54   LEU A CB  1 
ATOM   399  C CG  . LEU A 1 54  ? 2.047   -11.889 8.921   1.00 23.20 ? 54   LEU A CG  1 
ATOM   400  C CD1 . LEU A 1 54  ? 1.763   -12.313 7.488   1.00 23.05 ? 54   LEU A CD1 1 
ATOM   401  C CD2 . LEU A 1 54  ? 1.032   -12.512 9.863   1.00 24.49 ? 54   LEU A CD2 1 
ATOM   402  N N   . LYS A 1 55  ? 6.293   -12.280 10.694  1.00 27.30 ? 55   LYS A N   1 
ATOM   403  C CA  . LYS A 1 55  ? 7.578   -12.915 10.950  1.00 31.59 ? 55   LYS A CA  1 
ATOM   404  C C   . LYS A 1 55  ? 7.823   -12.957 12.456  1.00 32.73 ? 55   LYS A C   1 
ATOM   405  O O   . LYS A 1 55  ? 8.228   -13.984 13.005  1.00 31.78 ? 55   LYS A O   1 
ATOM   406  C CB  . LYS A 1 55  ? 8.692   -12.125 10.252  1.00 33.12 ? 55   LYS A CB  1 
ATOM   407  C CG  . LYS A 1 55  ? 10.102  -12.650 10.472  1.00 37.72 ? 55   LYS A CG  1 
ATOM   408  C CD  . LYS A 1 55  ? 11.083  -11.922 9.556   1.00 40.52 ? 55   LYS A CD  1 
ATOM   409  C CE  . LYS A 1 55  ? 12.526  -12.318 9.824   1.00 42.17 ? 55   LYS A CE  1 
ATOM   410  N NZ  . LYS A 1 55  ? 13.007  -11.817 11.142  1.00 43.04 ? 55   LYS A NZ  1 
ATOM   411  N N   . LYS A 1 56  ? 7.563   -11.835 13.120  1.00 32.73 ? 56   LYS A N   1 
ATOM   412  C CA  . LYS A 1 56  ? 7.748   -11.738 14.561  1.00 34.33 ? 56   LYS A CA  1 
ATOM   413  C C   . LYS A 1 56  ? 6.817   -12.710 15.285  1.00 33.97 ? 56   LYS A C   1 
ATOM   414  O O   . LYS A 1 56  ? 7.174   -13.260 16.324  1.00 34.30 ? 56   LYS A O   1 
ATOM   415  C CB  . LYS A 1 56  ? 7.472   -10.307 15.030  1.00 35.87 ? 56   LYS A CB  1 
ATOM   416  C CG  . LYS A 1 56  ? 7.805   -10.046 16.489  1.00 39.85 ? 56   LYS A CG  1 
ATOM   417  C CD  . LYS A 1 56  ? 7.541   -8.594  16.863  1.00 42.15 ? 56   LYS A CD  1 
ATOM   418  C CE  . LYS A 1 56  ? 7.923   -8.311  18.309  1.00 44.48 ? 56   LYS A CE  1 
ATOM   419  N NZ  . LYS A 1 56  ? 7.164   -9.166  19.262  1.00 45.48 ? 56   LYS A NZ  1 
ATOM   420  N N   . LYS A 1 57  ? 5.627   -12.922 14.731  1.00 33.18 ? 57   LYS A N   1 
ATOM   421  C CA  . LYS A 1 57  ? 4.662   -13.827 15.344  1.00 32.52 ? 57   LYS A CA  1 
ATOM   422  C C   . LYS A 1 57  ? 4.873   -15.286 14.947  1.00 31.59 ? 57   LYS A C   1 
ATOM   423  O O   . LYS A 1 57  ? 3.981   -16.124 15.095  1.00 30.71 ? 57   LYS A O   1 
ATOM   424  C CB  . LYS A 1 57  ? 3.235   -13.376 15.025  1.00 34.25 ? 57   LYS A CB  1 
ATOM   425  C CG  . LYS A 1 57  ? 2.865   -12.076 15.730  1.00 35.96 ? 57   LYS A CG  1 
ATOM   426  C CD  . LYS A 1 57  ? 1.400   -11.717 15.559  1.00 38.98 ? 57   LYS A CD  1 
ATOM   427  C CE  . LYS A 1 57  ? 1.077   -10.427 16.292  1.00 41.15 ? 57   LYS A CE  1 
ATOM   428  N NZ  . LYS A 1 57  ? 1.462   -10.494 17.732  1.00 44.22 ? 57   LYS A NZ  1 
ATOM   429  N N   . ARG A 1 58  ? 6.065   -15.571 14.433  1.00 29.68 ? 58   ARG A N   1 
ATOM   430  C CA  . ARG A 1 58  ? 6.464   -16.923 14.051  1.00 29.99 ? 58   ARG A CA  1 
ATOM   431  C C   . ARG A 1 58  ? 5.638   -17.609 12.963  1.00 29.75 ? 58   ARG A C   1 
ATOM   432  O O   . ARG A 1 58  ? 5.534   -18.837 12.937  1.00 27.24 ? 58   ARG A O   1 
ATOM   433  C CB  . ARG A 1 58  ? 6.486   -17.801 15.305  1.00 30.73 ? 58   ARG A CB  1 
ATOM   434  C CG  . ARG A 1 58  ? 7.057   -17.089 16.529  1.00 32.54 ? 58   ARG A CG  1 
ATOM   435  C CD  . ARG A 1 58  ? 8.448   -16.541 16.248  1.00 33.70 ? 58   ARG A CD  1 
ATOM   436  N NE  . ARG A 1 58  ? 9.376   -17.616 15.923  1.00 35.37 ? 58   ARG A NE  1 
ATOM   437  C CZ  . ARG A 1 58  ? 9.824   -18.504 16.803  1.00 34.26 ? 58   ARG A CZ  1 
ATOM   438  N NH1 . ARG A 1 58  ? 9.435   -18.439 18.070  1.00 34.90 ? 58   ARG A NH1 1 
ATOM   439  N NH2 . ARG A 1 58  ? 10.646  -19.468 16.414  1.00 35.22 ? 58   ARG A NH2 1 
ATOM   440  N N   . GLN A 1 59  ? 5.061   -16.830 12.055  1.00 28.03 ? 59   GLN A N   1 
ATOM   441  C CA  . GLN A 1 59  ? 4.271   -17.418 10.988  1.00 28.25 ? 59   GLN A CA  1 
ATOM   442  C C   . GLN A 1 59  ? 5.178   -17.807 9.826   1.00 29.36 ? 59   GLN A C   1 
ATOM   443  O O   . GLN A 1 59  ? 6.191   -17.157 9.570   1.00 29.86 ? 59   GLN A O   1 
ATOM   444  C CB  . GLN A 1 59  ? 3.200   -16.431 10.509  1.00 28.80 ? 59   GLN A CB  1 
ATOM   445  C CG  . GLN A 1 59  ? 2.246   -15.947 11.601  1.00 27.14 ? 59   GLN A CG  1 
ATOM   446  C CD  . GLN A 1 59  ? 1.606   -17.082 12.379  1.00 27.35 ? 59   GLN A CD  1 
ATOM   447  O OE1 . GLN A 1 59  ? 1.920   -17.299 13.552  1.00 30.60 ? 59   GLN A OE1 1 
ATOM   448  N NE2 . GLN A 1 59  ? 0.708   -17.815 11.733  1.00 26.13 ? 59   GLN A NE2 1 
ATOM   449  N N   . GLU A 1 60  ? 4.816   -18.881 9.136   1.00 30.16 ? 60   GLU A N   1 
ATOM   450  C CA  . GLU A 1 60  ? 5.585   -19.354 7.994   1.00 31.29 ? 60   GLU A CA  1 
ATOM   451  C C   . GLU A 1 60  ? 4.900   -18.811 6.750   1.00 30.98 ? 60   GLU A C   1 
ATOM   452  O O   . GLU A 1 60  ? 3.903   -19.360 6.281   1.00 30.50 ? 60   GLU A O   1 
ATOM   453  C CB  . GLU A 1 60  ? 5.611   -20.884 7.981   1.00 34.27 ? 60   GLU A CB  1 
ATOM   454  C CG  . GLU A 1 60  ? 6.321   -21.477 9.191   1.00 38.47 ? 60   GLU A CG  1 
ATOM   455  C CD  . GLU A 1 60  ? 6.173   -22.985 9.292   1.00 40.99 ? 60   GLU A CD  1 
ATOM   456  O OE1 . GLU A 1 60  ? 6.573   -23.692 8.342   1.00 42.09 ? 60   GLU A OE1 1 
ATOM   457  O OE2 . GLU A 1 60  ? 5.659   -23.459 10.328  1.00 42.29 ? 60   GLU A OE2 1 
ATOM   458  N N   . VAL A 1 61  ? 5.440   -17.717 6.227   1.00 30.48 ? 61   VAL A N   1 
ATOM   459  C CA  . VAL A 1 61  ? 4.868   -17.075 5.055   1.00 29.95 ? 61   VAL A CA  1 
ATOM   460  C C   . VAL A 1 61  ? 5.486   -17.506 3.734   1.00 29.39 ? 61   VAL A C   1 
ATOM   461  O O   . VAL A 1 61  ? 6.695   -17.393 3.532   1.00 29.12 ? 61   VAL A O   1 
ATOM   462  C CB  . VAL A 1 61  ? 4.989   -15.542 5.161   1.00 31.39 ? 61   VAL A CB  1 
ATOM   463  C CG1 . VAL A 1 61  ? 4.423   -14.887 3.908   1.00 30.40 ? 61   VAL A CG1 1 
ATOM   464  C CG2 . VAL A 1 61  ? 4.261   -15.051 6.399   1.00 32.02 ? 61   VAL A CG2 1 
ATOM   465  N N   . LYS A 1 62  ? 4.642   -18.002 2.837   1.00 28.06 ? 62   LYS A N   1 
ATOM   466  C CA  . LYS A 1 62  ? 5.086   -18.412 1.514   1.00 27.73 ? 62   LYS A CA  1 
ATOM   467  C C   . LYS A 1 62  ? 4.868   -17.221 0.589   1.00 27.01 ? 62   LYS A C   1 
ATOM   468  O O   . LYS A 1 62  ? 5.657   -16.968 -0.322  1.00 26.66 ? 62   LYS A O   1 
ATOM   469  C CB  . LYS A 1 62  ? 4.269   -19.603 1.008   1.00 30.11 ? 62   LYS A CB  1 
ATOM   470  C CG  . LYS A 1 62  ? 4.598   -19.994 -0.423  1.00 32.72 ? 62   LYS A CG  1 
ATOM   471  C CD  . LYS A 1 62  ? 3.615   -21.011 -0.984  1.00 36.90 ? 62   LYS A CD  1 
ATOM   472  C CE  . LYS A 1 62  ? 3.636   -22.312 -0.204  1.00 37.57 ? 62   LYS A CE  1 
ATOM   473  N NZ  . LYS A 1 62  ? 2.740   -23.322 -0.837  1.00 41.78 ? 62   LYS A NZ  1 
ATOM   474  N N   . ASP A 1 63  ? 3.792   -16.481 0.836   1.00 25.02 ? 63   ASP A N   1 
ATOM   475  C CA  . ASP A 1 63  ? 3.478   -15.319 0.017   1.00 25.05 ? 63   ASP A CA  1 
ATOM   476  C C   . ASP A 1 63  ? 2.469   -14.411 0.710   1.00 25.04 ? 63   ASP A C   1 
ATOM   477  O O   . ASP A 1 63  ? 1.718   -14.838 1.588   1.00 23.81 ? 63   ASP A O   1 
ATOM   478  C CB  . ASP A 1 63  ? 2.926   -15.779 -1.338  1.00 26.55 ? 63   ASP A CB  1 
ATOM   479  C CG  . ASP A 1 63  ? 2.903   -14.666 -2.380  1.00 28.18 ? 63   ASP A CG  1 
ATOM   480  O OD1 . ASP A 1 63  ? 3.521   -13.606 -2.150  1.00 29.10 ? 63   ASP A OD1 1 
ATOM   481  O OD2 . ASP A 1 63  ? 2.271   -14.865 -3.438  1.00 31.97 ? 63   ASP A OD2 1 
ATOM   482  N N   . ILE A 1 64  ? 2.479   -13.142 0.323   1.00 24.04 ? 64   ILE A N   1 
ATOM   483  C CA  . ILE A 1 64  ? 1.550   -12.161 0.865   1.00 22.74 ? 64   ILE A CA  1 
ATOM   484  C C   . ILE A 1 64  ? 1.063   -11.399 -0.353  1.00 24.00 ? 64   ILE A C   1 
ATOM   485  O O   . ILE A 1 64  ? 1.865   -10.849 -1.107  1.00 24.01 ? 64   ILE A O   1 
ATOM   486  C CB  . ILE A 1 64  ? 2.239   -11.170 1.834   1.00 24.83 ? 64   ILE A CB  1 
ATOM   487  C CG1 . ILE A 1 64  ? 2.721   -11.907 3.084   1.00 23.67 ? 64   ILE A CG1 1 
ATOM   488  C CG2 . ILE A 1 64  ? 1.265   -10.050 2.216   1.00 23.91 ? 64   ILE A CG2 1 
ATOM   489  C CD1 . ILE A 1 64  ? 3.503   -11.044 4.054   1.00 25.16 ? 64   ILE A CD1 1 
ATOM   490  N N   . LYS A 1 65  ? -0.248  -11.406 -0.565  1.00 21.21 ? 65   LYS A N   1 
ATOM   491  C CA  . LYS A 1 65  ? -0.839  -10.705 -1.693  1.00 22.77 ? 65   LYS A CA  1 
ATOM   492  C C   . LYS A 1 65  ? -1.746  -9.615  -1.148  1.00 21.79 ? 65   LYS A C   1 
ATOM   493  O O   . LYS A 1 65  ? -2.519  -9.847  -0.219  1.00 21.71 ? 65   LYS A O   1 
ATOM   494  C CB  . LYS A 1 65  ? -1.651  -11.669 -2.559  1.00 23.78 ? 65   LYS A CB  1 
ATOM   495  C CG  . LYS A 1 65  ? -0.828  -12.789 -3.188  1.00 27.48 ? 65   LYS A CG  1 
ATOM   496  C CD  . LYS A 1 65  ? -1.699  -13.674 -4.062  1.00 29.93 ? 65   LYS A CD  1 
ATOM   497  C CE  . LYS A 1 65  ? -0.882  -14.765 -4.738  1.00 33.79 ? 65   LYS A CE  1 
ATOM   498  N NZ  . LYS A 1 65  ? -1.745  -15.673 -5.549  1.00 34.89 ? 65   LYS A NZ  1 
ATOM   499  N N   . ILE A 1 66  ? -1.644  -8.421  -1.717  1.00 19.23 ? 66   ILE A N   1 
ATOM   500  C CA  . ILE A 1 66  ? -2.474  -7.315  -1.265  1.00 20.21 ? 66   ILE A CA  1 
ATOM   501  C C   . ILE A 1 66  ? -3.192  -6.710  -2.458  1.00 20.91 ? 66   ILE A C   1 
ATOM   502  O O   . ILE A 1 66  ? -2.568  -6.325  -3.447  1.00 20.70 ? 66   ILE A O   1 
ATOM   503  C CB  . ILE A 1 66  ? -1.632  -6.233  -0.564  1.00 19.79 ? 66   ILE A CB  1 
ATOM   504  C CG1 . ILE A 1 66  ? -0.770  -6.872  0.530   1.00 19.75 ? 66   ILE A CG1 1 
ATOM   505  C CG2 . ILE A 1 66  ? -2.552  -5.190  0.060   1.00 18.82 ? 66   ILE A CG2 1 
ATOM   506  C CD1 . ILE A 1 66  ? 0.181   -5.903  1.218   1.00 18.87 ? 66   ILE A CD1 1 
ATOM   507  N N   . PHE A 1 67  ? -4.513  -6.638  -2.360  1.00 19.49 ? 67   PHE A N   1 
ATOM   508  C CA  . PHE A 1 67  ? -5.331  -6.104  -3.430  1.00 21.04 ? 67   PHE A CA  1 
ATOM   509  C C   . PHE A 1 67  ? -5.969  -4.799  -2.996  1.00 19.77 ? 67   PHE A C   1 
ATOM   510  O O   . PHE A 1 67  ? -6.678  -4.750  -1.996  1.00 20.34 ? 67   PHE A O   1 
ATOM   511  C CB  . PHE A 1 67  ? -6.413  -7.120  -3.799  1.00 22.25 ? 67   PHE A CB  1 
ATOM   512  C CG  . PHE A 1 67  ? -5.860  -8.460  -4.188  1.00 24.18 ? 67   PHE A CG  1 
ATOM   513  C CD1 . PHE A 1 67  ? -5.440  -8.704  -5.491  1.00 26.92 ? 67   PHE A CD1 1 
ATOM   514  C CD2 . PHE A 1 67  ? -5.703  -9.461  -3.235  1.00 25.68 ? 67   PHE A CD2 1 
ATOM   515  C CE1 . PHE A 1 67  ? -4.866  -9.929  -5.840  1.00 25.85 ? 67   PHE A CE1 1 
ATOM   516  C CE2 . PHE A 1 67  ? -5.131  -10.686 -3.573  1.00 23.62 ? 67   PHE A CE2 1 
ATOM   517  C CZ  . PHE A 1 67  ? -4.711  -10.919 -4.877  1.00 26.26 ? 67   PHE A CZ  1 
ATOM   518  N N   . LEU A 1 68  ? -5.708  -3.734  -3.744  1.00 19.41 ? 68   LEU A N   1 
ATOM   519  C CA  . LEU A 1 68  ? -6.287  -2.444  -3.412  1.00 18.93 ? 68   LEU A CA  1 
ATOM   520  C C   . LEU A 1 68  ? -7.182  -1.946  -4.531  1.00 19.01 ? 68   LEU A C   1 
ATOM   521  O O   . LEU A 1 68  ? -6.827  -2.013  -5.704  1.00 19.80 ? 68   LEU A O   1 
ATOM   522  C CB  . LEU A 1 68  ? -5.193  -1.411  -3.136  1.00 19.56 ? 68   LEU A CB  1 
ATOM   523  C CG  . LEU A 1 68  ? -4.271  -1.720  -1.955  1.00 19.65 ? 68   LEU A CG  1 
ATOM   524  C CD1 . LEU A 1 68  ? -3.004  -2.413  -2.456  1.00 19.45 ? 68   LEU A CD1 1 
ATOM   525  C CD2 . LEU A 1 68  ? -3.923  -0.429  -1.237  1.00 18.10 ? 68   LEU A CD2 1 
ATOM   526  N N   . LYS A 1 69  ? -8.354  -1.449  -4.155  1.00 17.99 ? 69   LYS A N   1 
ATOM   527  C CA  . LYS A 1 69  ? -9.299  -0.919  -5.122  1.00 19.57 ? 69   LYS A CA  1 
ATOM   528  C C   . LYS A 1 69  ? -9.779  0.431   -4.623  1.00 19.48 ? 69   LYS A C   1 
ATOM   529  O O   . LYS A 1 69  ? -10.293 0.545   -3.508  1.00 20.75 ? 69   LYS A O   1 
ATOM   530  C CB  . LYS A 1 69  ? -10.498 -1.853  -5.289  1.00 20.95 ? 69   LYS A CB  1 
ATOM   531  C CG  . LYS A 1 69  ? -11.580 -1.283  -6.195  1.00 24.94 ? 69   LYS A CG  1 
ATOM   532  C CD  . LYS A 1 69  ? -12.752 -2.237  -6.364  1.00 29.18 ? 69   LYS A CD  1 
ATOM   533  C CE  . LYS A 1 69  ? -12.313 -3.552  -6.981  1.00 32.30 ? 69   LYS A CE  1 
ATOM   534  N NZ  . LYS A 1 69  ? -13.468 -4.457  -7.257  1.00 36.21 ? 69   LYS A NZ  1 
ATOM   535  N N   . GLY A 1 70  ? -9.612  1.457   -5.449  1.00 18.87 ? 70   GLY A N   1 
ATOM   536  C CA  . GLY A 1 70  ? -10.042 2.780   -5.048  1.00 18.53 ? 70   GLY A CA  1 
ATOM   537  C C   . GLY A 1 70  ? -11.113 3.317   -5.972  1.00 18.61 ? 70   GLY A C   1 
ATOM   538  O O   . GLY A 1 70  ? -11.018 3.163   -7.187  1.00 19.24 ? 70   GLY A O   1 
ATOM   539  N N   . LYS A 1 71  ? -12.141 3.930   -5.391  1.00 17.75 ? 71   LYS A N   1 
ATOM   540  C CA  . LYS A 1 71  ? -13.237 4.517   -6.161  1.00 19.72 ? 71   LYS A CA  1 
ATOM   541  C C   . LYS A 1 71  ? -13.144 6.030   -6.007  1.00 18.56 ? 71   LYS A C   1 
ATOM   542  O O   . LYS A 1 71  ? -13.190 6.554   -4.891  1.00 18.93 ? 71   LYS A O   1 
ATOM   543  C CB  . LYS A 1 71  ? -14.583 4.009   -5.639  1.00 20.34 ? 71   LYS A CB  1 
ATOM   544  C CG  . LYS A 1 71  ? -14.802 2.527   -5.875  1.00 25.27 ? 71   LYS A CG  1 
ATOM   545  C CD  . LYS A 1 71  ? -16.131 2.063   -5.295  1.00 29.87 ? 71   LYS A CD  1 
ATOM   546  C CE  . LYS A 1 71  ? -16.394 0.598   -5.615  1.00 33.20 ? 71   LYS A CE  1 
ATOM   547  N NZ  . LYS A 1 71  ? -15.321 -0.294  -5.093  1.00 37.84 ? 71   LYS A NZ  1 
ATOM   548  N N   . ARG A 1 72  ? -13.025 6.729   -7.131  1.00 18.78 ? 72   ARG A N   1 
ATOM   549  C CA  . ARG A 1 72  ? -12.863 8.178   -7.121  1.00 17.93 ? 72   ARG A CA  1 
ATOM   550  C C   . ARG A 1 72  ? -14.125 9.012   -7.269  1.00 20.07 ? 72   ARG A C   1 
ATOM   551  O O   . ARG A 1 72  ? -15.077 8.614   -7.941  1.00 19.90 ? 72   ARG A O   1 
ATOM   552  C CB  . ARG A 1 72  ? -11.892 8.591   -8.230  1.00 18.05 ? 72   ARG A CB  1 
ATOM   553  C CG  . ARG A 1 72  ? -10.582 7.831   -8.215  1.00 17.42 ? 72   ARG A CG  1 
ATOM   554  C CD  . ARG A 1 72  ? -9.724  8.200   -9.408  1.00 17.01 ? 72   ARG A CD  1 
ATOM   555  N NE  . ARG A 1 72  ? -9.273  9.586   -9.363  1.00 19.40 ? 72   ARG A NE  1 
ATOM   556  C CZ  . ARG A 1 72  ? -8.440  10.119  -10.249 1.00 20.87 ? 72   ARG A CZ  1 
ATOM   557  N NH1 . ARG A 1 72  ? -7.981  9.380   -11.250 1.00 22.45 ? 72   ARG A NH1 1 
ATOM   558  N NH2 . ARG A 1 72  ? -8.036  11.371  -10.113 1.00 19.72 ? 72   ARG A NH2 1 
ATOM   559  N N   . ARG A 1 73  ? -14.106 10.182  -6.637  1.00 19.76 ? 73   ARG A N   1 
ATOM   560  C CA  . ARG A 1 73  ? -15.206 11.130  -6.710  1.00 21.17 ? 73   ARG A CA  1 
ATOM   561  C C   . ARG A 1 73  ? -15.258 11.604  -8.158  1.00 21.11 ? 73   ARG A C   1 
ATOM   562  O O   . ARG A 1 73  ? -14.252 11.555  -8.867  1.00 21.52 ? 73   ARG A O   1 
ATOM   563  C CB  . ARG A 1 73  ? -14.943 12.318  -5.777  1.00 22.43 ? 73   ARG A CB  1 
ATOM   564  C CG  . ARG A 1 73  ? -15.988 13.415  -5.850  1.00 25.30 ? 73   ARG A CG  1 
ATOM   565  C CD  . ARG A 1 73  ? -15.835 14.418  -4.720  1.00 27.11 ? 73   ARG A CD  1 
ATOM   566  N NE  . ARG A 1 73  ? -14.561 15.131  -4.760  1.00 29.57 ? 73   ARG A NE  1 
ATOM   567  C CZ  . ARG A 1 73  ? -14.188 16.028  -3.853  1.00 29.59 ? 73   ARG A CZ  1 
ATOM   568  N NH1 . ARG A 1 73  ? -14.992 16.319  -2.838  1.00 30.73 ? 73   ARG A NH1 1 
ATOM   569  N NH2 . ARG A 1 73  ? -13.015 16.635  -3.957  1.00 29.39 ? 73   ARG A NH2 1 
ATOM   570  N N   . GLU A 1 74  ? -16.417 12.076  -8.599  1.00 22.80 ? 74   GLU A N   1 
ATOM   571  C CA  . GLU A 1 74  ? -16.560 12.518  -9.979  1.00 24.36 ? 74   GLU A CA  1 
ATOM   572  C C   . GLU A 1 74  ? -16.214 13.982  -10.241 1.00 25.08 ? 74   GLU A C   1 
ATOM   573  O O   . GLU A 1 74  ? -16.042 14.380  -11.391 1.00 29.28 ? 74   GLU A O   1 
ATOM   574  C CB  . GLU A 1 74  ? -17.978 12.190  -10.463 1.00 24.27 ? 74   GLU A CB  1 
ATOM   575  C CG  . GLU A 1 74  ? -18.207 10.686  -10.509 1.00 27.11 ? 74   GLU A CG  1 
ATOM   576  C CD  . GLU A 1 74  ? -19.655 10.291  -10.720 1.00 30.72 ? 74   GLU A CD  1 
ATOM   577  O OE1 . GLU A 1 74  ? -19.928 9.072   -10.743 1.00 30.28 ? 74   GLU A OE1 1 
ATOM   578  O OE2 . GLU A 1 74  ? -20.514 11.188  -10.855 1.00 31.34 ? 74   GLU A OE2 1 
ATOM   579  N N   . LYS A 1 75  ? -16.095 14.774  -9.182  1.00 24.07 ? 75   LYS A N   1 
ATOM   580  C CA  . LYS A 1 75  ? -15.744 16.184  -9.318  1.00 24.28 ? 75   LYS A CA  1 
ATOM   581  C C   . LYS A 1 75  ? -14.360 16.439  -8.726  1.00 22.77 ? 75   LYS A C   1 
ATOM   582  O O   . LYS A 1 75  ? -13.911 15.706  -7.847  1.00 21.36 ? 75   LYS A O   1 
ATOM   583  C CB  . LYS A 1 75  ? -16.792 17.052  -8.619  1.00 27.88 ? 75   LYS A CB  1 
ATOM   584  C CG  . LYS A 1 75  ? -18.160 16.954  -9.269  1.00 33.20 ? 75   LYS A CG  1 
ATOM   585  C CD  . LYS A 1 75  ? -19.221 17.703  -8.489  1.00 37.94 ? 75   LYS A CD  1 
ATOM   586  C CE  . LYS A 1 75  ? -20.547 17.664  -9.234  1.00 41.07 ? 75   LYS A CE  1 
ATOM   587  N NZ  . LYS A 1 75  ? -20.970 16.263  -9.526  1.00 43.58 ? 75   LYS A NZ  1 
ATOM   588  N N   . HIS A 1 76  ? -13.689 17.478  -9.214  1.00 20.77 ? 76   HIS A N   1 
ATOM   589  C CA  . HIS A 1 76  ? -12.346 17.813  -8.744  1.00 21.78 ? 76   HIS A CA  1 
ATOM   590  C C   . HIS A 1 76  ? -12.310 18.423  -7.344  1.00 21.57 ? 76   HIS A C   1 
ATOM   591  O O   . HIS A 1 76  ? -13.146 19.260  -7.000  1.00 20.80 ? 76   HIS A O   1 
ATOM   592  C CB  . HIS A 1 76  ? -11.669 18.777  -9.724  1.00 23.93 ? 76   HIS A CB  1 
ATOM   593  C CG  . HIS A 1 76  ? -11.494 18.220  -11.101 1.00 26.94 ? 76   HIS A CG  1 
ATOM   594  N ND1 . HIS A 1 76  ? -12.301 18.578  -12.160 1.00 30.30 ? 76   HIS A ND1 1 
ATOM   595  C CD2 . HIS A 1 76  ? -10.597 17.334  -11.597 1.00 26.50 ? 76   HIS A CD2 1 
ATOM   596  C CE1 . HIS A 1 76  ? -11.909 17.938  -13.248 1.00 27.17 ? 76   HIS A CE1 1 
ATOM   597  N NE2 . HIS A 1 76  ? -10.876 17.177  -12.933 1.00 29.83 ? 76   HIS A NE2 1 
ATOM   598  N N   . PRO A 1 77  ? -11.345 17.994  -6.508  1.00 19.52 ? 77   PRO A N   1 
ATOM   599  C CA  . PRO A 1 77  ? -10.333 16.981  -6.839  1.00 18.98 ? 77   PRO A CA  1 
ATOM   600  C C   . PRO A 1 77  ? -10.935 15.574  -6.762  1.00 17.36 ? 77   PRO A C   1 
ATOM   601  O O   . PRO A 1 77  ? -11.694 15.263  -5.845  1.00 17.89 ? 77   PRO A O   1 
ATOM   602  C CB  . PRO A 1 77  ? -9.247  17.224  -5.791  1.00 19.98 ? 77   PRO A CB  1 
ATOM   603  C CG  . PRO A 1 77  ? -10.023 17.696  -4.610  1.00 19.95 ? 77   PRO A CG  1 
ATOM   604  C CD  . PRO A 1 77  ? -11.016 18.660  -5.234  1.00 21.22 ? 77   PRO A CD  1 
ATOM   605  N N   . LYS A 1 78  ? -10.582 14.732  -7.726  1.00 18.16 ? 78   LYS A N   1 
ATOM   606  C CA  . LYS A 1 78  ? -11.118 13.380  -7.795  1.00 18.45 ? 78   LYS A CA  1 
ATOM   607  C C   . LYS A 1 78  ? -10.415 12.396  -6.870  1.00 17.27 ? 78   LYS A C   1 
ATOM   608  O O   . LYS A 1 78  ? -9.828  11.409  -7.310  1.00 16.78 ? 78   LYS A O   1 
ATOM   609  C CB  . LYS A 1 78  ? -11.073 12.894  -9.244  1.00 20.48 ? 78   LYS A CB  1 
ATOM   610  C CG  . LYS A 1 78  ? -11.880 13.793  -10.182 1.00 23.42 ? 78   LYS A CG  1 
ATOM   611  C CD  . LYS A 1 78  ? -11.953 13.232  -11.589 1.00 25.45 ? 78   LYS A CD  1 
ATOM   612  C CE  . LYS A 1 78  ? -12.885 14.073  -12.448 1.00 31.30 ? 78   LYS A CE  1 
ATOM   613  N NZ  . LYS A 1 78  ? -13.027 13.533  -13.827 1.00 34.78 ? 78   LYS A NZ  1 
ATOM   614  N N   . ILE A 1 79  ? -10.493 12.680  -5.576  1.00 17.33 ? 79   ILE A N   1 
ATOM   615  C CA  . ILE A 1 79  ? -9.880  11.837  -4.559  1.00 15.46 ? 79   ILE A CA  1 
ATOM   616  C C   . ILE A 1 79  ? -10.614 10.504  -4.464  1.00 16.76 ? 79   ILE A C   1 
ATOM   617  O O   . ILE A 1 79  ? -11.710 10.346  -4.998  1.00 16.33 ? 79   ILE A O   1 
ATOM   618  C CB  . ILE A 1 79  ? -9.964  12.501  -3.168  1.00 16.35 ? 79   ILE A CB  1 
ATOM   619  C CG1 . ILE A 1 79  ? -11.434 12.715  -2.789  1.00 19.43 ? 79   ILE A CG1 1 
ATOM   620  C CG2 . ILE A 1 79  ? -9.211  13.828  -3.166  1.00 16.49 ? 79   ILE A CG2 1 
ATOM   621  C CD1 . ILE A 1 79  ? -11.646 13.263  -1.396  1.00 20.40 ? 79   ILE A CD1 1 
ATOM   622  N N   . TYR A 1 80  ? -10.005 9.539   -3.784  1.00 16.36 ? 80   TYR A N   1 
ATOM   623  C CA  . TYR A 1 80  ? -10.656 8.251   -3.576  1.00 17.30 ? 80   TYR A CA  1 
ATOM   624  C C   . TYR A 1 80  ? -11.677 8.434   -2.457  1.00 17.78 ? 80   TYR A C   1 
ATOM   625  O O   . TYR A 1 80  ? -11.311 8.782   -1.335  1.00 17.78 ? 80   TYR A O   1 
ATOM   626  C CB  . TYR A 1 80  ? -9.649  7.188   -3.130  1.00 16.19 ? 80   TYR A CB  1 
ATOM   627  C CG  . TYR A 1 80  ? -8.694  6.724   -4.201  1.00 14.94 ? 80   TYR A CG  1 
ATOM   628  C CD1 . TYR A 1 80  ? -9.164  6.213   -5.410  1.00 14.22 ? 80   TYR A CD1 1 
ATOM   629  C CD2 . TYR A 1 80  ? -7.317  6.764   -3.988  1.00 14.74 ? 80   TYR A CD2 1 
ATOM   630  C CE1 . TYR A 1 80  ? -8.283  5.744   -6.380  1.00 15.24 ? 80   TYR A CE1 1 
ATOM   631  C CE2 . TYR A 1 80  ? -6.427  6.303   -4.950  1.00 16.34 ? 80   TYR A CE2 1 
ATOM   632  C CZ  . TYR A 1 80  ? -6.917  5.793   -6.143  1.00 16.63 ? 80   TYR A CZ  1 
ATOM   633  O OH  . TYR A 1 80  ? -6.037  5.321   -7.082  1.00 15.63 ? 80   TYR A OH  1 
ATOM   634  N N   . GLU A 1 81  ? -12.953 8.212   -2.751  1.00 18.34 ? 81   GLU A N   1 
ATOM   635  C CA  . GLU A 1 81  ? -13.973 8.344   -1.721  1.00 21.64 ? 81   GLU A CA  1 
ATOM   636  C C   . GLU A 1 81  ? -13.979 7.056   -0.909  1.00 20.65 ? 81   GLU A C   1 
ATOM   637  O O   . GLU A 1 81  ? -14.445 7.018   0.232   1.00 21.82 ? 81   GLU A O   1 
ATOM   638  C CB  . GLU A 1 81  ? -15.353 8.565   -2.345  1.00 26.44 ? 81   GLU A CB  1 
ATOM   639  C CG  . GLU A 1 81  ? -15.422 9.763   -3.277  1.00 34.72 ? 81   GLU A CG  1 
ATOM   640  C CD  . GLU A 1 81  ? -16.733 10.521  -3.167  1.00 37.68 ? 81   GLU A CD  1 
ATOM   641  O OE1 . GLU A 1 81  ? -17.805 9.887   -3.252  1.00 42.36 ? 81   GLU A OE1 1 
ATOM   642  O OE2 . GLU A 1 81  ? -16.687 11.757  -2.998  1.00 42.96 ? 81   GLU A OE2 1 
ATOM   643  N N   . GLU A 1 82  ? -13.441 6.004   -1.510  1.00 19.67 ? 82   GLU A N   1 
ATOM   644  C CA  . GLU A 1 82  ? -13.383 4.703   -0.866  1.00 19.91 ? 82   GLU A CA  1 
ATOM   645  C C   . GLU A 1 82  ? -12.148 3.946   -1.322  1.00 19.59 ? 82   GLU A C   1 
ATOM   646  O O   . GLU A 1 82  ? -11.765 4.011   -2.487  1.00 18.73 ? 82   GLU A O   1 
ATOM   647  C CB  . GLU A 1 82  ? -14.642 3.899   -1.215  1.00 22.76 ? 82   GLU A CB  1 
ATOM   648  C CG  . GLU A 1 82  ? -14.559 2.416   -0.899  1.00 27.51 ? 82   GLU A CG  1 
ATOM   649  C CD  . GLU A 1 82  ? -15.776 1.644   -1.385  1.00 30.19 ? 82   GLU A CD  1 
ATOM   650  O OE1 . GLU A 1 82  ? -15.597 0.511   -1.874  1.00 31.50 ? 82   GLU A OE1 1 
ATOM   651  O OE2 . GLU A 1 82  ? -16.907 2.164   -1.272  1.00 30.87 ? 82   GLU A OE2 1 
ATOM   652  N N   . ILE A 1 83  ? -11.511 3.250   -0.388  1.00 18.77 ? 83   ILE A N   1 
ATOM   653  C CA  . ILE A 1 83  ? -10.344 2.441   -0.710  1.00 17.30 ? 83   ILE A CA  1 
ATOM   654  C C   . ILE A 1 83  ? -10.536 1.100   -0.026  1.00 18.10 ? 83   ILE A C   1 
ATOM   655  O O   . ILE A 1 83  ? -10.680 1.038   1.195   1.00 18.97 ? 83   ILE A O   1 
ATOM   656  C CB  . ILE A 1 83  ? -9.025  3.054   -0.185  1.00 17.45 ? 83   ILE A CB  1 
ATOM   657  C CG1 . ILE A 1 83  ? -8.782  4.420   -0.830  1.00 17.28 ? 83   ILE A CG1 1 
ATOM   658  C CG2 . ILE A 1 83  ? -7.861  2.104   -0.504  1.00 18.95 ? 83   ILE A CG2 1 
ATOM   659  C CD1 . ILE A 1 83  ? -7.485  5.073   -0.407  1.00 19.80 ? 83   ILE A CD1 1 
ATOM   660  N N   . GLU A 1 84  ? -10.561 0.034   -0.819  1.00 19.04 ? 84   GLU A N   1 
ATOM   661  C CA  . GLU A 1 84  ? -10.714 -1.311  -0.282  1.00 20.93 ? 84   GLU A CA  1 
ATOM   662  C C   . GLU A 1 84  ? -9.359  -1.983  -0.319  1.00 18.92 ? 84   GLU A C   1 
ATOM   663  O O   . GLU A 1 84  ? -8.672  -1.947  -1.343  1.00 19.93 ? 84   GLU A O   1 
ATOM   664  C CB  . GLU A 1 84  ? -11.684 -2.133  -1.129  1.00 23.57 ? 84   GLU A CB  1 
ATOM   665  C CG  . GLU A 1 84  ? -13.123 -1.683  -1.089  1.00 31.86 ? 84   GLU A CG  1 
ATOM   666  C CD  . GLU A 1 84  ? -14.024 -2.626  -1.865  1.00 36.46 ? 84   GLU A CD  1 
ATOM   667  O OE1 . GLU A 1 84  ? -14.077 -3.822  -1.505  1.00 39.44 ? 84   GLU A OE1 1 
ATOM   668  O OE2 . GLU A 1 84  ? -14.671 -2.177  -2.835  1.00 40.03 ? 84   GLU A OE2 1 
ATOM   669  N N   . ILE A 1 85  ? -8.968  -2.593  0.795   1.00 17.74 ? 85   ILE A N   1 
ATOM   670  C CA  . ILE A 1 85  ? -7.691  -3.279  0.851   1.00 17.07 ? 85   ILE A CA  1 
ATOM   671  C C   . ILE A 1 85  ? -7.935  -4.682  1.368   1.00 16.57 ? 85   ILE A C   1 
ATOM   672  O O   . ILE A 1 85  ? -8.527  -4.862  2.435   1.00 18.40 ? 85   ILE A O   1 
ATOM   673  C CB  . ILE A 1 85  ? -6.693  -2.587  1.804   1.00 17.91 ? 85   ILE A CB  1 
ATOM   674  C CG1 . ILE A 1 85  ? -6.548  -1.105  1.443   1.00 18.96 ? 85   ILE A CG1 1 
ATOM   675  C CG2 . ILE A 1 85  ? -5.341  -3.280  1.716   1.00 19.49 ? 85   ILE A CG2 1 
ATOM   676  C CD1 . ILE A 1 85  ? -5.617  -0.333  2.357   1.00 22.07 ? 85   ILE A CD1 1 
ATOM   677  N N   . LYS A 1 86  ? -7.484  -5.671  0.605   1.00 17.33 ? 86   LYS A N   1 
ATOM   678  C CA  . LYS A 1 86  ? -7.639  -7.065  0.993   1.00 20.68 ? 86   LYS A CA  1 
ATOM   679  C C   . LYS A 1 86  ? -6.261  -7.703  1.112   1.00 21.47 ? 86   LYS A C   1 
ATOM   680  O O   . LYS A 1 86  ? -5.480  -7.689  0.158   1.00 21.38 ? 86   LYS A O   1 
ATOM   681  C CB  . LYS A 1 86  ? -8.466  -7.820  -0.049  1.00 23.56 ? 86   LYS A CB  1 
ATOM   682  C CG  . LYS A 1 86  ? -8.675  -9.290  0.273   1.00 29.45 ? 86   LYS A CG  1 
ATOM   683  C CD  . LYS A 1 86  ? -9.484  -9.977  -0.817  1.00 32.47 ? 86   LYS A CD  1 
ATOM   684  C CE  . LYS A 1 86  ? -9.680  -11.448 -0.510  1.00 37.24 ? 86   LYS A CE  1 
ATOM   685  N NZ  . LYS A 1 86  ? -10.366 -11.639 0.797   1.00 39.69 ? 86   LYS A NZ  1 
ATOM   686  N N   . TYR A 1 87  ? -5.968  -8.249  2.288   1.00 19.19 ? 87   TYR A N   1 
ATOM   687  C CA  . TYR A 1 87  ? -4.688  -8.900  2.542   1.00 20.67 ? 87   TYR A CA  1 
ATOM   688  C C   . TYR A 1 87  ? -4.880  -10.412 2.503   1.00 21.57 ? 87   TYR A C   1 
ATOM   689  O O   . TYR A 1 87  ? -5.772  -10.943 3.165   1.00 22.75 ? 87   TYR A O   1 
ATOM   690  C CB  . TYR A 1 87  ? -4.163  -8.533  3.930   1.00 21.42 ? 87   TYR A CB  1 
ATOM   691  C CG  . TYR A 1 87  ? -3.939  -7.059  4.167   1.00 20.94 ? 87   TYR A CG  1 
ATOM   692  C CD1 . TYR A 1 87  ? -2.673  -6.493  4.017   1.00 20.27 ? 87   TYR A CD1 1 
ATOM   693  C CD2 . TYR A 1 87  ? -4.987  -6.233  4.567   1.00 20.63 ? 87   TYR A CD2 1 
ATOM   694  C CE1 . TYR A 1 87  ? -2.455  -5.138  4.268   1.00 21.63 ? 87   TYR A CE1 1 
ATOM   695  C CE2 . TYR A 1 87  ? -4.780  -4.881  4.816   1.00 19.46 ? 87   TYR A CE2 1 
ATOM   696  C CZ  . TYR A 1 87  ? -3.514  -4.340  4.669   1.00 20.56 ? 87   TYR A CZ  1 
ATOM   697  O OH  . TYR A 1 87  ? -3.306  -3.008  4.940   1.00 21.85 ? 87   TYR A OH  1 
ATOM   698  N N   . VAL A 1 88  ? -4.042  -11.097 1.734   1.00 20.43 ? 88   VAL A N   1 
ATOM   699  C CA  . VAL A 1 88  ? -4.110  -12.549 1.651   1.00 22.68 ? 88   VAL A CA  1 
ATOM   700  C C   . VAL A 1 88  ? -2.745  -13.109 2.031   1.00 21.93 ? 88   VAL A C   1 
ATOM   701  O O   . VAL A 1 88  ? -1.754  -12.875 1.337   1.00 22.83 ? 88   VAL A O   1 
ATOM   702  C CB  . VAL A 1 88  ? -4.473  -13.027 0.221   1.00 23.03 ? 88   VAL A CB  1 
ATOM   703  C CG1 . VAL A 1 88  ? -4.451  -14.553 0.160   1.00 25.97 ? 88   VAL A CG1 1 
ATOM   704  C CG2 . VAL A 1 88  ? -5.850  -12.506 -0.175  1.00 24.27 ? 88   VAL A CG2 1 
ATOM   705  N N   . ALA A 1 89  ? -2.684  -13.827 3.149   1.00 22.34 ? 89   ALA A N   1 
ATOM   706  C CA  . ALA A 1 89  ? -1.427  -14.421 3.583   1.00 21.91 ? 89   ALA A CA  1 
ATOM   707  C C   . ALA A 1 89  ? -1.467  -15.884 3.164   1.00 22.39 ? 89   ALA A C   1 
ATOM   708  O O   . ALA A 1 89  ? -2.462  -16.569 3.393   1.00 22.89 ? 89   ALA A O   1 
ATOM   709  C CB  . ALA A 1 89  ? -1.271  -14.307 5.093   1.00 23.57 ? 89   ALA A CB  1 
ATOM   710  N N   . VAL A 1 90  ? -0.390  -16.348 2.543   1.00 19.76 ? 90   VAL A N   1 
ATOM   711  C CA  . VAL A 1 90  ? -0.308  -17.724 2.067   1.00 21.73 ? 90   VAL A CA  1 
ATOM   712  C C   . VAL A 1 90  ? 0.798   -18.469 2.797   1.00 21.89 ? 90   VAL A C   1 
ATOM   713  O O   . VAL A 1 90  ? 1.933   -18.000 2.849   1.00 23.18 ? 90   VAL A O   1 
ATOM   714  C CB  . VAL A 1 90  ? -0.005  -17.759 0.544   1.00 20.83 ? 90   VAL A CB  1 
ATOM   715  C CG1 . VAL A 1 90  ? 0.027   -19.193 0.044   1.00 22.49 ? 90   VAL A CG1 1 
ATOM   716  C CG2 . VAL A 1 90  ? -1.045  -16.940 -0.213  1.00 20.97 ? 90   VAL A CG2 1 
ATOM   717  N N   . GLY A 1 91  ? 0.462   -19.633 3.357   1.00 22.54 ? 91   GLY A N   1 
ATOM   718  C CA  . GLY A 1 91  ? 1.448   -20.426 4.070   1.00 23.06 ? 91   GLY A CA  1 
ATOM   719  C C   . GLY A 1 91  ? 0.867   -20.984 5.355   1.00 22.58 ? 91   GLY A C   1 
ATOM   720  O O   . GLY A 1 91  ? -0.341  -21.171 5.462   1.00 23.17 ? 91   GLY A O   1 
ATOM   721  N N   . LYS A 1 92  ? 1.724   -21.273 6.327   1.00 25.02 ? 92   LYS A N   1 
ATOM   722  C CA  . LYS A 1 92  ? 1.249   -21.773 7.611   1.00 27.15 ? 92   LYS A CA  1 
ATOM   723  C C   . LYS A 1 92  ? 1.043   -20.522 8.451   1.00 27.69 ? 92   LYS A C   1 
ATOM   724  O O   . LYS A 1 92  ? 1.853   -20.198 9.318   1.00 26.88 ? 92   LYS A O   1 
ATOM   725  C CB  . LYS A 1 92  ? 2.293   -22.684 8.260   1.00 29.36 ? 92   LYS A CB  1 
ATOM   726  C CG  . LYS A 1 92  ? 2.602   -23.955 7.476   1.00 34.10 ? 92   LYS A CG  1 
ATOM   727  C CD  . LYS A 1 92  ? 3.701   -24.756 8.170   1.00 36.72 ? 92   LYS A CD  1 
ATOM   728  C CE  . LYS A 1 92  ? 4.128   -25.977 7.366   1.00 40.22 ? 92   LYS A CE  1 
ATOM   729  N NZ  . LYS A 1 92  ? 3.066   -27.013 7.287   1.00 42.10 ? 92   LYS A NZ  1 
ATOM   730  N N   . VAL A 1 93  ? -0.038  -19.809 8.161   1.00 27.21 ? 93   VAL A N   1 
ATOM   731  C CA  . VAL A 1 93  ? -0.363  -18.569 8.852   1.00 27.70 ? 93   VAL A CA  1 
ATOM   732  C C   . VAL A 1 93  ? -1.732  -18.665 9.509   1.00 28.58 ? 93   VAL A C   1 
ATOM   733  O O   . VAL A 1 93  ? -2.715  -19.024 8.867   1.00 30.17 ? 93   VAL A O   1 
ATOM   734  C CB  . VAL A 1 93  ? -0.376  -17.379 7.860   1.00 27.06 ? 93   VAL A CB  1 
ATOM   735  C CG1 . VAL A 1 93  ? -0.557  -16.070 8.612   1.00 26.76 ? 93   VAL A CG1 1 
ATOM   736  C CG2 . VAL A 1 93  ? 0.910   -17.367 7.048   1.00 27.37 ? 93   VAL A CG2 1 
ATOM   737  N N   . GLU A 1 94  ? -1.790  -18.343 10.793  1.00 31.06 ? 94   GLU A N   1 
ATOM   738  C CA  . GLU A 1 94  ? -3.045  -18.388 11.528  1.00 32.39 ? 94   GLU A CA  1 
ATOM   739  C C   . GLU A 1 94  ? -3.797  -17.085 11.292  1.00 32.58 ? 94   GLU A C   1 
ATOM   740  O O   . GLU A 1 94  ? -3.210  -16.003 11.316  1.00 30.54 ? 94   GLU A O   1 
ATOM   741  C CB  . GLU A 1 94  ? -2.766  -18.584 13.015  1.00 34.46 ? 94   GLU A CB  1 
ATOM   742  C CG  . GLU A 1 94  ? -1.985  -19.857 13.299  1.00 38.30 ? 94   GLU A CG  1 
ATOM   743  C CD  . GLU A 1 94  ? -1.458  -19.913 14.712  1.00 41.28 ? 94   GLU A CD  1 
ATOM   744  O OE1 . GLU A 1 94  ? -2.274  -20.021 15.652  1.00 43.90 ? 94   GLU A OE1 1 
ATOM   745  O OE2 . GLU A 1 94  ? -0.224  -19.845 14.881  1.00 42.10 ? 94   GLU A OE2 1 
ATOM   746  N N   . GLU A 1 95  ? -5.097  -17.199 11.051  1.00 33.11 ? 95   GLU A N   1 
ATOM   747  C CA  . GLU A 1 95  ? -5.931  -16.034 10.796  1.00 34.14 ? 95   GLU A CA  1 
ATOM   748  C C   . GLU A 1 95  ? -5.775  -14.983 11.896  1.00 32.96 ? 95   GLU A C   1 
ATOM   749  O O   . GLU A 1 95  ? -5.804  -13.784 11.621  1.00 31.32 ? 95   GLU A O   1 
ATOM   750  C CB  . GLU A 1 95  ? -7.392  -16.478 10.661  1.00 35.81 ? 95   GLU A CB  1 
ATOM   751  C CG  . GLU A 1 95  ? -8.348  -15.418 10.125  1.00 40.44 ? 95   GLU A CG  1 
ATOM   752  C CD  . GLU A 1 95  ? -9.049  -14.651 11.227  1.00 43.21 ? 95   GLU A CD  1 
ATOM   753  O OE1 . GLU A 1 95  ? -9.595  -15.304 12.143  1.00 45.83 ? 95   GLU A OE1 1 
ATOM   754  O OE2 . GLU A 1 95  ? -9.066  -13.402 11.175  1.00 44.89 ? 95   GLU A OE2 1 
ATOM   755  N N   . LYS A 1 96  ? -5.590  -15.433 13.136  1.00 32.04 ? 96   LYS A N   1 
ATOM   756  C CA  . LYS A 1 96  ? -5.428  -14.519 14.265  1.00 31.13 ? 96   LYS A CA  1 
ATOM   757  C C   . LYS A 1 96  ? -4.158  -13.679 14.142  1.00 30.06 ? 96   LYS A C   1 
ATOM   758  O O   . LYS A 1 96  ? -4.140  -12.502 14.516  1.00 29.16 ? 96   LYS A O   1 
ATOM   759  C CB  . LYS A 1 96  ? -5.381  -15.294 15.582  1.00 34.23 ? 96   LYS A CB  1 
ATOM   760  C CG  . LYS A 1 96  ? -4.172  -16.205 15.715  1.00 38.24 ? 96   LYS A CG  1 
ATOM   761  C CD  . LYS A 1 96  ? -4.064  -16.796 17.112  1.00 40.80 ? 96   LYS A CD  1 
ATOM   762  C CE  . LYS A 1 96  ? -2.868  -17.728 17.215  1.00 42.79 ? 96   LYS A CE  1 
ATOM   763  N NZ  . LYS A 1 96  ? -1.608  -17.074 16.750  1.00 44.22 ? 96   LYS A NZ  1 
ATOM   764  N N   . ALA A 1 97  ? -3.094  -14.292 13.632  1.00 27.34 ? 97   ALA A N   1 
ATOM   765  C CA  . ALA A 1 97  ? -1.827  -13.595 13.461  1.00 26.69 ? 97   ALA A CA  1 
ATOM   766  C C   . ALA A 1 97  ? -1.952  -12.566 12.343  1.00 24.91 ? 97   ALA A C   1 
ATOM   767  O O   . ALA A 1 97  ? -1.456  -11.445 12.469  1.00 26.24 ? 97   ALA A O   1 
ATOM   768  C CB  . ALA A 1 97  ? -0.710  -14.589 13.142  1.00 26.25 ? 97   ALA A CB  1 
ATOM   769  N N   . LEU A 1 98  ? -2.615  -12.945 11.253  1.00 23.73 ? 98   LEU A N   1 
ATOM   770  C CA  . LEU A 1 98  ? -2.790  -12.024 10.133  1.00 23.67 ? 98   LEU A CA  1 
ATOM   771  C C   . LEU A 1 98  ? -3.655  -10.850 10.574  1.00 24.21 ? 98   LEU A C   1 
ATOM   772  O O   . LEU A 1 98  ? -3.365  -9.702  10.249  1.00 23.29 ? 98   LEU A O   1 
ATOM   773  C CB  . LEU A 1 98  ? -3.437  -12.724 8.934   1.00 22.84 ? 98   LEU A CB  1 
ATOM   774  C CG  . LEU A 1 98  ? -3.686  -11.800 7.732   1.00 23.30 ? 98   LEU A CG  1 
ATOM   775  C CD1 . LEU A 1 98  ? -2.365  -11.192 7.266   1.00 20.17 ? 98   LEU A CD1 1 
ATOM   776  C CD2 . LEU A 1 98  ? -4.342  -12.574 6.599   1.00 22.15 ? 98   LEU A CD2 1 
ATOM   777  N N   . GLU A 1 99  ? -4.718  -11.137 11.323  1.00 23.27 ? 99   GLU A N   1 
ATOM   778  C CA  . GLU A 1 99  ? -5.591  -10.072 11.801  1.00 24.34 ? 99   GLU A CA  1 
ATOM   779  C C   . GLU A 1 99  ? -4.814  -9.071  12.658  1.00 24.45 ? 99   GLU A C   1 
ATOM   780  O O   . GLU A 1 99  ? -4.970  -7.857  12.501  1.00 23.25 ? 99   GLU A O   1 
ATOM   781  C CB  . GLU A 1 99  ? -6.759  -10.650 12.607  1.00 25.45 ? 99   GLU A CB  1 
ATOM   782  C CG  . GLU A 1 99  ? -7.561  -9.594  13.366  1.00 25.81 ? 99   GLU A CG  1 
ATOM   783  C CD  . GLU A 1 99  ? -8.842  -10.139 13.971  1.00 30.49 ? 99   GLU A CD  1 
ATOM   784  O OE1 . GLU A 1 99  ? -8.869  -11.330 14.348  1.00 31.60 ? 99   GLU A OE1 1 
ATOM   785  O OE2 . GLU A 1 99  ? -9.820  -9.370  14.085  1.00 31.93 ? 99   GLU A OE2 1 
ATOM   786  N N   . GLN A 1 100 ? -3.974  -9.574  13.560  1.00 23.76 ? 100  GLN A N   1 
ATOM   787  C CA  . GLN A 1 100 ? -3.182  -8.697  14.421  1.00 24.38 ? 100  GLN A CA  1 
ATOM   788  C C   . GLN A 1 100 ? -2.204  -7.852  13.607  1.00 23.25 ? 100  GLN A C   1 
ATOM   789  O O   . GLN A 1 100 ? -2.001  -6.673  13.896  1.00 22.08 ? 100  GLN A O   1 
ATOM   790  C CB  . GLN A 1 100 ? -2.392  -9.511  15.445  1.00 28.08 ? 100  GLN A CB  1 
ATOM   791  C CG  . GLN A 1 100 ? -3.232  -10.160 16.527  1.00 34.91 ? 100  GLN A CG  1 
ATOM   792  C CD  . GLN A 1 100 ? -2.380  -10.891 17.545  1.00 39.16 ? 100  GLN A CD  1 
ATOM   793  O OE1 . GLN A 1 100 ? -1.527  -10.293 18.200  1.00 42.67 ? 100  GLN A OE1 1 
ATOM   794  N NE2 . GLN A 1 100 ? -2.603  -12.194 17.680  1.00 43.34 ? 100  GLN A NE2 1 
ATOM   795  N N   . ALA A 1 101 ? -1.596  -8.464  12.597  1.00 22.23 ? 101  ALA A N   1 
ATOM   796  C CA  . ALA A 1 101 ? -0.639  -7.760  11.749  1.00 20.68 ? 101  ALA A CA  1 
ATOM   797  C C   . ALA A 1 101 ? -1.338  -6.660  10.958  1.00 21.02 ? 101  ALA A C   1 
ATOM   798  O O   . ALA A 1 101 ? -0.822  -5.550  10.836  1.00 21.04 ? 101  ALA A O   1 
ATOM   799  C CB  . ALA A 1 101 ? 0.037   -8.741  10.797  1.00 20.80 ? 101  ALA A CB  1 
ATOM   800  N N   . VAL A 1 102 ? -2.515  -6.971  10.423  1.00 20.82 ? 102  VAL A N   1 
ATOM   801  C CA  . VAL A 1 102 ? -3.274  -5.998  9.646   1.00 21.38 ? 102  VAL A CA  1 
ATOM   802  C C   . VAL A 1 102 ? -3.770  -4.840  10.509  1.00 22.14 ? 102  VAL A C   1 
ATOM   803  O O   . VAL A 1 102 ? -3.712  -3.678  10.094  1.00 21.21 ? 102  VAL A O   1 
ATOM   804  C CB  . VAL A 1 102 ? -4.472  -6.671  8.941   1.00 21.03 ? 102  VAL A CB  1 
ATOM   805  C CG1 . VAL A 1 102 ? -5.373  -5.620  8.315   1.00 21.71 ? 102  VAL A CG1 1 
ATOM   806  C CG2 . VAL A 1 102 ? -3.962  -7.626  7.866   1.00 22.08 ? 102  VAL A CG2 1 
ATOM   807  N N   . LYS A 1 103 ? -4.247  -5.143  11.713  1.00 21.44 ? 103  LYS A N   1 
ATOM   808  C CA  . LYS A 1 103 ? -4.729  -4.085  12.593  1.00 22.98 ? 103  LYS A CA  1 
ATOM   809  C C   . LYS A 1 103 ? -3.604  -3.189  13.097  1.00 22.29 ? 103  LYS A C   1 
ATOM   810  O O   . LYS A 1 103 ? -3.745  -1.965  13.126  1.00 22.03 ? 103  LYS A O   1 
ATOM   811  C CB  . LYS A 1 103 ? -5.507  -4.677  13.770  1.00 24.40 ? 103  LYS A CB  1 
ATOM   812  C CG  . LYS A 1 103 ? -6.819  -5.309  13.341  1.00 27.33 ? 103  LYS A CG  1 
ATOM   813  C CD  . LYS A 1 103 ? -7.651  -5.740  14.532  1.00 32.08 ? 103  LYS A CD  1 
ATOM   814  C CE  . LYS A 1 103 ? -8.957  -6.363  14.077  1.00 33.72 ? 103  LYS A CE  1 
ATOM   815  N NZ  . LYS A 1 103 ? -9.701  -5.460  13.155  1.00 33.96 ? 103  LYS A NZ  1 
ATOM   816  N N   . LEU A 1 104 ? -2.482  -3.787  13.488  1.00 21.09 ? 104  LEU A N   1 
ATOM   817  C CA  . LEU A 1 104 ? -1.355  -2.997  13.966  1.00 21.20 ? 104  LEU A CA  1 
ATOM   818  C C   . LEU A 1 104 ? -0.842  -2.088  12.856  1.00 20.88 ? 104  LEU A C   1 
ATOM   819  O O   . LEU A 1 104 ? -0.477  -0.941  13.102  1.00 20.91 ? 104  LEU A O   1 
ATOM   820  C CB  . LEU A 1 104 ? -0.223  -3.902  14.447  1.00 21.82 ? 104  LEU A CB  1 
ATOM   821  C CG  . LEU A 1 104 ? -0.431  -4.507  15.836  1.00 24.36 ? 104  LEU A CG  1 
ATOM   822  C CD1 . LEU A 1 104 ? 0.695   -5.486  16.140  1.00 25.51 ? 104  LEU A CD1 1 
ATOM   823  C CD2 . LEU A 1 104 ? -0.471  -3.389  16.873  1.00 25.87 ? 104  LEU A CD2 1 
ATOM   824  N N   . SER A 1 105 ? -0.817  -2.604  11.633  1.00 21.25 ? 105  SER A N   1 
ATOM   825  C CA  . SER A 1 105 ? -0.349  -1.812  10.507  1.00 21.20 ? 105  SER A CA  1 
ATOM   826  C C   . SER A 1 105 ? -1.292  -0.650  10.208  1.00 22.34 ? 105  SER A C   1 
ATOM   827  O O   . SER A 1 105 ? -0.885  0.513   10.222  1.00 22.60 ? 105  SER A O   1 
ATOM   828  C CB  . SER A 1 105 ? -0.211  -2.688  9.260   1.00 21.32 ? 105  SER A CB  1 
ATOM   829  O OG  . SER A 1 105 ? 0.181   -1.906  8.140   1.00 19.77 ? 105  SER A OG  1 
ATOM   830  N N   . THR A 1 106 ? -2.557  -0.966  9.956   1.00 22.29 ? 106  THR A N   1 
ATOM   831  C CA  . THR A 1 106 ? -3.543  0.054   9.619   1.00 23.09 ? 106  THR A CA  1 
ATOM   832  C C   . THR A 1 106 ? -3.881  1.034   10.737  1.00 25.25 ? 106  THR A C   1 
ATOM   833  O O   . THR A 1 106 ? -4.290  2.163   10.469  1.00 26.32 ? 106  THR A O   1 
ATOM   834  C CB  . THR A 1 106 ? -4.860  -0.590  9.123   1.00 23.95 ? 106  THR A CB  1 
ATOM   835  O OG1 . THR A 1 106 ? -5.400  -1.439  10.144  1.00 25.10 ? 106  THR A OG1 1 
ATOM   836  C CG2 . THR A 1 106 ? -4.610  -1.406  7.866   1.00 24.83 ? 106  THR A CG2 1 
ATOM   837  N N   . GLU A 1 107 ? -3.701  0.622   11.987  1.00 24.58 ? 107  GLU A N   1 
ATOM   838  C CA  . GLU A 1 107 ? -4.031  1.502   13.100  1.00 27.79 ? 107  GLU A CA  1 
ATOM   839  C C   . GLU A 1 107 ? -2.852  2.174   13.797  1.00 27.17 ? 107  GLU A C   1 
ATOM   840  O O   . GLU A 1 107 ? -3.051  3.119   14.562  1.00 30.44 ? 107  GLU A O   1 
ATOM   841  C CB  . GLU A 1 107 ? -4.874  0.737   14.128  1.00 28.27 ? 107  GLU A CB  1 
ATOM   842  C CG  . GLU A 1 107 ? -6.257  0.365   13.613  1.00 32.29 ? 107  GLU A CG  1 
ATOM   843  C CD  . GLU A 1 107 ? -7.038  -0.510  14.579  1.00 35.46 ? 107  GLU A CD  1 
ATOM   844  O OE1 . GLU A 1 107 ? -7.190  -0.120  15.753  1.00 38.08 ? 107  GLU A OE1 1 
ATOM   845  O OE2 . GLU A 1 107 ? -7.506  -1.587  14.156  1.00 38.56 ? 107  GLU A OE2 1 
ATOM   846  N N   . LYS A 1 108 ? -1.631  1.719   13.536  1.00 25.10 ? 108  LYS A N   1 
ATOM   847  C CA  . LYS A 1 108 ? -0.484  2.321   14.208  1.00 24.26 ? 108  LYS A CA  1 
ATOM   848  C C   . LYS A 1 108 ? 0.797   2.546   13.412  1.00 22.53 ? 108  LYS A C   1 
ATOM   849  O O   . LYS A 1 108 ? 1.408   3.607   13.507  1.00 24.23 ? 108  LYS A O   1 
ATOM   850  C CB  . LYS A 1 108 ? -0.138  1.509   15.461  1.00 25.35 ? 108  LYS A CB  1 
ATOM   851  C CG  . LYS A 1 108 ? 1.121   1.975   16.174  1.00 28.57 ? 108  LYS A CG  1 
ATOM   852  C CD  . LYS A 1 108 ? 1.340   1.237   17.487  1.00 31.94 ? 108  LYS A CD  1 
ATOM   853  C CE  . LYS A 1 108 ? 2.556   1.781   18.224  1.00 35.14 ? 108  LYS A CE  1 
ATOM   854  N NZ  . LYS A 1 108 ? 2.752   1.124   19.550  1.00 36.67 ? 108  LYS A NZ  1 
ATOM   855  N N   . TYR A 1 109 ? 1.207   1.556   12.629  1.00 21.07 ? 109  TYR A N   1 
ATOM   856  C CA  . TYR A 1 109 ? 2.461   1.660   11.893  1.00 21.15 ? 109  TYR A CA  1 
ATOM   857  C C   . TYR A 1 109 ? 2.482   2.235   10.480  1.00 20.77 ? 109  TYR A C   1 
ATOM   858  O O   . TYR A 1 109 ? 3.444   2.901   10.106  1.00 21.49 ? 109  TYR A O   1 
ATOM   859  C CB  . TYR A 1 109 ? 3.134   0.291   11.862  1.00 22.49 ? 109  TYR A CB  1 
ATOM   860  C CG  . TYR A 1 109 ? 3.552   -0.198  13.231  1.00 25.14 ? 109  TYR A CG  1 
ATOM   861  C CD1 . TYR A 1 109 ? 4.602   0.407   13.913  1.00 26.58 ? 109  TYR A CD1 1 
ATOM   862  C CD2 . TYR A 1 109 ? 2.883   -1.253  13.849  1.00 27.62 ? 109  TYR A CD2 1 
ATOM   863  C CE1 . TYR A 1 109 ? 4.980   -0.025  15.183  1.00 30.03 ? 109  TYR A CE1 1 
ATOM   864  C CE2 . TYR A 1 109 ? 3.251   -1.692  15.117  1.00 30.32 ? 109  TYR A CE2 1 
ATOM   865  C CZ  . TYR A 1 109 ? 4.299   -1.073  15.775  1.00 30.40 ? 109  TYR A CZ  1 
ATOM   866  O OH  . TYR A 1 109 ? 4.667   -1.502  17.028  1.00 32.29 ? 109  TYR A OH  1 
ATOM   867  N N   . CYS A 1 110 ? 1.441   1.985   9.697   1.00 18.50 ? 110  CYS A N   1 
ATOM   868  C CA  . CYS A 1 110 ? 1.439   2.453   8.314   1.00 18.03 ? 110  CYS A CA  1 
ATOM   869  C C   . CYS A 1 110 ? 1.372   3.968   8.156   1.00 18.12 ? 110  CYS A C   1 
ATOM   870  O O   . CYS A 1 110 ? 0.309   4.576   8.311   1.00 18.78 ? 110  CYS A O   1 
ATOM   871  C CB  . CYS A 1 110 ? 0.294   1.809   7.542   1.00 16.42 ? 110  CYS A CB  1 
ATOM   872  S SG  . CYS A 1 110 ? 0.459   2.045   5.755   1.00 17.71 ? 110  CYS A SG  1 
ATOM   873  N N   . SER A 1 111 ? 2.513   4.566   7.818   1.00 16.89 ? 111  SER A N   1 
ATOM   874  C CA  . SER A 1 111 ? 2.602   6.013   7.653   1.00 18.62 ? 111  SER A CA  1 
ATOM   875  C C   . SER A 1 111 ? 1.793   6.557   6.478   1.00 18.26 ? 111  SER A C   1 
ATOM   876  O O   . SER A 1 111 ? 1.079   7.551   6.622   1.00 17.72 ? 111  SER A O   1 
ATOM   877  C CB  . SER A 1 111 ? 4.068   6.436   7.496   1.00 20.67 ? 111  SER A CB  1 
ATOM   878  O OG  . SER A 1 111 ? 4.817   6.127   8.660   1.00 21.75 ? 111  SER A OG  1 
ATOM   879  N N   . VAL A 1 112 ? 1.906   5.915   5.320   1.00 17.93 ? 112  VAL A N   1 
ATOM   880  C CA  . VAL A 1 112 ? 1.179   6.372   4.137   1.00 17.73 ? 112  VAL A CA  1 
ATOM   881  C C   . VAL A 1 112 ? -0.331  6.333   4.366   1.00 17.82 ? 112  VAL A C   1 
ATOM   882  O O   . VAL A 1 112 ? -1.034  7.311   4.114   1.00 16.94 ? 112  VAL A O   1 
ATOM   883  C CB  . VAL A 1 112 ? 1.525   5.509   2.891   1.00 17.51 ? 112  VAL A CB  1 
ATOM   884  C CG1 . VAL A 1 112 ? 0.712   5.980   1.687   1.00 18.15 ? 112  VAL A CG1 1 
ATOM   885  C CG2 . VAL A 1 112 ? 3.025   5.594   2.591   1.00 17.64 ? 112  VAL A CG2 1 
ATOM   886  N N   . LEU A 1 113 ? -0.831  5.208   4.869   1.00 18.05 ? 113  LEU A N   1 
ATOM   887  C CA  . LEU A 1 113 ? -2.260  5.066   5.111   1.00 18.05 ? 113  LEU A CA  1 
ATOM   888  C C   . LEU A 1 113 ? -2.787  6.078   6.125   1.00 16.88 ? 113  LEU A C   1 
ATOM   889  O O   . LEU A 1 113 ? -3.896  6.589   5.978   1.00 17.87 ? 113  LEU A O   1 
ATOM   890  C CB  . LEU A 1 113 ? -2.580  3.646   5.593   1.00 18.81 ? 113  LEU A CB  1 
ATOM   891  C CG  . LEU A 1 113 ? -4.068  3.316   5.750   1.00 21.90 ? 113  LEU A CG  1 
ATOM   892  C CD1 . LEU A 1 113 ? -4.779  3.481   4.410   1.00 21.03 ? 113  LEU A CD1 1 
ATOM   893  C CD2 . LEU A 1 113 ? -4.222  1.889   6.261   1.00 23.49 ? 113  LEU A CD2 1 
ATOM   894  N N   . ALA A 1 114 ? -1.992  6.362   7.153   1.00 16.20 ? 114  ALA A N   1 
ATOM   895  C CA  . ALA A 1 114 ? -2.394  7.306   8.190   1.00 15.64 ? 114  ALA A CA  1 
ATOM   896  C C   . ALA A 1 114 ? -2.641  8.700   7.618   1.00 16.89 ? 114  ALA A C   1 
ATOM   897  O O   . ALA A 1 114 ? -3.486  9.442   8.117   1.00 18.95 ? 114  ALA A O   1 
ATOM   898  C CB  . ALA A 1 114 ? -1.323  7.384   9.270   1.00 15.77 ? 114  ALA A CB  1 
ATOM   899  N N   . MET A 1 115 ? -1.907  9.044   6.568   1.00 16.79 ? 115  MET A N   1 
ATOM   900  C CA  . MET A 1 115 ? -2.044  10.361  5.956   1.00 16.42 ? 115  MET A CA  1 
ATOM   901  C C   . MET A 1 115 ? -3.295  10.567  5.109   1.00 17.80 ? 115  MET A C   1 
ATOM   902  O O   . MET A 1 115 ? -3.776  11.693  4.984   1.00 18.33 ? 115  MET A O   1 
ATOM   903  C CB  . MET A 1 115 ? -0.800  10.686  5.123   1.00 16.24 ? 115  MET A CB  1 
ATOM   904  C CG  . MET A 1 115 ? 0.441   10.950  5.971   1.00 18.62 ? 115  MET A CG  1 
ATOM   905  S SD  . MET A 1 115 ? 1.840   11.607  5.037   1.00 8.94  ? 115  MET A SD  1 
ATOM   906  C CE  . MET A 1 115 ? 1.329   13.259  4.818   1.00 23.21 ? 115  MET A CE  1 
ATOM   907  N N   . VAL A 1 116 ? -3.835  9.499   4.533   1.00 18.60 ? 116  VAL A N   1 
ATOM   908  C CA  . VAL A 1 116 ? -5.026  9.654   3.701   1.00 21.38 ? 116  VAL A CA  1 
ATOM   909  C C   . VAL A 1 116 ? -6.303  9.189   4.381   1.00 23.97 ? 116  VAL A C   1 
ATOM   910  O O   . VAL A 1 116 ? -7.403  9.491   3.923   1.00 23.24 ? 116  VAL A O   1 
ATOM   911  C CB  . VAL A 1 116 ? -4.875  8.906   2.354   1.00 23.49 ? 116  VAL A CB  1 
ATOM   912  C CG1 . VAL A 1 116 ? -3.639  9.405   1.623   1.00 25.45 ? 116  VAL A CG1 1 
ATOM   913  C CG2 . VAL A 1 116 ? -4.799  7.406   2.586   1.00 23.75 ? 116  VAL A CG2 1 
ATOM   914  N N   . LYS A 1 117 ? -6.148  8.468   5.485   1.00 26.98 ? 117  LYS A N   1 
ATOM   915  C CA  . LYS A 1 117 ? -7.281  7.940   6.235   1.00 30.56 ? 117  LYS A CA  1 
ATOM   916  C C   . LYS A 1 117 ? -8.398  8.954   6.534   1.00 30.56 ? 117  LYS A C   1 
ATOM   917  O O   . LYS A 1 117 ? -9.580  8.640   6.381   1.00 32.08 ? 117  LYS A O   1 
ATOM   918  C CB  . LYS A 1 117 ? -6.769  7.312   7.539   1.00 33.30 ? 117  LYS A CB  1 
ATOM   919  C CG  . LYS A 1 117 ? -7.209  5.874   7.739   1.00 36.55 ? 117  LYS A CG  1 
ATOM   920  C CD  . LYS A 1 117 ? -6.302  5.127   8.718   1.00 38.62 ? 117  LYS A CD  1 
ATOM   921  C CE  . LYS A 1 117 ? -6.217  5.806   10.073  1.00 40.01 ? 117  LYS A CE  1 
ATOM   922  N NZ  . LYS A 1 117 ? -5.441  4.979   11.040  1.00 41.27 ? 117  LYS A NZ  1 
ATOM   923  N N   . PRO A 1 118 ? -8.044  10.182  6.956   1.00 29.24 ? 118  PRO A N   1 
ATOM   924  C CA  . PRO A 1 118 ? -9.038  11.220  7.271   1.00 29.44 ? 118  PRO A CA  1 
ATOM   925  C C   . PRO A 1 118 ? -9.797  11.815  6.081   1.00 29.47 ? 118  PRO A C   1 
ATOM   926  O O   . PRO A 1 118 ? -10.640 12.706  6.255   1.00 27.38 ? 118  PRO A O   1 
ATOM   927  C CB  . PRO A 1 118 ? -8.210  12.291  7.979   1.00 29.46 ? 118  PRO A CB  1 
ATOM   928  C CG  . PRO A 1 118 ? -7.052  11.518  8.553   1.00 28.72 ? 118  PRO A CG  1 
ATOM   929  C CD  . PRO A 1 118 ? -6.708  10.602  7.412   1.00 29.26 ? 118  PRO A CD  1 
ATOM   930  N N   . SER A 1 119 ? -9.493  11.344  4.877   1.00 26.29 ? 119  SER A N   1 
ATOM   931  C CA  . SER A 1 119 ? -10.156 11.870  3.693   1.00 25.85 ? 119  SER A CA  1 
ATOM   932  C C   . SER A 1 119 ? -10.894 10.813  2.884   1.00 24.48 ? 119  SER A C   1 
ATOM   933  O O   . SER A 1 119 ? -11.451 11.131  1.840   1.00 25.95 ? 119  SER A O   1 
ATOM   934  C CB  . SER A 1 119 ? -9.141  12.572  2.782   1.00 26.91 ? 119  SER A CB  1 
ATOM   935  O OG  . SER A 1 119 ? -8.594  13.728  3.400   1.00 31.59 ? 119  SER A OG  1 
ATOM   936  N N   . THR A 1 120 ? -10.915 9.573   3.365   1.00 23.21 ? 120  THR A N   1 
ATOM   937  C CA  . THR A 1 120 ? -11.578 8.497   2.625   1.00 25.35 ? 120  THR A CA  1 
ATOM   938  C C   . THR A 1 120 ? -12.200 7.411   3.508   1.00 26.47 ? 120  THR A C   1 
ATOM   939  O O   . THR A 1 120 ? -11.895 7.312   4.700   1.00 30.07 ? 120  THR A O   1 
ATOM   940  C CB  . THR A 1 120 ? -10.574 7.823   1.658   1.00 26.24 ? 120  THR A CB  1 
ATOM   941  O OG1 . THR A 1 120 ? -11.273 6.973   0.745   1.00 25.98 ? 120  THR A OG1 1 
ATOM   942  C CG2 . THR A 1 120 ? -9.567  6.986   2.437   1.00 27.45 ? 120  THR A CG2 1 
ATOM   943  N N   . ASN A 1 121 ? -13.081 6.603   2.922   1.00 24.19 ? 121  ASN A N   1 
ATOM   944  C CA  . ASN A 1 121 ? -13.710 5.505   3.648   1.00 24.10 ? 121  ASN A CA  1 
ATOM   945  C C   . ASN A 1 121 ? -12.871 4.267   3.379   1.00 23.29 ? 121  ASN A C   1 
ATOM   946  O O   . ASN A 1 121 ? -12.779 3.801   2.240   1.00 23.65 ? 121  ASN A O   1 
ATOM   947  C CB  . ASN A 1 121 ? -15.149 5.271   3.174   1.00 24.62 ? 121  ASN A CB  1 
ATOM   948  C CG  . ASN A 1 121 ? -15.766 4.017   3.788   1.00 28.15 ? 121  ASN A CG  1 
ATOM   949  O OD1 . ASN A 1 121 ? -15.414 3.616   4.899   1.00 28.66 ? 121  ASN A OD1 1 
ATOM   950  N ND2 . ASN A 1 121 ? -16.702 3.405   3.072   1.00 29.63 ? 121  ASN A ND2 1 
ATOM   951  N N   . LEU A 1 122 ? -12.260 3.738   4.432   1.00 21.17 ? 122  LEU A N   1 
ATOM   952  C CA  . LEU A 1 122 ? -11.395 2.577   4.310   1.00 21.70 ? 122  LEU A CA  1 
ATOM   953  C C   . LEU A 1 122 ? -12.116 1.273   4.645   1.00 23.03 ? 122  LEU A C   1 
ATOM   954  O O   . LEU A 1 122 ? -12.746 1.153   5.695   1.00 24.26 ? 122  LEU A O   1 
ATOM   955  C CB  . LEU A 1 122 ? -10.184 2.762   5.229   1.00 23.28 ? 122  LEU A CB  1 
ATOM   956  C CG  . LEU A 1 122 ? -9.005  1.794   5.149   1.00 26.97 ? 122  LEU A CG  1 
ATOM   957  C CD1 . LEU A 1 122 ? -8.428  1.781   3.738   1.00 27.45 ? 122  LEU A CD1 1 
ATOM   958  C CD2 . LEU A 1 122 ? -7.947  2.235   6.152   1.00 28.66 ? 122  LEU A CD2 1 
ATOM   959  N N   . LYS A 1 123 ? -12.028 0.307   3.739   1.00 21.64 ? 123  LYS A N   1 
ATOM   960  C CA  . LYS A 1 123 ? -12.649 -0.998  3.942   1.00 24.22 ? 123  LYS A CA  1 
ATOM   961  C C   . LYS A 1 123 ? -11.541 -2.042  3.888   1.00 23.45 ? 123  LYS A C   1 
ATOM   962  O O   . LYS A 1 123 ? -10.977 -2.318  2.826   1.00 23.52 ? 123  LYS A O   1 
ATOM   963  C CB  . LYS A 1 123 ? -13.709 -1.259  2.870   1.00 25.59 ? 123  LYS A CB  1 
ATOM   964  C CG  . LYS A 1 123 ? -14.808 -0.195  2.852   1.00 30.16 ? 123  LYS A CG  1 
ATOM   965  C CD  . LYS A 1 123 ? -16.097 -0.681  2.201   1.00 33.96 ? 123  LYS A CD  1 
ATOM   966  C CE  . LYS A 1 123 ? -15.919 -1.034  0.737   1.00 36.85 ? 123  LYS A CE  1 
ATOM   967  N NZ  . LYS A 1 123 ? -17.229 -1.407  0.122   1.00 38.69 ? 123  LYS A NZ  1 
ATOM   968  N N   . ILE A 1 124 ? -11.231 -2.612  5.047   1.00 22.76 ? 124  ILE A N   1 
ATOM   969  C CA  . ILE A 1 124 ? -10.165 -3.596  5.167   1.00 22.13 ? 124  ILE A CA  1 
ATOM   970  C C   . ILE A 1 124 ? -10.667 -5.014  5.411   1.00 23.25 ? 124  ILE A C   1 
ATOM   971  O O   . ILE A 1 124 ? -11.592 -5.232  6.195   1.00 24.49 ? 124  ILE A O   1 
ATOM   972  C CB  . ILE A 1 124 ? -9.219  -3.198  6.313   1.00 23.37 ? 124  ILE A CB  1 
ATOM   973  C CG1 . ILE A 1 124 ? -8.646  -1.804  6.038   1.00 25.80 ? 124  ILE A CG1 1 
ATOM   974  C CG2 . ILE A 1 124 ? -8.106  -4.221  6.463   1.00 23.19 ? 124  ILE A CG2 1 
ATOM   975  C CD1 . ILE A 1 124 ? -7.865  -1.228  7.187   1.00 28.10 ? 124  ILE A CD1 1 
ATOM   976  N N   . SER A 1 125 ? -10.048 -5.973  4.732   1.00 21.82 ? 125  SER A N   1 
ATOM   977  C CA  . SER A 1 125 ? -10.404 -7.379  4.882   1.00 23.40 ? 125  SER A CA  1 
ATOM   978  C C   . SER A 1 125 ? -9.148  -8.221  4.733   1.00 23.16 ? 125  SER A C   1 
ATOM   979  O O   . SER A 1 125 ? -8.138  -7.758  4.207   1.00 21.73 ? 125  SER A O   1 
ATOM   980  C CB  . SER A 1 125 ? -11.428 -7.798  3.828   1.00 25.30 ? 125  SER A CB  1 
ATOM   981  O OG  . SER A 1 125 ? -10.886 -7.705  2.524   1.00 26.62 ? 125  SER A OG  1 
ATOM   982  N N   . TRP A 1 126 ? -9.204  -9.462  5.193   1.00 23.61 ? 126  TRP A N   1 
ATOM   983  C CA  . TRP A 1 126 ? -8.044  -10.328 5.090   1.00 24.61 ? 126  TRP A CA  1 
ATOM   984  C C   . TRP A 1 126 ? -8.472  -11.780 5.123   1.00 26.53 ? 126  TRP A C   1 
ATOM   985  O O   . TRP A 1 126 ? -9.598  -12.103 5.508   1.00 26.32 ? 126  TRP A O   1 
ATOM   986  C CB  . TRP A 1 126 ? -7.074  -10.044 6.238   1.00 24.65 ? 126  TRP A CB  1 
ATOM   987  C CG  . TRP A 1 126 ? -7.685  -10.264 7.586   1.00 26.27 ? 126  TRP A CG  1 
ATOM   988  C CD1 . TRP A 1 126 ? -7.784  -11.447 8.263   1.00 27.72 ? 126  TRP A CD1 1 
ATOM   989  C CD2 . TRP A 1 126 ? -8.336  -9.281  8.399   1.00 27.38 ? 126  TRP A CD2 1 
ATOM   990  N NE1 . TRP A 1 126 ? -8.459  -11.262 9.446   1.00 27.04 ? 126  TRP A NE1 1 
ATOM   991  C CE2 . TRP A 1 126 ? -8.812  -9.942  9.554   1.00 28.53 ? 126  TRP A CE2 1 
ATOM   992  C CE3 . TRP A 1 126 ? -8.570  -7.906  8.261   1.00 29.00 ? 126  TRP A CE3 1 
ATOM   993  C CZ2 . TRP A 1 126 ? -9.505  -9.274  10.567  1.00 28.29 ? 126  TRP A CZ2 1 
ATOM   994  C CZ3 . TRP A 1 126 ? -9.259  -7.242  9.269   1.00 29.82 ? 126  TRP A CZ3 1 
ATOM   995  C CH2 . TRP A 1 126 ? -9.721  -7.930  10.408  1.00 30.91 ? 126  TRP A CH2 1 
ATOM   996  N N   . GLU A 1 127 ? -7.566  -12.655 4.708   1.00 25.30 ? 127  GLU A N   1 
ATOM   997  C CA  . GLU A 1 127 ? -7.851  -14.076 4.703   1.00 28.35 ? 127  GLU A CA  1 
ATOM   998  C C   . GLU A 1 127 ? -6.555  -14.850 4.587   1.00 27.56 ? 127  GLU A C   1 
ATOM   999  O O   . GLU A 1 127 ? -5.559  -14.353 4.056   1.00 24.63 ? 127  GLU A O   1 
ATOM   1000 C CB  . GLU A 1 127 ? -8.776  -14.440 3.540   1.00 31.49 ? 127  GLU A CB  1 
ATOM   1001 C CG  . GLU A 1 127 ? -8.146  -14.325 2.166   1.00 36.94 ? 127  GLU A CG  1 
ATOM   1002 C CD  . GLU A 1 127 ? -9.084  -14.778 1.060   1.00 40.71 ? 127  GLU A CD  1 
ATOM   1003 O OE1 . GLU A 1 127 ? -10.142 -14.140 0.877   1.00 42.71 ? 127  GLU A OE1 1 
ATOM   1004 O OE2 . GLU A 1 127 ? -8.767  -15.775 0.376   1.00 43.44 ? 127  GLU A OE2 1 
ATOM   1005 N N   . VAL A 1 128 ? -6.569  -16.071 5.101   1.00 26.69 ? 128  VAL A N   1 
ATOM   1006 C CA  . VAL A 1 128 ? -5.396  -16.914 5.038   1.00 26.31 ? 128  VAL A CA  1 
ATOM   1007 C C   . VAL A 1 128 ? -5.660  -18.106 4.141   1.00 26.53 ? 128  VAL A C   1 
ATOM   1008 O O   . VAL A 1 128 ? -6.774  -18.628 4.082   1.00 25.49 ? 128  VAL A O   1 
ATOM   1009 C CB  . VAL A 1 128 ? -5.000  -17.438 6.436   1.00 27.37 ? 128  VAL A CB  1 
ATOM   1010 C CG1 . VAL A 1 128 ? -3.900  -18.480 6.306   1.00 30.63 ? 128  VAL A CG1 1 
ATOM   1011 C CG2 . VAL A 1 128 ? -4.539  -16.288 7.312   1.00 29.17 ? 128  VAL A CG2 1 
ATOM   1012 N N   . LYS A 1 129 ? -4.626  -18.506 3.417   1.00 25.60 ? 129  LYS A N   1 
ATOM   1013 C CA  . LYS A 1 129 ? -4.689  -19.667 2.553   1.00 26.72 ? 129  LYS A CA  1 
ATOM   1014 C C   . LYS A 1 129 ? -3.616  -20.560 3.142   1.00 26.54 ? 129  LYS A C   1 
ATOM   1015 O O   . LYS A 1 129 ? -2.423  -20.319 2.959   1.00 25.20 ? 129  LYS A O   1 
ATOM   1016 C CB  . LYS A 1 129 ? -4.357  -19.294 1.107   1.00 29.95 ? 129  LYS A CB  1 
ATOM   1017 C CG  . LYS A 1 129 ? -5.560  -18.837 0.298   1.00 35.21 ? 129  LYS A CG  1 
ATOM   1018 C CD  . LYS A 1 129 ? -6.538  -19.990 0.089   1.00 39.53 ? 129  LYS A CD  1 
ATOM   1019 C CE  . LYS A 1 129 ? -7.740  -19.567 -0.734  1.00 41.57 ? 129  LYS A CE  1 
ATOM   1020 N NZ  . LYS A 1 129 ? -8.675  -20.707 -0.972  1.00 44.23 ? 129  LYS A NZ  1 
ATOM   1021 N N   . TRP A 1 130 ? -4.043  -21.570 3.889   1.00 26.81 ? 130  TRP A N   1 
ATOM   1022 C CA  . TRP A 1 130 ? -3.100  -22.476 4.517   1.00 25.90 ? 130  TRP A CA  1 
ATOM   1023 C C   . TRP A 1 130 ? -2.431  -23.361 3.484   1.00 25.79 ? 130  TRP A C   1 
ATOM   1024 O O   . TRP A 1 130 ? -3.081  -24.182 2.829   1.00 24.79 ? 130  TRP A O   1 
ATOM   1025 C CB  . TRP A 1 130 ? -3.806  -23.332 5.565   1.00 28.83 ? 130  TRP A CB  1 
ATOM   1026 C CG  . TRP A 1 130 ? -2.845  -24.073 6.420   1.00 30.96 ? 130  TRP A CG  1 
ATOM   1027 C CD1 . TRP A 1 130 ? -2.247  -25.271 6.141   1.00 32.93 ? 130  TRP A CD1 1 
ATOM   1028 C CD2 . TRP A 1 130 ? -2.313  -23.640 7.675   1.00 32.84 ? 130  TRP A CD2 1 
ATOM   1029 N NE1 . TRP A 1 130 ? -1.375  -25.610 7.147   1.00 34.18 ? 130  TRP A NE1 1 
ATOM   1030 C CE2 . TRP A 1 130 ? -1.396  -24.626 8.102   1.00 33.86 ? 130  TRP A CE2 1 
ATOM   1031 C CE3 . TRP A 1 130 ? -2.521  -22.513 8.482   1.00 32.74 ? 130  TRP A CE3 1 
ATOM   1032 C CZ2 . TRP A 1 130 ? -0.684  -24.520 9.303   1.00 34.64 ? 130  TRP A CZ2 1 
ATOM   1033 C CZ3 . TRP A 1 130 ? -1.814  -22.406 9.678   1.00 33.13 ? 130  TRP A CZ3 1 
ATOM   1034 C CH2 . TRP A 1 130 ? -0.908  -23.407 10.076  1.00 34.30 ? 130  TRP A CH2 1 
ATOM   1035 N N   . GLU A 1 131 ? -1.121  -23.193 3.346   1.00 25.42 ? 131  GLU A N   1 
ATOM   1036 C CA  . GLU A 1 131 ? -0.356  -23.959 2.378   1.00 26.59 ? 131  GLU A CA  1 
ATOM   1037 C C   . GLU A 1 131 ? 1.002   -24.393 2.897   1.00 27.94 ? 131  GLU A C   1 
ATOM   1038 O O   . GLU A 1 131 ? 1.622   -23.704 3.708   1.00 27.16 ? 131  GLU A O   1 
ATOM   1039 C CB  . GLU A 1 131 ? -0.148  -23.139 1.102   1.00 27.65 ? 131  GLU A CB  1 
ATOM   1040 C CG  . GLU A 1 131 ? -1.408  -22.897 0.307   1.00 27.27 ? 131  GLU A CG  1 
ATOM   1041 C CD  . GLU A 1 131 ? -1.114  -22.457 -1.111  1.00 29.29 ? 131  GLU A CD  1 
ATOM   1042 O OE1 . GLU A 1 131 ? -0.052  -22.851 -1.642  1.00 29.85 ? 131  GLU A OE1 1 
ATOM   1043 O OE2 . GLU A 1 131 ? -1.951  -21.738 -1.696  1.00 31.31 ? 131  GLU A OE2 1 
ATOM   1044 N N   . GLU A 1 132 ? 1.456   -25.546 2.420   1.00 29.80 ? 132  GLU A N   1 
ATOM   1045 C CA  . GLU A 1 132 ? 2.758   -26.072 2.795   1.00 32.37 ? 132  GLU A CA  1 
ATOM   1046 C C   . GLU A 1 132 ? 3.680   -25.921 1.590   1.00 33.56 ? 132  GLU A C   1 
ATOM   1047 O O   . GLU A 1 132 ? 3.168   -25.528 0.516   1.00 33.04 ? 132  GLU A O   1 
ATOM   1048 C CB  . GLU A 1 132 ? 2.654   -27.547 3.185   1.00 33.23 ? 132  GLU A CB  1 
ATOM   1049 C CG  . GLU A 1 132 ? 1.846   -27.792 4.446   1.00 35.72 ? 132  GLU A CG  1 
ATOM   1050 C CD  . GLU A 1 132 ? 1.804   -29.256 4.839   1.00 38.38 ? 132  GLU A CD  1 
ATOM   1051 O OE1 . GLU A 1 132 ? 1.200   -29.572 5.886   1.00 38.54 ? 132  GLU A OE1 1 
ATOM   1052 O OE2 . GLU A 1 132 ? 2.373   -30.089 4.099   1.00 39.52 ? 132  GLU A OE2 1 
ATOM   1053 O OXT . GLU A 1 132 ? 4.889   -26.198 1.728   1.00 34.99 ? 132  GLU A OXT 1 
HETATM 1054 S S1  . DTT B 2 .   ? 16.959  10.142  -3.777  1.00 59.27 ? 2694 DTT A S1  1 
HETATM 1055 C C1  . DTT B 2 .   ? 17.990  11.165  -2.657  1.00 56.91 ? 2694 DTT A C1  1 
HETATM 1056 C C2  . DTT B 2 .   ? 17.342  11.193  -1.263  1.00 55.50 ? 2694 DTT A C2  1 
HETATM 1057 O O2  . DTT B 2 .   ? 16.061  11.762  -1.382  1.00 56.59 ? 2694 DTT A O2  1 
HETATM 1058 C C3  . DTT B 2 .   ? 18.170  12.052  -0.287  1.00 55.85 ? 2694 DTT A C3  1 
HETATM 1059 O O3  . DTT B 2 .   ? 18.239  13.391  -0.811  1.00 55.46 ? 2694 DTT A O3  1 
HETATM 1060 C C4  . DTT B 2 .   ? 17.507  12.060  1.114   1.00 55.15 ? 2694 DTT A C4  1 
HETATM 1061 S S4  . DTT B 2 .   ? 18.472  13.102  2.250   1.00 58.71 ? 2694 DTT A S4  1 
HETATM 1062 O O   . HOH C 3 .   ? 5.397   4.565   11.254  1.00 21.01 ? 2695 HOH A O   1 
HETATM 1063 O O   . HOH C 3 .   ? 14.904  10.253  0.613   1.00 24.64 ? 2696 HOH A O   1 
HETATM 1064 O O   . HOH C 3 .   ? -2.034  3.936   9.805   1.00 29.01 ? 2697 HOH A O   1 
HETATM 1065 O O   . HOH C 3 .   ? 14.077  6.071   1.677   1.00 27.54 ? 2698 HOH A O   1 
HETATM 1066 O O   . HOH C 3 .   ? 13.315  4.429   -2.889  1.00 29.06 ? 2699 HOH A O   1 
HETATM 1067 O O   . HOH C 3 .   ? 11.079  10.186  11.701  1.00 22.45 ? 2700 HOH A O   1 
HETATM 1068 O O   . HOH C 3 .   ? 8.147   3.867   3.712   1.00 27.52 ? 2701 HOH A O   1 
HETATM 1069 O O   . HOH C 3 .   ? -4.557  8.909   10.619  1.00 23.66 ? 2702 HOH A O   1 
HETATM 1070 O O   . HOH C 3 .   ? 5.450   3.629   7.850   1.00 23.63 ? 2703 HOH A O   1 
HETATM 1071 O O   . HOH C 3 .   ? -12.746 -1.865  7.397   1.00 30.40 ? 2704 HOH A O   1 
HETATM 1072 O O   . HOH C 3 .   ? 6.625   0.264   6.231   1.00 33.76 ? 2705 HOH A O   1 
HETATM 1073 O O   . HOH C 3 .   ? -12.876 4.948   7.047   1.00 35.30 ? 2706 HOH A O   1 
HETATM 1074 O O   . HOH C 3 .   ? -14.907 8.448   5.070   1.00 31.81 ? 2707 HOH A O   1 
HETATM 1075 O O   . HOH C 3 .   ? -11.381 -5.254  1.687   1.00 31.08 ? 2708 HOH A O   1 
HETATM 1076 O O   . HOH C 3 .   ? -22.888 11.414  -4.655  1.00 42.38 ? 2709 HOH A O   1 
HETATM 1077 O O   . HOH C 3 .   ? 7.820   4.028   10.171  1.00 31.97 ? 2710 HOH A O   1 
HETATM 1078 O O   . HOH C 3 .   ? -5.681  5.586   13.997  1.00 34.36 ? 2711 HOH A O   1 
HETATM 1079 O O   . HOH C 3 .   ? -7.768  3.958   13.690  1.00 41.79 ? 2712 HOH A O   1 
HETATM 1080 O O   . HOH C 3 .   ? -13.224 0.149   -3.546  1.00 38.65 ? 2713 HOH A O   1 
HETATM 1081 O O   . HOH C 3 .   ? -10.376 -13.137 18.331  1.00 38.47 ? 2714 HOH A O   1 
HETATM 1082 O O   . HOH C 3 .   ? -6.132  11.923  -12.767 1.00 39.10 ? 2715 HOH A O   1 
HETATM 1083 O O   . HOH C 3 .   ? -15.265 9.261   1.575   1.00 38.74 ? 2716 HOH A O   1 
HETATM 1084 O O   . HOH C 3 .   ? -18.857 13.131  -2.816  1.00 40.02 ? 2717 HOH A O   1 
HETATM 1085 O O   . HOH C 3 .   ? -2.953  5.370   11.985  1.00 40.96 ? 2718 HOH A O   1 
HETATM 1086 O O   . HOH C 3 .   ? 5.033   13.164  -25.373 1.00 38.80 ? 2719 HOH A O   1 
HETATM 1087 O O   . HOH C 3 .   ? 10.335  -0.128  3.563   1.00 35.61 ? 2720 HOH A O   1 
HETATM 1088 O O   . HOH C 3 .   ? -17.845 15.868  -2.666  1.00 45.90 ? 2721 HOH A O   1 
HETATM 1089 O O   . HOH C 3 .   ? -9.478  -4.855  -3.022  1.00 39.82 ? 2722 HOH A O   1 
HETATM 1090 O O   . HOH C 3 .   ? -10.891 6.575   7.198   1.00 39.63 ? 2723 HOH A O   1 
HETATM 1091 O O   . HOH C 3 .   ? 15.939  9.667   3.897   1.00 37.96 ? 2724 HOH A O   1 
HETATM 1092 O O   . HOH C 3 .   ? -18.687 1.479   -3.226  1.00 38.67 ? 2725 HOH A O   1 
HETATM 1093 O O   . HOH C 3 .   ? -9.827  5.195   9.238   1.00 34.88 ? 2726 HOH A O   1 
HETATM 1094 O O   . HOH C 3 .   ? -11.766 -9.929  7.267   1.00 41.13 ? 2727 HOH A O   1 
HETATM 1095 O O   . HOH C 3 .   ? -8.933  -16.777 6.489   1.00 39.82 ? 2728 HOH A O   1 
HETATM 1096 O O   . HOH C 3 .   ? 6.088   -13.638 18.859  1.00 47.55 ? 2729 HOH A O   1 
HETATM 1097 O O   . HOH C 3 .   ? 14.942  2.895   -0.826  1.00 36.79 ? 2730 HOH A O   1 
HETATM 1098 O O   . HOH C 3 .   ? -18.052 4.037   0.517   1.00 32.63 ? 2731 HOH A O   1 
HETATM 1099 O O   . HOH C 3 .   ? 13.271  18.667  14.421  1.00 50.96 ? 2732 HOH A O   1 
HETATM 1100 O O   . HOH C 3 .   ? 14.215  17.238  -3.650  1.00 37.38 ? 2733 HOH A O   1 
HETATM 1101 O O   . HOH C 3 .   ? 11.383  7.610   10.042  1.00 35.12 ? 2734 HOH A O   1 
HETATM 1102 O O   . HOH C 3 .   ? 4.994   1.136   7.832   1.00 49.23 ? 2735 HOH A O   1 
HETATM 1103 O O   . HOH C 3 .   ? -8.714  -12.545 -3.381  1.00 51.56 ? 2736 HOH A O   1 
HETATM 1104 O O   . HOH C 3 .   ? -16.176 12.923  -13.682 1.00 40.73 ? 2737 HOH A O   1 
HETATM 1105 O O   . HOH C 3 .   ? -18.320 1.004   3.897   1.00 51.56 ? 2738 HOH A O   1 
HETATM 1106 O O   . HOH C 3 .   ? 6.914   -12.934 7.111   1.00 38.64 ? 2739 HOH A O   1 
HETATM 1107 O O   . HOH C 3 .   ? 8.625   1.574   10.083  1.00 48.11 ? 2740 HOH A O   1 
HETATM 1108 O O   . HOH C 3 .   ? 4.877   -6.496  17.964  1.00 51.69 ? 2741 HOH A O   1 
HETATM 1109 O O   . HOH C 3 .   ? -7.936  2.484   10.743  1.00 46.63 ? 2742 HOH A O   1 
HETATM 1110 O O   . HOH C 3 .   ? -1.527  8.167   -16.181 1.00 34.75 ? 2743 HOH A O   1 
HETATM 1111 O O   . HOH C 3 .   ? -16.888 8.565   3.452   1.00 31.59 ? 2744 HOH A O   1 
HETATM 1112 O O   . HOH C 3 .   ? 8.131   1.073   4.225   1.00 32.03 ? 2745 HOH A O   1 
HETATM 1113 O O   . HOH C 3 .   ? -3.036  7.967   12.585  1.00 33.26 ? 2746 HOH A O   1 
HETATM 1114 O O   . HOH C 3 .   ? -15.184 19.277  -11.170 1.00 34.86 ? 2747 HOH A O   1 
HETATM 1115 O O   . HOH C 3 .   ? 12.636  9.016   13.492  1.00 32.67 ? 2748 HOH A O   1 
HETATM 1116 O O   . HOH C 3 .   ? 8.462   -14.502 8.409   1.00 49.25 ? 2749 HOH A O   1 
HETATM 1117 O O   . HOH C 3 .   ? 4.217   -22.906 4.083   1.00 39.78 ? 2750 HOH A O   1 
HETATM 1118 O O   . HOH C 3 .   ? -4.018  -13.198 -7.883  1.00 49.19 ? 2751 HOH A O   1 
HETATM 1119 O O   . HOH C 3 .   ? 6.308   -4.504  16.612  1.00 45.66 ? 2752 HOH A O   1 
HETATM 1120 O O   . HOH C 3 .   ? 10.842  4.313   5.370   1.00 39.43 ? 2753 HOH A O   1 
HETATM 1121 O O   . HOH C 3 .   ? 10.720  3.171   9.164   1.00 53.08 ? 2754 HOH A O   1 
HETATM 1122 O O   . HOH C 3 .   ? -18.807 11.511  -7.190  1.00 41.98 ? 2755 HOH A O   1 
HETATM 1123 O O   . HOH C 3 .   ? -11.109 -18.097 19.001  1.00 46.70 ? 2756 HOH A O   1 
HETATM 1124 O O   . HOH C 3 .   ? -6.085  -18.088 14.276  1.00 38.35 ? 2757 HOH A O   1 
HETATM 1125 O O   . HOH C 3 .   ? 17.053  8.199   5.677   1.00 41.82 ? 2758 HOH A O   1 
HETATM 1126 O O   . HOH C 3 .   ? 21.824  11.067  -10.758 1.00 51.54 ? 2759 HOH A O   1 
HETATM 1127 O O   . HOH C 3 .   ? -19.003 13.976  -7.446  1.00 41.51 ? 2760 HOH A O   1 
HETATM 1128 O O   . HOH C 3 .   ? 14.374  7.377   10.445  1.00 49.54 ? 2761 HOH A O   1 
HETATM 1129 O O   . HOH C 3 .   ? -11.699 -4.239  9.160   1.00 46.71 ? 2762 HOH A O   1 
HETATM 1130 O O   . HOH C 3 .   ? 11.148  16.436  -22.948 1.00 47.45 ? 2763 HOH A O   1 
HETATM 1131 O O   . HOH C 3 .   ? -4.927  -14.596 -5.996  1.00 46.35 ? 2764 HOH A O   1 
HETATM 1132 O O   . HOH C 3 .   ? 16.724  5.418   4.905   1.00 43.60 ? 2765 HOH A O   1 
HETATM 1133 O O   . HOH C 3 .   ? 15.636  17.354  -11.428 1.00 49.96 ? 2766 HOH A O   1 
HETATM 1134 O O   . HOH C 3 .   ? 0.999   -15.807 -7.676  1.00 41.89 ? 2767 HOH A O   1 
HETATM 1135 O O   . HOH C 3 .   ? -14.127 20.590  -4.528  1.00 46.53 ? 2768 HOH A O   1 
HETATM 1136 O O   . HOH C 3 .   ? 19.326  8.991   -5.469  1.00 45.24 ? 2769 HOH A O   1 
HETATM 1137 O O   . HOH C 3 .   ? 2.858   -2.923  19.041  1.00 41.35 ? 2770 HOH A O   1 
HETATM 1138 O O   . HOH C 3 .   ? -3.353  -6.366  17.568  1.00 44.91 ? 2771 HOH A O   1 
HETATM 1139 O O   . HOH C 3 .   ? -1.652  -14.527 17.152  1.00 47.85 ? 2772 HOH A O   1 
HETATM 1140 O O   . HOH C 3 .   ? 6.122   -3.526  12.464  1.00 41.88 ? 2773 HOH A O   1 
HETATM 1141 O O   . HOH C 3 .   ? -12.415 9.603   8.078   1.00 41.21 ? 2774 HOH A O   1 
HETATM 1142 O O   . HOH C 3 .   ? 15.142  12.526  -12.554 1.00 39.81 ? 2775 HOH A O   1 
HETATM 1143 O O   . HOH C 3 .   ? -9.562  -9.734  -5.240  1.00 45.69 ? 2776 HOH A O   1 
HETATM 1144 O O   . HOH C 3 .   ? 2.357   -7.598  18.799  1.00 46.97 ? 2777 HOH A O   1 
HETATM 1145 O O   . HOH C 3 .   ? 9.093   -20.000 8.464   1.00 46.34 ? 2778 HOH A O   1 
HETATM 1146 O O   . HOH C 3 .   ? 11.572  -1.458  5.790   1.00 44.11 ? 2779 HOH A O   1 
HETATM 1147 O O   . HOH C 3 .   ? -12.178 -8.188  13.042  1.00 44.35 ? 2780 HOH A O   1 
HETATM 1148 O O   . HOH C 3 .   ? 15.513  3.776   1.572   1.00 40.09 ? 2781 HOH A O   1 
HETATM 1149 O O   . HOH C 3 .   ? -9.204  -13.933 14.659  1.00 45.27 ? 2782 HOH A O   1 
HETATM 1150 O O   . HOH C 3 .   ? 15.876  14.825  -11.898 1.00 44.37 ? 2783 HOH A O   1 
HETATM 1151 O O   . HOH C 3 .   ? -8.920  -16.470 14.350  1.00 46.28 ? 2784 HOH A O   1 
HETATM 1152 O O   . HOH C 3 .   ? 1.591   -1.859  22.851  1.00 45.11 ? 2785 HOH A O   1 
# 
loop_
_pdbx_poly_seq_scheme.asym_id 
_pdbx_poly_seq_scheme.entity_id 
_pdbx_poly_seq_scheme.seq_id 
_pdbx_poly_seq_scheme.mon_id 
_pdbx_poly_seq_scheme.ndb_seq_num 
_pdbx_poly_seq_scheme.pdb_seq_num 
_pdbx_poly_seq_scheme.auth_seq_num 
_pdbx_poly_seq_scheme.pdb_mon_id 
_pdbx_poly_seq_scheme.auth_mon_id 
_pdbx_poly_seq_scheme.pdb_strand_id 
_pdbx_poly_seq_scheme.pdb_ins_code 
_pdbx_poly_seq_scheme.hetero 
A 1 1   MET 1   1   1   MET MET A . n 
A 1 2   GLU 2   2   2   GLU GLU A . n 
A 1 3   VAL 3   3   3   VAL VAL A . n 
A 1 4   LYS 4   4   4   LYS LYS A . n 
A 1 5   GLU 5   5   5   GLU GLU A . n 
A 1 6   VAL 6   6   6   VAL VAL A . n 
A 1 7   GLU 7   7   7   GLU GLU A . n 
A 1 8   LEU 8   8   8   LEU LEU A . n 
A 1 9   GLU 9   9   9   GLU GLU A . n 
A 1 10  LEU 10  10  10  LEU LEU A . n 
A 1 11  SER 11  11  11  SER SER A . n 
A 1 12  SER 12  12  12  SER SER A . n 
A 1 13  GLU 13  13  13  GLU GLU A . n 
A 1 14  ALA 14  14  14  ALA ALA A . n 
A 1 15  THR 15  15  15  THR THR A . n 
A 1 16  PHE 16  16  16  PHE PHE A . n 
A 1 17  LEU 17  17  17  LEU LEU A . n 
A 1 18  SER 18  18  18  SER SER A . n 
A 1 19  LYS 19  19  19  LYS LYS A . n 
A 1 20  THR 20  20  20  THR THR A . n 
A 1 21  SER 21  21  21  SER SER A . n 
A 1 22  ILE 22  22  22  ILE ILE A . n 
A 1 23  GLY 23  23  23  GLY GLY A . n 
A 1 24  GLU 24  24  24  GLU GLU A . n 
A 1 25  ILE 25  25  25  ILE ILE A . n 
A 1 26  THR 26  26  26  THR THR A . n 
A 1 27  ALA 27  27  27  ALA ALA A . n 
A 1 28  GLY 28  28  28  GLY GLY A . n 
A 1 29  GLU 29  29  29  GLU GLU A . n 
A 1 30  LYS 30  30  30  LYS LYS A . n 
A 1 31  GLY 31  31  31  GLY GLY A . n 
A 1 32  LEU 32  32  32  LEU LEU A . n 
A 1 33  ASN 33  33  33  ASN ASN A . n 
A 1 34  PRO 34  34  34  PRO PRO A . n 
A 1 35  MET 35  35  35  MET MET A . n 
A 1 36  GLU 36  36  36  GLU GLU A . n 
A 1 37  LEU 37  37  37  LEU LEU A . n 
A 1 38  LEU 38  38  38  LEU LEU A . n 
A 1 39  LEU 39  39  39  LEU LEU A . n 
A 1 40  VAL 40  40  40  VAL VAL A . n 
A 1 41  SER 41  41  41  SER SER A . n 
A 1 42  ILE 42  42  42  ILE ILE A . n 
A 1 43  GLY 43  43  43  GLY GLY A . n 
A 1 44  SER 44  44  44  SER SER A . n 
A 1 45  CYS 45  45  45  CYS CYS A . n 
A 1 46  SER 46  46  46  SER SER A . n 
A 1 47  GLY 47  47  47  GLY GLY A . n 
A 1 48  VAL 48  48  48  VAL VAL A . n 
A 1 49  ASP 49  49  49  ASP ASP A . n 
A 1 50  VAL 50  50  50  VAL VAL A . n 
A 1 51  TYR 51  51  51  TYR TYR A . n 
A 1 52  HIS 52  52  52  HIS HIS A . n 
A 1 53  ILE 53  53  53  ILE ILE A . n 
A 1 54  LEU 54  54  54  LEU LEU A . n 
A 1 55  LYS 55  55  55  LYS LYS A . n 
A 1 56  LYS 56  56  56  LYS LYS A . n 
A 1 57  LYS 57  57  57  LYS LYS A . n 
A 1 58  ARG 58  58  58  ARG ARG A . n 
A 1 59  GLN 59  59  59  GLN GLN A . n 
A 1 60  GLU 60  60  60  GLU GLU A . n 
A 1 61  VAL 61  61  61  VAL VAL A . n 
A 1 62  LYS 62  62  62  LYS LYS A . n 
A 1 63  ASP 63  63  63  ASP ASP A . n 
A 1 64  ILE 64  64  64  ILE ILE A . n 
A 1 65  LYS 65  65  65  LYS LYS A . n 
A 1 66  ILE 66  66  66  ILE ILE A . n 
A 1 67  PHE 67  67  67  PHE PHE A . n 
A 1 68  LEU 68  68  68  LEU LEU A . n 
A 1 69  LYS 69  69  69  LYS LYS A . n 
A 1 70  GLY 70  70  70  GLY GLY A . n 
A 1 71  LYS 71  71  71  LYS LYS A . n 
A 1 72  ARG 72  72  72  ARG ARG A . n 
A 1 73  ARG 73  73  73  ARG ARG A . n 
A 1 74  GLU 74  74  74  GLU GLU A . n 
A 1 75  LYS 75  75  75  LYS LYS A . n 
A 1 76  HIS 76  76  76  HIS HIS A . n 
A 1 77  PRO 77  77  77  PRO PRO A . n 
A 1 78  LYS 78  78  78  LYS LYS A . n 
A 1 79  ILE 79  79  79  ILE ILE A . n 
A 1 80  TYR 80  80  80  TYR TYR A . n 
A 1 81  GLU 81  81  81  GLU GLU A . n 
A 1 82  GLU 82  82  82  GLU GLU A . n 
A 1 83  ILE 83  83  83  ILE ILE A . n 
A 1 84  GLU 84  84  84  GLU GLU A . n 
A 1 85  ILE 85  85  85  ILE ILE A . n 
A 1 86  LYS 86  86  86  LYS LYS A . n 
A 1 87  TYR 87  87  87  TYR TYR A . n 
A 1 88  VAL 88  88  88  VAL VAL A . n 
A 1 89  ALA 89  89  89  ALA ALA A . n 
A 1 90  VAL 90  90  90  VAL VAL A . n 
A 1 91  GLY 91  91  91  GLY GLY A . n 
A 1 92  LYS 92  92  92  LYS LYS A . n 
A 1 93  VAL 93  93  93  VAL VAL A . n 
A 1 94  GLU 94  94  94  GLU GLU A . n 
A 1 95  GLU 95  95  95  GLU GLU A . n 
A 1 96  LYS 96  96  96  LYS LYS A . n 
A 1 97  ALA 97  97  97  ALA ALA A . n 
A 1 98  LEU 98  98  98  LEU LEU A . n 
A 1 99  GLU 99  99  99  GLU GLU A . n 
A 1 100 GLN 100 100 100 GLN GLN A . n 
A 1 101 ALA 101 101 101 ALA ALA A . n 
A 1 102 VAL 102 102 102 VAL VAL A . n 
A 1 103 LYS 103 103 103 LYS LYS A . n 
A 1 104 LEU 104 104 104 LEU LEU A . n 
A 1 105 SER 105 105 105 SER SER A . n 
A 1 106 THR 106 106 106 THR THR A . n 
A 1 107 GLU 107 107 107 GLU GLU A . n 
A 1 108 LYS 108 108 108 LYS LYS A . n 
A 1 109 TYR 109 109 109 TYR TYR A . n 
A 1 110 CYS 110 110 110 CYS CYS A . n 
A 1 111 SER 111 111 111 SER SER A . n 
A 1 112 VAL 112 112 112 VAL VAL A . n 
A 1 113 LEU 113 113 113 LEU LEU A . n 
A 1 114 ALA 114 114 114 ALA ALA A . n 
A 1 115 MET 115 115 115 MET MET A . n 
A 1 116 VAL 116 116 116 VAL VAL A . n 
A 1 117 LYS 117 117 117 LYS LYS A . n 
A 1 118 PRO 118 118 118 PRO PRO A . n 
A 1 119 SER 119 119 119 SER SER A . n 
A 1 120 THR 120 120 120 THR THR A . n 
A 1 121 ASN 121 121 121 ASN ASN A . n 
A 1 122 LEU 122 122 122 LEU LEU A . n 
A 1 123 LYS 123 123 123 LYS LYS A . n 
A 1 124 ILE 124 124 124 ILE ILE A . n 
A 1 125 SER 125 125 125 SER SER A . n 
A 1 126 TRP 126 126 126 TRP TRP A . n 
A 1 127 GLU 127 127 127 GLU GLU A . n 
A 1 128 VAL 128 128 128 VAL VAL A . n 
A 1 129 LYS 129 129 129 LYS LYS A . n 
A 1 130 TRP 130 130 130 TRP TRP A . n 
A 1 131 GLU 131 131 131 GLU GLU A . n 
A 1 132 GLU 132 132 132 GLU GLU A . n 
# 
_pdbx_SG_project.id                    1 
_pdbx_SG_project.project_name          'NPPSFA, National Project on Protein Structural and Functional Analyses' 
_pdbx_SG_project.full_name_of_center   'RIKEN Structural Genomics/Proteomics Initiative' 
_pdbx_SG_project.initial_of_center     RSGI 
# 
loop_
_pdbx_nonpoly_scheme.asym_id 
_pdbx_nonpoly_scheme.entity_id 
_pdbx_nonpoly_scheme.mon_id 
_pdbx_nonpoly_scheme.ndb_seq_num 
_pdbx_nonpoly_scheme.pdb_seq_num 
_pdbx_nonpoly_scheme.auth_seq_num 
_pdbx_nonpoly_scheme.pdb_mon_id 
_pdbx_nonpoly_scheme.auth_mon_id 
_pdbx_nonpoly_scheme.pdb_strand_id 
_pdbx_nonpoly_scheme.pdb_ins_code 
B 2 DTT 1  2694 2694 DTT DTT A . 
C 3 HOH 1  2695 1    HOH HOH A . 
C 3 HOH 2  2696 2    HOH HOH A . 
C 3 HOH 3  2697 3    HOH HOH A . 
C 3 HOH 4  2698 4    HOH HOH A . 
C 3 HOH 5  2699 5    HOH HOH A . 
C 3 HOH 6  2700 6    HOH HOH A . 
C 3 HOH 7  2701 7    HOH HOH A . 
C 3 HOH 8  2702 8    HOH HOH A . 
C 3 HOH 9  2703 9    HOH HOH A . 
C 3 HOH 10 2704 10   HOH HOH A . 
C 3 HOH 11 2705 11   HOH HOH A . 
C 3 HOH 12 2706 12   HOH HOH A . 
C 3 HOH 13 2707 13   HOH HOH A . 
C 3 HOH 14 2708 14   HOH HOH A . 
C 3 HOH 15 2709 15   HOH HOH A . 
C 3 HOH 16 2710 16   HOH HOH A . 
C 3 HOH 17 2711 17   HOH HOH A . 
C 3 HOH 18 2712 18   HOH HOH A . 
C 3 HOH 19 2713 19   HOH HOH A . 
C 3 HOH 20 2714 20   HOH HOH A . 
C 3 HOH 21 2715 21   HOH HOH A . 
C 3 HOH 22 2716 22   HOH HOH A . 
C 3 HOH 23 2717 23   HOH HOH A . 
C 3 HOH 24 2718 24   HOH HOH A . 
C 3 HOH 25 2719 25   HOH HOH A . 
C 3 HOH 26 2720 26   HOH HOH A . 
C 3 HOH 27 2721 27   HOH HOH A . 
C 3 HOH 28 2722 28   HOH HOH A . 
C 3 HOH 29 2723 29   HOH HOH A . 
C 3 HOH 30 2724 30   HOH HOH A . 
C 3 HOH 31 2725 31   HOH HOH A . 
C 3 HOH 32 2726 32   HOH HOH A . 
C 3 HOH 33 2727 33   HOH HOH A . 
C 3 HOH 34 2728 34   HOH HOH A . 
C 3 HOH 35 2729 35   HOH HOH A . 
C 3 HOH 36 2730 36   HOH HOH A . 
C 3 HOH 37 2731 37   HOH HOH A . 
C 3 HOH 38 2732 38   HOH HOH A . 
C 3 HOH 39 2733 39   HOH HOH A . 
C 3 HOH 40 2734 40   HOH HOH A . 
C 3 HOH 41 2735 41   HOH HOH A . 
C 3 HOH 42 2736 42   HOH HOH A . 
C 3 HOH 43 2737 43   HOH HOH A . 
C 3 HOH 44 2738 45   HOH HOH A . 
C 3 HOH 45 2739 46   HOH HOH A . 
C 3 HOH 46 2740 47   HOH HOH A . 
C 3 HOH 47 2741 48   HOH HOH A . 
C 3 HOH 48 2742 49   HOH HOH A . 
C 3 HOH 49 2743 50   HOH HOH A . 
C 3 HOH 50 2744 51   HOH HOH A . 
C 3 HOH 51 2745 52   HOH HOH A . 
C 3 HOH 52 2746 53   HOH HOH A . 
C 3 HOH 53 2747 54   HOH HOH A . 
C 3 HOH 54 2748 55   HOH HOH A . 
C 3 HOH 55 2749 56   HOH HOH A . 
C 3 HOH 56 2750 58   HOH HOH A . 
C 3 HOH 57 2751 59   HOH HOH A . 
C 3 HOH 58 2752 60   HOH HOH A . 
C 3 HOH 59 2753 61   HOH HOH A . 
C 3 HOH 60 2754 62   HOH HOH A . 
C 3 HOH 61 2755 63   HOH HOH A . 
C 3 HOH 62 2756 65   HOH HOH A . 
C 3 HOH 63 2757 66   HOH HOH A . 
C 3 HOH 64 2758 67   HOH HOH A . 
C 3 HOH 65 2759 68   HOH HOH A . 
C 3 HOH 66 2760 69   HOH HOH A . 
C 3 HOH 67 2761 71   HOH HOH A . 
C 3 HOH 68 2762 72   HOH HOH A . 
C 3 HOH 69 2763 73   HOH HOH A . 
C 3 HOH 70 2764 74   HOH HOH A . 
C 3 HOH 71 2765 75   HOH HOH A . 
C 3 HOH 72 2766 76   HOH HOH A . 
C 3 HOH 73 2767 77   HOH HOH A . 
C 3 HOH 74 2768 78   HOH HOH A . 
C 3 HOH 75 2769 79   HOH HOH A . 
C 3 HOH 76 2770 80   HOH HOH A . 
C 3 HOH 77 2771 81   HOH HOH A . 
C 3 HOH 78 2772 82   HOH HOH A . 
C 3 HOH 79 2773 83   HOH HOH A . 
C 3 HOH 80 2774 84   HOH HOH A . 
C 3 HOH 81 2775 85   HOH HOH A . 
C 3 HOH 82 2776 86   HOH HOH A . 
C 3 HOH 83 2777 87   HOH HOH A . 
C 3 HOH 84 2778 88   HOH HOH A . 
C 3 HOH 85 2779 89   HOH HOH A . 
C 3 HOH 86 2780 90   HOH HOH A . 
C 3 HOH 87 2781 91   HOH HOH A . 
C 3 HOH 88 2782 92   HOH HOH A . 
C 3 HOH 89 2783 93   HOH HOH A . 
C 3 HOH 90 2784 94   HOH HOH A . 
C 3 HOH 91 2785 95   HOH HOH A . 
# 
_pdbx_struct_assembly.id                   1 
_pdbx_struct_assembly.details              author_and_software_defined_assembly 
_pdbx_struct_assembly.method_details       PISA,PQS 
_pdbx_struct_assembly.oligomeric_details   dimeric 
_pdbx_struct_assembly.oligomeric_count     2 
# 
_pdbx_struct_assembly_gen.assembly_id       1 
_pdbx_struct_assembly_gen.oper_expression   1,2 
_pdbx_struct_assembly_gen.asym_id_list      A,B,C 
# 
loop_
_pdbx_struct_assembly_prop.biol_id 
_pdbx_struct_assembly_prop.type 
_pdbx_struct_assembly_prop.value 
_pdbx_struct_assembly_prop.details 
1 'ABSA (A^2)' 7090  ? 
1 MORE         -60   ? 
1 'SSA (A^2)'  11950 ? 
# 
loop_
_pdbx_struct_oper_list.id 
_pdbx_struct_oper_list.type 
_pdbx_struct_oper_list.name 
_pdbx_struct_oper_list.symmetry_operation 
_pdbx_struct_oper_list.matrix[1][1] 
_pdbx_struct_oper_list.matrix[1][2] 
_pdbx_struct_oper_list.matrix[1][3] 
_pdbx_struct_oper_list.vector[1] 
_pdbx_struct_oper_list.matrix[2][1] 
_pdbx_struct_oper_list.matrix[2][2] 
_pdbx_struct_oper_list.matrix[2][3] 
_pdbx_struct_oper_list.vector[2] 
_pdbx_struct_oper_list.matrix[3][1] 
_pdbx_struct_oper_list.matrix[3][2] 
_pdbx_struct_oper_list.matrix[3][3] 
_pdbx_struct_oper_list.vector[3] 
1 'identity operation'         1_555 x,y,z     1.0000000000  0.0000000000  0.0000000000  0.0000000000 0.0000000000  1.0000000000  0.0000000000 0.0000000000  0.0000000000  0.0000000000 1.0000000000  0.0000000000  
2 'crystal symmetry operation' 2_455 -x-1,-y,z -0.2784940752 -0.5541377664 -0.7844567457 3.8572781842 -0.5541377664 -0.5744059007 0.6024858480 14.5797866758 -0.7844567457 0.6024858480 -0.1471000241 -6.7513746161 
# 
loop_
_pdbx_audit_revision_history.ordinal 
_pdbx_audit_revision_history.data_content_type 
_pdbx_audit_revision_history.major_revision 
_pdbx_audit_revision_history.minor_revision 
_pdbx_audit_revision_history.revision_date 
1 'Structure model' 1 0 2008-01-22 
2 'Structure model' 1 1 2011-07-13 
3 'Structure model' 1 2 2017-10-11 
4 'Structure model' 1 3 2023-10-25 
# 
_pdbx_audit_revision_details.ordinal             1 
_pdbx_audit_revision_details.revision_ordinal    1 
_pdbx_audit_revision_details.data_content_type   'Structure model' 
_pdbx_audit_revision_details.provider            repository 
_pdbx_audit_revision_details.type                'Initial release' 
_pdbx_audit_revision_details.description         ? 
_pdbx_audit_revision_details.details             ? 
# 
loop_
_pdbx_audit_revision_group.ordinal 
_pdbx_audit_revision_group.revision_ordinal 
_pdbx_audit_revision_group.data_content_type 
_pdbx_audit_revision_group.group 
1 2 'Structure model' 'Derived calculations'      
2 2 'Structure model' 'Source and taxonomy'       
3 2 'Structure model' 'Version format compliance' 
4 3 'Structure model' 'Refinement description'    
5 4 'Structure model' 'Data collection'           
6 4 'Structure model' 'Database references'       
7 4 'Structure model' 'Derived calculations'      
8 4 'Structure model' 'Refinement description'    
# 
loop_
_pdbx_audit_revision_category.ordinal 
_pdbx_audit_revision_category.revision_ordinal 
_pdbx_audit_revision_category.data_content_type 
_pdbx_audit_revision_category.category 
1 3 'Structure model' software                      
2 4 'Structure model' chem_comp_atom                
3 4 'Structure model' chem_comp_bond                
4 4 'Structure model' database_2                    
5 4 'Structure model' pdbx_initial_refinement_model 
6 4 'Structure model' struct_site                   
# 
loop_
_pdbx_audit_revision_item.ordinal 
_pdbx_audit_revision_item.revision_ordinal 
_pdbx_audit_revision_item.data_content_type 
_pdbx_audit_revision_item.item 
1 3 'Structure model' '_software.name'                      
2 4 'Structure model' '_database_2.pdbx_DOI'                
3 4 'Structure model' '_database_2.pdbx_database_accession' 
4 4 'Structure model' '_struct_site.pdbx_auth_asym_id'      
5 4 'Structure model' '_struct_site.pdbx_auth_comp_id'      
6 4 'Structure model' '_struct_site.pdbx_auth_seq_id'       
# 
loop_
_software.name 
_software.classification 
_software.version 
_software.citation_id 
_software.pdbx_ordinal 
CNS      refinement        1.1     ? 1 
ADSC     'data collection' Quantum ? 2 
HKL-2000 'data reduction'  .       ? 3 
HKL-2000 'data scaling'    .       ? 4 
MOLREP   phasing           .       ? 5 
# 
_pdbx_validate_symm_contact.id                1 
_pdbx_validate_symm_contact.PDB_model_num     1 
_pdbx_validate_symm_contact.auth_atom_id_1    O 
_pdbx_validate_symm_contact.auth_asym_id_1    A 
_pdbx_validate_symm_contact.auth_comp_id_1    HOH 
_pdbx_validate_symm_contact.auth_seq_id_1     2780 
_pdbx_validate_symm_contact.PDB_ins_code_1    ? 
_pdbx_validate_symm_contact.label_alt_id_1    ? 
_pdbx_validate_symm_contact.site_symmetry_1   1_555 
_pdbx_validate_symm_contact.auth_atom_id_2    O 
_pdbx_validate_symm_contact.auth_asym_id_2    A 
_pdbx_validate_symm_contact.auth_comp_id_2    HOH 
_pdbx_validate_symm_contact.auth_seq_id_2     2780 
_pdbx_validate_symm_contact.PDB_ins_code_2    ? 
_pdbx_validate_symm_contact.label_alt_id_2    ? 
_pdbx_validate_symm_contact.site_symmetry_2   7_555 
_pdbx_validate_symm_contact.dist              1.73 
# 
_pdbx_validate_torsion.id              1 
_pdbx_validate_torsion.PDB_model_num   1 
_pdbx_validate_torsion.auth_comp_id    LYS 
_pdbx_validate_torsion.auth_asym_id    A 
_pdbx_validate_torsion.auth_seq_id     108 
_pdbx_validate_torsion.PDB_ins_code    ? 
_pdbx_validate_torsion.label_alt_id    ? 
_pdbx_validate_torsion.phi             -140.38 
_pdbx_validate_torsion.psi             -44.39 
# 
loop_
_chem_comp_atom.comp_id 
_chem_comp_atom.atom_id 
_chem_comp_atom.type_symbol 
_chem_comp_atom.pdbx_aromatic_flag 
_chem_comp_atom.pdbx_stereo_config 
_chem_comp_atom.pdbx_ordinal 
ALA N    N N N 1   
ALA CA   C N S 2   
ALA C    C N N 3   
ALA O    O N N 4   
ALA CB   C N N 5   
ALA OXT  O N N 6   
ALA H    H N N 7   
ALA H2   H N N 8   
ALA HA   H N N 9   
ALA HB1  H N N 10  
ALA HB2  H N N 11  
ALA HB3  H N N 12  
ALA HXT  H N N 13  
ARG N    N N N 14  
ARG CA   C N S 15  
ARG C    C N N 16  
ARG O    O N N 17  
ARG CB   C N N 18  
ARG CG   C N N 19  
ARG CD   C N N 20  
ARG NE   N N N 21  
ARG CZ   C N N 22  
ARG NH1  N N N 23  
ARG NH2  N N N 24  
ARG OXT  O N N 25  
ARG H    H N N 26  
ARG H2   H N N 27  
ARG HA   H N N 28  
ARG HB2  H N N 29  
ARG HB3  H N N 30  
ARG HG2  H N N 31  
ARG HG3  H N N 32  
ARG HD2  H N N 33  
ARG HD3  H N N 34  
ARG HE   H N N 35  
ARG HH11 H N N 36  
ARG HH12 H N N 37  
ARG HH21 H N N 38  
ARG HH22 H N N 39  
ARG HXT  H N N 40  
ASN N    N N N 41  
ASN CA   C N S 42  
ASN C    C N N 43  
ASN O    O N N 44  
ASN CB   C N N 45  
ASN CG   C N N 46  
ASN OD1  O N N 47  
ASN ND2  N N N 48  
ASN OXT  O N N 49  
ASN H    H N N 50  
ASN H2   H N N 51  
ASN HA   H N N 52  
ASN HB2  H N N 53  
ASN HB3  H N N 54  
ASN HD21 H N N 55  
ASN HD22 H N N 56  
ASN HXT  H N N 57  
ASP N    N N N 58  
ASP CA   C N S 59  
ASP C    C N N 60  
ASP O    O N N 61  
ASP CB   C N N 62  
ASP CG   C N N 63  
ASP OD1  O N N 64  
ASP OD2  O N N 65  
ASP OXT  O N N 66  
ASP H    H N N 67  
ASP H2   H N N 68  
ASP HA   H N N 69  
ASP HB2  H N N 70  
ASP HB3  H N N 71  
ASP HD2  H N N 72  
ASP HXT  H N N 73  
CYS N    N N N 74  
CYS CA   C N R 75  
CYS C    C N N 76  
CYS O    O N N 77  
CYS CB   C N N 78  
CYS SG   S N N 79  
CYS OXT  O N N 80  
CYS H    H N N 81  
CYS H2   H N N 82  
CYS HA   H N N 83  
CYS HB2  H N N 84  
CYS HB3  H N N 85  
CYS HG   H N N 86  
CYS HXT  H N N 87  
DTT S1   S N N 88  
DTT C1   C N N 89  
DTT C2   C N R 90  
DTT O2   O N N 91  
DTT C3   C N R 92  
DTT O3   O N N 93  
DTT C4   C N N 94  
DTT S4   S N N 95  
DTT HS1  H N N 96  
DTT H11  H N N 97  
DTT H12  H N N 98  
DTT H2   H N N 99  
DTT HO2  H N N 100 
DTT H3   H N N 101 
DTT HO3  H N N 102 
DTT H41  H N N 103 
DTT H42  H N N 104 
DTT HS2  H N N 105 
GLN N    N N N 106 
GLN CA   C N S 107 
GLN C    C N N 108 
GLN O    O N N 109 
GLN CB   C N N 110 
GLN CG   C N N 111 
GLN CD   C N N 112 
GLN OE1  O N N 113 
GLN NE2  N N N 114 
GLN OXT  O N N 115 
GLN H    H N N 116 
GLN H2   H N N 117 
GLN HA   H N N 118 
GLN HB2  H N N 119 
GLN HB3  H N N 120 
GLN HG2  H N N 121 
GLN HG3  H N N 122 
GLN HE21 H N N 123 
GLN HE22 H N N 124 
GLN HXT  H N N 125 
GLU N    N N N 126 
GLU CA   C N S 127 
GLU C    C N N 128 
GLU O    O N N 129 
GLU CB   C N N 130 
GLU CG   C N N 131 
GLU CD   C N N 132 
GLU OE1  O N N 133 
GLU OE2  O N N 134 
GLU OXT  O N N 135 
GLU H    H N N 136 
GLU H2   H N N 137 
GLU HA   H N N 138 
GLU HB2  H N N 139 
GLU HB3  H N N 140 
GLU HG2  H N N 141 
GLU HG3  H N N 142 
GLU HE2  H N N 143 
GLU HXT  H N N 144 
GLY N    N N N 145 
GLY CA   C N N 146 
GLY C    C N N 147 
GLY O    O N N 148 
GLY OXT  O N N 149 
GLY H    H N N 150 
GLY H2   H N N 151 
GLY HA2  H N N 152 
GLY HA3  H N N 153 
GLY HXT  H N N 154 
HIS N    N N N 155 
HIS CA   C N S 156 
HIS C    C N N 157 
HIS O    O N N 158 
HIS CB   C N N 159 
HIS CG   C Y N 160 
HIS ND1  N Y N 161 
HIS CD2  C Y N 162 
HIS CE1  C Y N 163 
HIS NE2  N Y N 164 
HIS OXT  O N N 165 
HIS H    H N N 166 
HIS H2   H N N 167 
HIS HA   H N N 168 
HIS HB2  H N N 169 
HIS HB3  H N N 170 
HIS HD1  H N N 171 
HIS HD2  H N N 172 
HIS HE1  H N N 173 
HIS HE2  H N N 174 
HIS HXT  H N N 175 
HOH O    O N N 176 
HOH H1   H N N 177 
HOH H2   H N N 178 
ILE N    N N N 179 
ILE CA   C N S 180 
ILE C    C N N 181 
ILE O    O N N 182 
ILE CB   C N S 183 
ILE CG1  C N N 184 
ILE CG2  C N N 185 
ILE CD1  C N N 186 
ILE OXT  O N N 187 
ILE H    H N N 188 
ILE H2   H N N 189 
ILE HA   H N N 190 
ILE HB   H N N 191 
ILE HG12 H N N 192 
ILE HG13 H N N 193 
ILE HG21 H N N 194 
ILE HG22 H N N 195 
ILE HG23 H N N 196 
ILE HD11 H N N 197 
ILE HD12 H N N 198 
ILE HD13 H N N 199 
ILE HXT  H N N 200 
LEU N    N N N 201 
LEU CA   C N S 202 
LEU C    C N N 203 
LEU O    O N N 204 
LEU CB   C N N 205 
LEU CG   C N N 206 
LEU CD1  C N N 207 
LEU CD2  C N N 208 
LEU OXT  O N N 209 
LEU H    H N N 210 
LEU H2   H N N 211 
LEU HA   H N N 212 
LEU HB2  H N N 213 
LEU HB3  H N N 214 
LEU HG   H N N 215 
LEU HD11 H N N 216 
LEU HD12 H N N 217 
LEU HD13 H N N 218 
LEU HD21 H N N 219 
LEU HD22 H N N 220 
LEU HD23 H N N 221 
LEU HXT  H N N 222 
LYS N    N N N 223 
LYS CA   C N S 224 
LYS C    C N N 225 
LYS O    O N N 226 
LYS CB   C N N 227 
LYS CG   C N N 228 
LYS CD   C N N 229 
LYS CE   C N N 230 
LYS NZ   N N N 231 
LYS OXT  O N N 232 
LYS H    H N N 233 
LYS H2   H N N 234 
LYS HA   H N N 235 
LYS HB2  H N N 236 
LYS HB3  H N N 237 
LYS HG2  H N N 238 
LYS HG3  H N N 239 
LYS HD2  H N N 240 
LYS HD3  H N N 241 
LYS HE2  H N N 242 
LYS HE3  H N N 243 
LYS HZ1  H N N 244 
LYS HZ2  H N N 245 
LYS HZ3  H N N 246 
LYS HXT  H N N 247 
MET N    N N N 248 
MET CA   C N S 249 
MET C    C N N 250 
MET O    O N N 251 
MET CB   C N N 252 
MET CG   C N N 253 
MET SD   S N N 254 
MET CE   C N N 255 
MET OXT  O N N 256 
MET H    H N N 257 
MET H2   H N N 258 
MET HA   H N N 259 
MET HB2  H N N 260 
MET HB3  H N N 261 
MET HG2  H N N 262 
MET HG3  H N N 263 
MET HE1  H N N 264 
MET HE2  H N N 265 
MET HE3  H N N 266 
MET HXT  H N N 267 
PHE N    N N N 268 
PHE CA   C N S 269 
PHE C    C N N 270 
PHE O    O N N 271 
PHE CB   C N N 272 
PHE CG   C Y N 273 
PHE CD1  C Y N 274 
PHE CD2  C Y N 275 
PHE CE1  C Y N 276 
PHE CE2  C Y N 277 
PHE CZ   C Y N 278 
PHE OXT  O N N 279 
PHE H    H N N 280 
PHE H2   H N N 281 
PHE HA   H N N 282 
PHE HB2  H N N 283 
PHE HB3  H N N 284 
PHE HD1  H N N 285 
PHE HD2  H N N 286 
PHE HE1  H N N 287 
PHE HE2  H N N 288 
PHE HZ   H N N 289 
PHE HXT  H N N 290 
PRO N    N N N 291 
PRO CA   C N S 292 
PRO C    C N N 293 
PRO O    O N N 294 
PRO CB   C N N 295 
PRO CG   C N N 296 
PRO CD   C N N 297 
PRO OXT  O N N 298 
PRO H    H N N 299 
PRO HA   H N N 300 
PRO HB2  H N N 301 
PRO HB3  H N N 302 
PRO HG2  H N N 303 
PRO HG3  H N N 304 
PRO HD2  H N N 305 
PRO HD3  H N N 306 
PRO HXT  H N N 307 
SER N    N N N 308 
SER CA   C N S 309 
SER C    C N N 310 
SER O    O N N 311 
SER CB   C N N 312 
SER OG   O N N 313 
SER OXT  O N N 314 
SER H    H N N 315 
SER H2   H N N 316 
SER HA   H N N 317 
SER HB2  H N N 318 
SER HB3  H N N 319 
SER HG   H N N 320 
SER HXT  H N N 321 
THR N    N N N 322 
THR CA   C N S 323 
THR C    C N N 324 
THR O    O N N 325 
THR CB   C N R 326 
THR OG1  O N N 327 
THR CG2  C N N 328 
THR OXT  O N N 329 
THR H    H N N 330 
THR H2   H N N 331 
THR HA   H N N 332 
THR HB   H N N 333 
THR HG1  H N N 334 
THR HG21 H N N 335 
THR HG22 H N N 336 
THR HG23 H N N 337 
THR HXT  H N N 338 
TRP N    N N N 339 
TRP CA   C N S 340 
TRP C    C N N 341 
TRP O    O N N 342 
TRP CB   C N N 343 
TRP CG   C Y N 344 
TRP CD1  C Y N 345 
TRP CD2  C Y N 346 
TRP NE1  N Y N 347 
TRP CE2  C Y N 348 
TRP CE3  C Y N 349 
TRP CZ2  C Y N 350 
TRP CZ3  C Y N 351 
TRP CH2  C Y N 352 
TRP OXT  O N N 353 
TRP H    H N N 354 
TRP H2   H N N 355 
TRP HA   H N N 356 
TRP HB2  H N N 357 
TRP HB3  H N N 358 
TRP HD1  H N N 359 
TRP HE1  H N N 360 
TRP HE3  H N N 361 
TRP HZ2  H N N 362 
TRP HZ3  H N N 363 
TRP HH2  H N N 364 
TRP HXT  H N N 365 
TYR N    N N N 366 
TYR CA   C N S 367 
TYR C    C N N 368 
TYR O    O N N 369 
TYR CB   C N N 370 
TYR CG   C Y N 371 
TYR CD1  C Y N 372 
TYR CD2  C Y N 373 
TYR CE1  C Y N 374 
TYR CE2  C Y N 375 
TYR CZ   C Y N 376 
TYR OH   O N N 377 
TYR OXT  O N N 378 
TYR H    H N N 379 
TYR H2   H N N 380 
TYR HA   H N N 381 
TYR HB2  H N N 382 
TYR HB3  H N N 383 
TYR HD1  H N N 384 
TYR HD2  H N N 385 
TYR HE1  H N N 386 
TYR HE2  H N N 387 
TYR HH   H N N 388 
TYR HXT  H N N 389 
VAL N    N N N 390 
VAL CA   C N S 391 
VAL C    C N N 392 
VAL O    O N N 393 
VAL CB   C N N 394 
VAL CG1  C N N 395 
VAL CG2  C N N 396 
VAL OXT  O N N 397 
VAL H    H N N 398 
VAL H2   H N N 399 
VAL HA   H N N 400 
VAL HB   H N N 401 
VAL HG11 H N N 402 
VAL HG12 H N N 403 
VAL HG13 H N N 404 
VAL HG21 H N N 405 
VAL HG22 H N N 406 
VAL HG23 H N N 407 
VAL HXT  H N N 408 
# 
loop_
_chem_comp_bond.comp_id 
_chem_comp_bond.atom_id_1 
_chem_comp_bond.atom_id_2 
_chem_comp_bond.value_order 
_chem_comp_bond.pdbx_aromatic_flag 
_chem_comp_bond.pdbx_stereo_config 
_chem_comp_bond.pdbx_ordinal 
ALA N   CA   sing N N 1   
ALA N   H    sing N N 2   
ALA N   H2   sing N N 3   
ALA CA  C    sing N N 4   
ALA CA  CB   sing N N 5   
ALA CA  HA   sing N N 6   
ALA C   O    doub N N 7   
ALA C   OXT  sing N N 8   
ALA CB  HB1  sing N N 9   
ALA CB  HB2  sing N N 10  
ALA CB  HB3  sing N N 11  
ALA OXT HXT  sing N N 12  
ARG N   CA   sing N N 13  
ARG N   H    sing N N 14  
ARG N   H2   sing N N 15  
ARG CA  C    sing N N 16  
ARG CA  CB   sing N N 17  
ARG CA  HA   sing N N 18  
ARG C   O    doub N N 19  
ARG C   OXT  sing N N 20  
ARG CB  CG   sing N N 21  
ARG CB  HB2  sing N N 22  
ARG CB  HB3  sing N N 23  
ARG CG  CD   sing N N 24  
ARG CG  HG2  sing N N 25  
ARG CG  HG3  sing N N 26  
ARG CD  NE   sing N N 27  
ARG CD  HD2  sing N N 28  
ARG CD  HD3  sing N N 29  
ARG NE  CZ   sing N N 30  
ARG NE  HE   sing N N 31  
ARG CZ  NH1  sing N N 32  
ARG CZ  NH2  doub N N 33  
ARG NH1 HH11 sing N N 34  
ARG NH1 HH12 sing N N 35  
ARG NH2 HH21 sing N N 36  
ARG NH2 HH22 sing N N 37  
ARG OXT HXT  sing N N 38  
ASN N   CA   sing N N 39  
ASN N   H    sing N N 40  
ASN N   H2   sing N N 41  
ASN CA  C    sing N N 42  
ASN CA  CB   sing N N 43  
ASN CA  HA   sing N N 44  
ASN C   O    doub N N 45  
ASN C   OXT  sing N N 46  
ASN CB  CG   sing N N 47  
ASN CB  HB2  sing N N 48  
ASN CB  HB3  sing N N 49  
ASN CG  OD1  doub N N 50  
ASN CG  ND2  sing N N 51  
ASN ND2 HD21 sing N N 52  
ASN ND2 HD22 sing N N 53  
ASN OXT HXT  sing N N 54  
ASP N   CA   sing N N 55  
ASP N   H    sing N N 56  
ASP N   H2   sing N N 57  
ASP CA  C    sing N N 58  
ASP CA  CB   sing N N 59  
ASP CA  HA   sing N N 60  
ASP C   O    doub N N 61  
ASP C   OXT  sing N N 62  
ASP CB  CG   sing N N 63  
ASP CB  HB2  sing N N 64  
ASP CB  HB3  sing N N 65  
ASP CG  OD1  doub N N 66  
ASP CG  OD2  sing N N 67  
ASP OD2 HD2  sing N N 68  
ASP OXT HXT  sing N N 69  
CYS N   CA   sing N N 70  
CYS N   H    sing N N 71  
CYS N   H2   sing N N 72  
CYS CA  C    sing N N 73  
CYS CA  CB   sing N N 74  
CYS CA  HA   sing N N 75  
CYS C   O    doub N N 76  
CYS C   OXT  sing N N 77  
CYS CB  SG   sing N N 78  
CYS CB  HB2  sing N N 79  
CYS CB  HB3  sing N N 80  
CYS SG  HG   sing N N 81  
CYS OXT HXT  sing N N 82  
DTT S1  C1   sing N N 83  
DTT S1  HS1  sing N N 84  
DTT C1  C2   sing N N 85  
DTT C1  H11  sing N N 86  
DTT C1  H12  sing N N 87  
DTT C2  O2   sing N N 88  
DTT C2  C3   sing N N 89  
DTT C2  H2   sing N N 90  
DTT O2  HO2  sing N N 91  
DTT C3  O3   sing N N 92  
DTT C3  C4   sing N N 93  
DTT C3  H3   sing N N 94  
DTT O3  HO3  sing N N 95  
DTT C4  S4   sing N N 96  
DTT C4  H41  sing N N 97  
DTT C4  H42  sing N N 98  
DTT S4  HS2  sing N N 99  
GLN N   CA   sing N N 100 
GLN N   H    sing N N 101 
GLN N   H2   sing N N 102 
GLN CA  C    sing N N 103 
GLN CA  CB   sing N N 104 
GLN CA  HA   sing N N 105 
GLN C   O    doub N N 106 
GLN C   OXT  sing N N 107 
GLN CB  CG   sing N N 108 
GLN CB  HB2  sing N N 109 
GLN CB  HB3  sing N N 110 
GLN CG  CD   sing N N 111 
GLN CG  HG2  sing N N 112 
GLN CG  HG3  sing N N 113 
GLN CD  OE1  doub N N 114 
GLN CD  NE2  sing N N 115 
GLN NE2 HE21 sing N N 116 
GLN NE2 HE22 sing N N 117 
GLN OXT HXT  sing N N 118 
GLU N   CA   sing N N 119 
GLU N   H    sing N N 120 
GLU N   H2   sing N N 121 
GLU CA  C    sing N N 122 
GLU CA  CB   sing N N 123 
GLU CA  HA   sing N N 124 
GLU C   O    doub N N 125 
GLU C   OXT  sing N N 126 
GLU CB  CG   sing N N 127 
GLU CB  HB2  sing N N 128 
GLU CB  HB3  sing N N 129 
GLU CG  CD   sing N N 130 
GLU CG  HG2  sing N N 131 
GLU CG  HG3  sing N N 132 
GLU CD  OE1  doub N N 133 
GLU CD  OE2  sing N N 134 
GLU OE2 HE2  sing N N 135 
GLU OXT HXT  sing N N 136 
GLY N   CA   sing N N 137 
GLY N   H    sing N N 138 
GLY N   H2   sing N N 139 
GLY CA  C    sing N N 140 
GLY CA  HA2  sing N N 141 
GLY CA  HA3  sing N N 142 
GLY C   O    doub N N 143 
GLY C   OXT  sing N N 144 
GLY OXT HXT  sing N N 145 
HIS N   CA   sing N N 146 
HIS N   H    sing N N 147 
HIS N   H2   sing N N 148 
HIS CA  C    sing N N 149 
HIS CA  CB   sing N N 150 
HIS CA  HA   sing N N 151 
HIS C   O    doub N N 152 
HIS C   OXT  sing N N 153 
HIS CB  CG   sing N N 154 
HIS CB  HB2  sing N N 155 
HIS CB  HB3  sing N N 156 
HIS CG  ND1  sing Y N 157 
HIS CG  CD2  doub Y N 158 
HIS ND1 CE1  doub Y N 159 
HIS ND1 HD1  sing N N 160 
HIS CD2 NE2  sing Y N 161 
HIS CD2 HD2  sing N N 162 
HIS CE1 NE2  sing Y N 163 
HIS CE1 HE1  sing N N 164 
HIS NE2 HE2  sing N N 165 
HIS OXT HXT  sing N N 166 
HOH O   H1   sing N N 167 
HOH O   H2   sing N N 168 
ILE N   CA   sing N N 169 
ILE N   H    sing N N 170 
ILE N   H2   sing N N 171 
ILE CA  C    sing N N 172 
ILE CA  CB   sing N N 173 
ILE CA  HA   sing N N 174 
ILE C   O    doub N N 175 
ILE C   OXT  sing N N 176 
ILE CB  CG1  sing N N 177 
ILE CB  CG2  sing N N 178 
ILE CB  HB   sing N N 179 
ILE CG1 CD1  sing N N 180 
ILE CG1 HG12 sing N N 181 
ILE CG1 HG13 sing N N 182 
ILE CG2 HG21 sing N N 183 
ILE CG2 HG22 sing N N 184 
ILE CG2 HG23 sing N N 185 
ILE CD1 HD11 sing N N 186 
ILE CD1 HD12 sing N N 187 
ILE CD1 HD13 sing N N 188 
ILE OXT HXT  sing N N 189 
LEU N   CA   sing N N 190 
LEU N   H    sing N N 191 
LEU N   H2   sing N N 192 
LEU CA  C    sing N N 193 
LEU CA  CB   sing N N 194 
LEU CA  HA   sing N N 195 
LEU C   O    doub N N 196 
LEU C   OXT  sing N N 197 
LEU CB  CG   sing N N 198 
LEU CB  HB2  sing N N 199 
LEU CB  HB3  sing N N 200 
LEU CG  CD1  sing N N 201 
LEU CG  CD2  sing N N 202 
LEU CG  HG   sing N N 203 
LEU CD1 HD11 sing N N 204 
LEU CD1 HD12 sing N N 205 
LEU CD1 HD13 sing N N 206 
LEU CD2 HD21 sing N N 207 
LEU CD2 HD22 sing N N 208 
LEU CD2 HD23 sing N N 209 
LEU OXT HXT  sing N N 210 
LYS N   CA   sing N N 211 
LYS N   H    sing N N 212 
LYS N   H2   sing N N 213 
LYS CA  C    sing N N 214 
LYS CA  CB   sing N N 215 
LYS CA  HA   sing N N 216 
LYS C   O    doub N N 217 
LYS C   OXT  sing N N 218 
LYS CB  CG   sing N N 219 
LYS CB  HB2  sing N N 220 
LYS CB  HB3  sing N N 221 
LYS CG  CD   sing N N 222 
LYS CG  HG2  sing N N 223 
LYS CG  HG3  sing N N 224 
LYS CD  CE   sing N N 225 
LYS CD  HD2  sing N N 226 
LYS CD  HD3  sing N N 227 
LYS CE  NZ   sing N N 228 
LYS CE  HE2  sing N N 229 
LYS CE  HE3  sing N N 230 
LYS NZ  HZ1  sing N N 231 
LYS NZ  HZ2  sing N N 232 
LYS NZ  HZ3  sing N N 233 
LYS OXT HXT  sing N N 234 
MET N   CA   sing N N 235 
MET N   H    sing N N 236 
MET N   H2   sing N N 237 
MET CA  C    sing N N 238 
MET CA  CB   sing N N 239 
MET CA  HA   sing N N 240 
MET C   O    doub N N 241 
MET C   OXT  sing N N 242 
MET CB  CG   sing N N 243 
MET CB  HB2  sing N N 244 
MET CB  HB3  sing N N 245 
MET CG  SD   sing N N 246 
MET CG  HG2  sing N N 247 
MET CG  HG3  sing N N 248 
MET SD  CE   sing N N 249 
MET CE  HE1  sing N N 250 
MET CE  HE2  sing N N 251 
MET CE  HE3  sing N N 252 
MET OXT HXT  sing N N 253 
PHE N   CA   sing N N 254 
PHE N   H    sing N N 255 
PHE N   H2   sing N N 256 
PHE CA  C    sing N N 257 
PHE CA  CB   sing N N 258 
PHE CA  HA   sing N N 259 
PHE C   O    doub N N 260 
PHE C   OXT  sing N N 261 
PHE CB  CG   sing N N 262 
PHE CB  HB2  sing N N 263 
PHE CB  HB3  sing N N 264 
PHE CG  CD1  doub Y N 265 
PHE CG  CD2  sing Y N 266 
PHE CD1 CE1  sing Y N 267 
PHE CD1 HD1  sing N N 268 
PHE CD2 CE2  doub Y N 269 
PHE CD2 HD2  sing N N 270 
PHE CE1 CZ   doub Y N 271 
PHE CE1 HE1  sing N N 272 
PHE CE2 CZ   sing Y N 273 
PHE CE2 HE2  sing N N 274 
PHE CZ  HZ   sing N N 275 
PHE OXT HXT  sing N N 276 
PRO N   CA   sing N N 277 
PRO N   CD   sing N N 278 
PRO N   H    sing N N 279 
PRO CA  C    sing N N 280 
PRO CA  CB   sing N N 281 
PRO CA  HA   sing N N 282 
PRO C   O    doub N N 283 
PRO C   OXT  sing N N 284 
PRO CB  CG   sing N N 285 
PRO CB  HB2  sing N N 286 
PRO CB  HB3  sing N N 287 
PRO CG  CD   sing N N 288 
PRO CG  HG2  sing N N 289 
PRO CG  HG3  sing N N 290 
PRO CD  HD2  sing N N 291 
PRO CD  HD3  sing N N 292 
PRO OXT HXT  sing N N 293 
SER N   CA   sing N N 294 
SER N   H    sing N N 295 
SER N   H2   sing N N 296 
SER CA  C    sing N N 297 
SER CA  CB   sing N N 298 
SER CA  HA   sing N N 299 
SER C   O    doub N N 300 
SER C   OXT  sing N N 301 
SER CB  OG   sing N N 302 
SER CB  HB2  sing N N 303 
SER CB  HB3  sing N N 304 
SER OG  HG   sing N N 305 
SER OXT HXT  sing N N 306 
THR N   CA   sing N N 307 
THR N   H    sing N N 308 
THR N   H2   sing N N 309 
THR CA  C    sing N N 310 
THR CA  CB   sing N N 311 
THR CA  HA   sing N N 312 
THR C   O    doub N N 313 
THR C   OXT  sing N N 314 
THR CB  OG1  sing N N 315 
THR CB  CG2  sing N N 316 
THR CB  HB   sing N N 317 
THR OG1 HG1  sing N N 318 
THR CG2 HG21 sing N N 319 
THR CG2 HG22 sing N N 320 
THR CG2 HG23 sing N N 321 
THR OXT HXT  sing N N 322 
TRP N   CA   sing N N 323 
TRP N   H    sing N N 324 
TRP N   H2   sing N N 325 
TRP CA  C    sing N N 326 
TRP CA  CB   sing N N 327 
TRP CA  HA   sing N N 328 
TRP C   O    doub N N 329 
TRP C   OXT  sing N N 330 
TRP CB  CG   sing N N 331 
TRP CB  HB2  sing N N 332 
TRP CB  HB3  sing N N 333 
TRP CG  CD1  doub Y N 334 
TRP CG  CD2  sing Y N 335 
TRP CD1 NE1  sing Y N 336 
TRP CD1 HD1  sing N N 337 
TRP CD2 CE2  doub Y N 338 
TRP CD2 CE3  sing Y N 339 
TRP NE1 CE2  sing Y N 340 
TRP NE1 HE1  sing N N 341 
TRP CE2 CZ2  sing Y N 342 
TRP CE3 CZ3  doub Y N 343 
TRP CE3 HE3  sing N N 344 
TRP CZ2 CH2  doub Y N 345 
TRP CZ2 HZ2  sing N N 346 
TRP CZ3 CH2  sing Y N 347 
TRP CZ3 HZ3  sing N N 348 
TRP CH2 HH2  sing N N 349 
TRP OXT HXT  sing N N 350 
TYR N   CA   sing N N 351 
TYR N   H    sing N N 352 
TYR N   H2   sing N N 353 
TYR CA  C    sing N N 354 
TYR CA  CB   sing N N 355 
TYR CA  HA   sing N N 356 
TYR C   O    doub N N 357 
TYR C   OXT  sing N N 358 
TYR CB  CG   sing N N 359 
TYR CB  HB2  sing N N 360 
TYR CB  HB3  sing N N 361 
TYR CG  CD1  doub Y N 362 
TYR CG  CD2  sing Y N 363 
TYR CD1 CE1  sing Y N 364 
TYR CD1 HD1  sing N N 365 
TYR CD2 CE2  doub Y N 366 
TYR CD2 HD2  sing N N 367 
TYR CE1 CZ   doub Y N 368 
TYR CE1 HE1  sing N N 369 
TYR CE2 CZ   sing Y N 370 
TYR CE2 HE2  sing N N 371 
TYR CZ  OH   sing N N 372 
TYR OH  HH   sing N N 373 
TYR OXT HXT  sing N N 374 
VAL N   CA   sing N N 375 
VAL N   H    sing N N 376 
VAL N   H2   sing N N 377 
VAL CA  C    sing N N 378 
VAL CA  CB   sing N N 379 
VAL CA  HA   sing N N 380 
VAL C   O    doub N N 381 
VAL C   OXT  sing N N 382 
VAL CB  CG1  sing N N 383 
VAL CB  CG2  sing N N 384 
VAL CB  HB   sing N N 385 
VAL CG1 HG11 sing N N 386 
VAL CG1 HG12 sing N N 387 
VAL CG1 HG13 sing N N 388 
VAL CG2 HG21 sing N N 389 
VAL CG2 HG22 sing N N 390 
VAL CG2 HG23 sing N N 391 
VAL OXT HXT  sing N N 392 
# 
loop_
_pdbx_entity_nonpoly.entity_id 
_pdbx_entity_nonpoly.name 
_pdbx_entity_nonpoly.comp_id 
2 2,3-DIHYDROXY-1,4-DITHIOBUTANE DTT 
3 water                          HOH 
# 
_pdbx_initial_refinement_model.id               1 
_pdbx_initial_refinement_model.entity_id_list   ? 
_pdbx_initial_refinement_model.type             'experimental model' 
_pdbx_initial_refinement_model.source_name      PDB 
_pdbx_initial_refinement_model.accession_code   2E8C 
_pdbx_initial_refinement_model.details          'PDB ENTRY 2E8C' 
# 
